data_8F2Y
# 
_entry.id   8F2Y 
# 
_audit_conform.dict_name       mmcif_pdbx.dic 
_audit_conform.dict_version    5.380 
_audit_conform.dict_location   http://mmcif.pdb.org/dictionaries/ascii/mmcif_pdbx.dic 
# 
loop_
_database_2.database_id 
_database_2.database_code 
_database_2.pdbx_database_accession 
_database_2.pdbx_DOI 
PDB   8F2Y         pdb_00008f2y 10.2210/pdb8f2y/pdb 
WWPDB D_1000269913 ?            ?                   
# 
_pdbx_database_status.status_code                     REL 
_pdbx_database_status.status_code_sf                  REL 
_pdbx_database_status.status_code_mr                  ? 
_pdbx_database_status.entry_id                        8F2Y 
_pdbx_database_status.recvd_initial_deposition_date   2022-11-09 
_pdbx_database_status.SG_entry                        N 
_pdbx_database_status.deposit_site                    RCSB 
_pdbx_database_status.process_site                    RCSB 
_pdbx_database_status.status_code_cs                  ? 
_pdbx_database_status.status_code_nmr_data            ? 
_pdbx_database_status.methods_development_category    ? 
_pdbx_database_status.pdb_format_compatible           Y 
# 
loop_
_audit_author.name 
_audit_author.pdbx_ordinal 
_audit_author.identifier_ORCID 
'Ogbonna, E.N.' 1 0000-0002-0762-0603 
'Wilson, W.D.'  2 0000-0001-5225-5089 
# 
loop_
_citation.abstract 
_citation.abstract_id_CAS 
_citation.book_id_ISBN 
_citation.book_publisher 
_citation.book_publisher_city 
_citation.book_title 
_citation.coordinate_linkage 
_citation.country 
_citation.database_id_Medline 
_citation.details 
_citation.id 
_citation.journal_abbrev 
_citation.journal_id_ASTM 
_citation.journal_id_CSD 
_citation.journal_id_ISSN 
_citation.journal_full 
_citation.journal_issue 
_citation.journal_volume 
_citation.language 
_citation.page_first 
_citation.page_last 
_citation.title 
_citation.year 
_citation.database_id_CSD 
_citation.pdbx_database_id_DOI 
_citation.pdbx_database_id_PubMed 
_citation.pdbx_database_id_patent 
_citation.unpublished_flag 
? ? ? ? ? ? ? US ? ? primary 'Acs Bio Med Chem Au' ?      ?    2694-2437 ? ? 3  ? 335 348 
'X-ray Structure Characterization of the Selective Recognition of AT Base Pair Sequences.'                     2023 ? 
10.1021/acsbiomedchemau.3c00002 37599788 ? ? 
? ? ? ? ? ? ? US ? ? 1       Biochemistry          BICHAW 0033 0006-2960 ? ? 28 ? 310 320 
'Molecular structure of the netropsin-d(CGCGATATCGCG) complex: DNA conformation in an alternating AT segment.' 1989 ? 
10.1021/bi00427a042             2539859  ? ? 
# 
loop_
_citation_author.citation_id 
_citation_author.name 
_citation_author.ordinal 
_citation_author.identifier_ORCID 
primary 'Ogbonna, E.N.'       1  ?                   
primary 'Paul, A.'            2  0000-0003-4592-3442 
primary 'Farahat, A.A.'       3  ?                   
primary 'Terrell, J.R.'       4  ?                   
primary 'Mineva, E.'          5  ?                   
primary 'Ogbonna, V.'         6  ?                   
primary 'Boykin, D.W.'        7  ?                   
primary 'Wilson, W.D.'        8  0000-0001-5225-5089 
1       'Coll, M.'            9  ?                   
1       'Aymami, J.'          10 ?                   
1       'van der Marel, G.A.' 11 ?                   
1       'van Boom, J.H.'      12 ?                   
1       'Rich, A.'            13 ?                   
1       'Wang, A.H.'          14 ?                   
# 
_cell.angle_alpha                  90.000 
_cell.angle_alpha_esd              ? 
_cell.angle_beta                   90.000 
_cell.angle_beta_esd               ? 
_cell.angle_gamma                  90.000 
_cell.angle_gamma_esd              ? 
_cell.entry_id                     8F2Y 
_cell.details                      ? 
_cell.formula_units_Z              ? 
_cell.length_a                     25.486 
_cell.length_a_esd                 ? 
_cell.length_b                     40.362 
_cell.length_b_esd                 ? 
_cell.length_c                     66.692 
_cell.length_c_esd                 ? 
_cell.volume                       68603.788 
_cell.volume_esd                   ? 
_cell.Z_PDB                        8 
_cell.reciprocal_angle_alpha       ? 
_cell.reciprocal_angle_beta        ? 
_cell.reciprocal_angle_gamma       ? 
_cell.reciprocal_angle_alpha_esd   ? 
_cell.reciprocal_angle_beta_esd    ? 
_cell.reciprocal_angle_gamma_esd   ? 
_cell.reciprocal_length_a          ? 
_cell.reciprocal_length_b          ? 
_cell.reciprocal_length_c          ? 
_cell.reciprocal_length_a_esd      ? 
_cell.reciprocal_length_b_esd      ? 
_cell.reciprocal_length_c_esd      ? 
_cell.pdbx_unique_axis             ? 
_cell.pdbx_esd_method              ? 
# 
_symmetry.entry_id                         8F2Y 
_symmetry.cell_setting                     ? 
_symmetry.Int_Tables_number                19 
_symmetry.space_group_name_Hall            'P 2ac 2ab' 
_symmetry.space_group_name_H-M             'P 21 21 21' 
_symmetry.pdbx_full_space_group_name_H-M   ? 
# 
loop_
_entity.id 
_entity.type 
_entity.src_method 
_entity.pdbx_description 
_entity.formula_weight 
_entity.pdbx_number_of_molecules 
_entity.pdbx_ec 
_entity.pdbx_mutation 
_entity.pdbx_fragment 
_entity.details 
1 polymer     syn 
;DNA (5'-D(*CP*GP*CP*GP*AP*TP*AP*TP*CP*GP*CP*G)-3')
;
3663.392 2  ? ? ? 
;Native alternating AT DNA dodecamer (5'-CGCGATATCGCG-3').
;
2 non-polymer syn 'MAGNESIUM ION'                                      24.305   1  ? ? ? ? 
3 water       nat water                                                18.015   95 ? ? ? ? 
# 
_entity_poly.entity_id                      1 
_entity_poly.type                           polydeoxyribonucleotide 
_entity_poly.nstd_linkage                   no 
_entity_poly.nstd_monomer                   no 
_entity_poly.pdbx_seq_one_letter_code       '(DC)(DG)(DC)(DG)(DA)(DT)(DA)(DT)(DC)(DG)(DC)(DG)' 
_entity_poly.pdbx_seq_one_letter_code_can   CGCGATATCGCG 
_entity_poly.pdbx_strand_id                 B,C 
_entity_poly.pdbx_target_identifier         ? 
# 
loop_
_entity_poly_seq.entity_id 
_entity_poly_seq.num 
_entity_poly_seq.mon_id 
_entity_poly_seq.hetero 
1 1  DC n 
1 2  DG n 
1 3  DC n 
1 4  DG n 
1 5  DA n 
1 6  DT n 
1 7  DA n 
1 8  DT n 
1 9  DC n 
1 10 DG n 
1 11 DC n 
1 12 DG n 
# 
_pdbx_entity_src_syn.entity_id              1 
_pdbx_entity_src_syn.pdbx_src_id            1 
_pdbx_entity_src_syn.pdbx_alt_source_flag   sample 
_pdbx_entity_src_syn.pdbx_beg_seq_num       1 
_pdbx_entity_src_syn.pdbx_end_seq_num       12 
_pdbx_entity_src_syn.organism_scientific    'Homo sapiens' 
_pdbx_entity_src_syn.organism_common_name   ? 
_pdbx_entity_src_syn.ncbi_taxonomy_id       9606 
_pdbx_entity_src_syn.details                ? 
# 
_struct_ref.id                         1 
_struct_ref.db_name                    PDB 
_struct_ref.db_code                    8F2Y 
_struct_ref.pdbx_db_accession          8F2Y 
_struct_ref.pdbx_db_isoform            ? 
_struct_ref.entity_id                  1 
_struct_ref.pdbx_seq_one_letter_code   ? 
_struct_ref.pdbx_align_begin           1 
# 
loop_
_struct_ref_seq.align_id 
_struct_ref_seq.ref_id 
_struct_ref_seq.pdbx_PDB_id_code 
_struct_ref_seq.pdbx_strand_id 
_struct_ref_seq.seq_align_beg 
_struct_ref_seq.pdbx_seq_align_beg_ins_code 
_struct_ref_seq.seq_align_end 
_struct_ref_seq.pdbx_seq_align_end_ins_code 
_struct_ref_seq.pdbx_db_accession 
_struct_ref_seq.db_align_beg 
_struct_ref_seq.pdbx_db_align_beg_ins_code 
_struct_ref_seq.db_align_end 
_struct_ref_seq.pdbx_db_align_end_ins_code 
_struct_ref_seq.pdbx_auth_seq_align_beg 
_struct_ref_seq.pdbx_auth_seq_align_end 
1 1 8F2Y B 1 ? 12 ? 8F2Y 1  ? 12 ? 1  12 
2 1 8F2Y C 1 ? 12 ? 8F2Y 13 ? 24 ? 13 24 
# 
loop_
_chem_comp.id 
_chem_comp.type 
_chem_comp.mon_nstd_flag 
_chem_comp.name 
_chem_comp.pdbx_synonyms 
_chem_comp.formula 
_chem_comp.formula_weight 
DA  'DNA linking' y "2'-DEOXYADENOSINE-5'-MONOPHOSPHATE" ? 'C10 H14 N5 O6 P' 331.222 
DC  'DNA linking' y "2'-DEOXYCYTIDINE-5'-MONOPHOSPHATE"  ? 'C9 H14 N3 O7 P'  307.197 
DG  'DNA linking' y "2'-DEOXYGUANOSINE-5'-MONOPHOSPHATE" ? 'C10 H14 N5 O7 P' 347.221 
DT  'DNA linking' y "THYMIDINE-5'-MONOPHOSPHATE"         ? 'C10 H15 N2 O8 P' 322.208 
HOH non-polymer   . WATER                                ? 'H2 O'            18.015  
MG  non-polymer   . 'MAGNESIUM ION'                      ? 'Mg 2'            24.305  
# 
_exptl.absorpt_coefficient_mu     ? 
_exptl.absorpt_correction_T_max   ? 
_exptl.absorpt_correction_T_min   ? 
_exptl.absorpt_correction_type    ? 
_exptl.absorpt_process_details    ? 
_exptl.entry_id                   8F2Y 
_exptl.crystals_number            1 
_exptl.details                    ? 
_exptl.method                     'X-RAY DIFFRACTION' 
_exptl.method_details             ? 
# 
_exptl_crystal.colour                       ? 
_exptl_crystal.density_diffrn               ? 
_exptl_crystal.density_Matthews             2.34 
_exptl_crystal.density_method               ? 
_exptl_crystal.density_percent_sol          47.46 
_exptl_crystal.description                  ? 
_exptl_crystal.F_000                        ? 
_exptl_crystal.id                           1 
_exptl_crystal.preparation                  ? 
_exptl_crystal.size_max                     ? 
_exptl_crystal.size_mid                     ? 
_exptl_crystal.size_min                     ? 
_exptl_crystal.size_rad                     ? 
_exptl_crystal.colour_lustre                ? 
_exptl_crystal.colour_modifier              ? 
_exptl_crystal.colour_primary               ? 
_exptl_crystal.density_meas                 ? 
_exptl_crystal.density_meas_esd             ? 
_exptl_crystal.density_meas_gt              ? 
_exptl_crystal.density_meas_lt              ? 
_exptl_crystal.density_meas_temp            ? 
_exptl_crystal.density_meas_temp_esd        ? 
_exptl_crystal.density_meas_temp_gt         ? 
_exptl_crystal.density_meas_temp_lt         ? 
_exptl_crystal.pdbx_crystal_image_url       ? 
_exptl_crystal.pdbx_crystal_image_format    ? 
_exptl_crystal.pdbx_mosaicity               ? 
_exptl_crystal.pdbx_mosaicity_esd           ? 
_exptl_crystal.pdbx_mosaic_method           ? 
_exptl_crystal.pdbx_mosaic_block_size       ? 
_exptl_crystal.pdbx_mosaic_block_size_esd   ? 
# 
_exptl_crystal_grow.apparatus       ? 
_exptl_crystal_grow.atmosphere      ? 
_exptl_crystal_grow.crystal_id      1 
_exptl_crystal_grow.details         ? 
_exptl_crystal_grow.method          'VAPOR DIFFUSION, HANGING DROP' 
_exptl_crystal_grow.method_ref      ? 
_exptl_crystal_grow.pH              7 
_exptl_crystal_grow.pressure        ? 
_exptl_crystal_grow.pressure_esd    ? 
_exptl_crystal_grow.seeding         ? 
_exptl_crystal_grow.seeding_ref     ? 
_exptl_crystal_grow.temp_details    ? 
_exptl_crystal_grow.temp_esd        ? 
_exptl_crystal_grow.time            ? 
_exptl_crystal_grow.pdbx_details    
'MPD, SODIUM CACODYLATE TRIHYDRATE, SPERMINE TETRACHLORIDE, SODIUM CHLROIDE, MAGNESIUM HEXAHYDRATE' 
_exptl_crystal_grow.pdbx_pH_range   ? 
_exptl_crystal_grow.temp            298 
# 
_diffrn.ambient_environment              ? 
_diffrn.ambient_temp                     100 
_diffrn.ambient_temp_details             ? 
_diffrn.ambient_temp_esd                 ? 
_diffrn.crystal_id                       1 
_diffrn.crystal_support                  ? 
_diffrn.crystal_treatment                ? 
_diffrn.details                          ? 
_diffrn.id                               1 
_diffrn.ambient_pressure                 ? 
_diffrn.ambient_pressure_esd             ? 
_diffrn.ambient_pressure_gt              ? 
_diffrn.ambient_pressure_lt              ? 
_diffrn.ambient_temp_gt                  ? 
_diffrn.ambient_temp_lt                  ? 
_diffrn.pdbx_serial_crystal_experiment   N 
# 
_diffrn_detector.details                      ? 
_diffrn_detector.detector                     PIXEL 
_diffrn_detector.diffrn_id                    1 
_diffrn_detector.type                         'DECTRIS EIGER X 9M' 
_diffrn_detector.area_resol_mean              ? 
_diffrn_detector.dtime                        ? 
_diffrn_detector.pdbx_frames_total            ? 
_diffrn_detector.pdbx_collection_time_total   ? 
_diffrn_detector.pdbx_collection_date         2022-09-28 
_diffrn_detector.pdbx_frequency               ? 
_diffrn_detector.id                           ? 
_diffrn_detector.number_of_axes               ? 
# 
_diffrn_radiation.collimation                      ? 
_diffrn_radiation.diffrn_id                        1 
_diffrn_radiation.filter_edge                      ? 
_diffrn_radiation.inhomogeneity                    ? 
_diffrn_radiation.monochromator                    ? 
_diffrn_radiation.polarisn_norm                    ? 
_diffrn_radiation.polarisn_ratio                   ? 
_diffrn_radiation.probe                            ? 
_diffrn_radiation.type                             ? 
_diffrn_radiation.xray_symbol                      ? 
_diffrn_radiation.wavelength_id                    1 
_diffrn_radiation.pdbx_monochromatic_or_laue_m_l   M 
_diffrn_radiation.pdbx_wavelength_list             ? 
_diffrn_radiation.pdbx_wavelength                  ? 
_diffrn_radiation.pdbx_diffrn_protocol             'SINGLE WAVELENGTH' 
_diffrn_radiation.pdbx_analyzer                    ? 
_diffrn_radiation.pdbx_scattering_type             x-ray 
# 
_diffrn_radiation_wavelength.id           1 
_diffrn_radiation_wavelength.wavelength   1 
_diffrn_radiation_wavelength.wt           1.0 
# 
_diffrn_source.current                     ? 
_diffrn_source.details                     ? 
_diffrn_source.diffrn_id                   1 
_diffrn_source.power                       ? 
_diffrn_source.size                        ? 
_diffrn_source.source                      SYNCHROTRON 
_diffrn_source.target                      ? 
_diffrn_source.type                        'NSLS-II BEAMLINE 17-ID-1' 
_diffrn_source.voltage                     ? 
_diffrn_source.take-off_angle              ? 
_diffrn_source.pdbx_wavelength_list        1 
_diffrn_source.pdbx_wavelength             ? 
_diffrn_source.pdbx_synchrotron_beamline   17-ID-1 
_diffrn_source.pdbx_synchrotron_site       NSLS-II 
# 
_reflns.B_iso_Wilson_estimate                          21.95 
_reflns.entry_id                                       8F2Y 
_reflns.data_reduction_details                         ? 
_reflns.data_reduction_method                          ? 
_reflns.d_resolution_high                              1.78 
_reflns.d_resolution_low                               25.71 
_reflns.details                                        ? 
_reflns.limit_h_max                                    ? 
_reflns.limit_h_min                                    ? 
_reflns.limit_k_max                                    ? 
_reflns.limit_k_min                                    ? 
_reflns.limit_l_max                                    ? 
_reflns.limit_l_min                                    ? 
_reflns.number_all                                     ? 
_reflns.number_obs                                     7017 
_reflns.observed_criterion                             ? 
_reflns.observed_criterion_F_max                       ? 
_reflns.observed_criterion_F_min                       ? 
_reflns.observed_criterion_I_max                       ? 
_reflns.observed_criterion_I_min                       ? 
_reflns.observed_criterion_sigma_F                     ? 
_reflns.observed_criterion_sigma_I                     ? 
_reflns.percent_possible_obs                           99.6 
_reflns.R_free_details                                 ? 
_reflns.Rmerge_F_all                                   ? 
_reflns.Rmerge_F_obs                                   ? 
_reflns.Friedel_coverage                               ? 
_reflns.number_gt                                      ? 
_reflns.threshold_expression                           ? 
_reflns.pdbx_redundancy                                2 
_reflns.pdbx_netI_over_av_sigmaI                       ? 
_reflns.pdbx_netI_over_sigmaI                          11.2 
_reflns.pdbx_res_netI_over_av_sigmaI_2                 ? 
_reflns.pdbx_res_netI_over_sigmaI_2                    ? 
_reflns.pdbx_chi_squared                               ? 
_reflns.pdbx_scaling_rejects                           ? 
_reflns.pdbx_d_res_high_opt                            ? 
_reflns.pdbx_d_res_low_opt                             ? 
_reflns.pdbx_d_res_opt_method                          ? 
_reflns.phase_calculation_details                      ? 
_reflns.pdbx_Rrim_I_all                                ? 
_reflns.pdbx_Rpim_I_all                                ? 
_reflns.pdbx_d_opt                                     ? 
_reflns.pdbx_number_measured_all                       ? 
_reflns.pdbx_diffrn_id                                 1 
_reflns.pdbx_ordinal                                   1 
_reflns.pdbx_CC_half                                   0.994 
_reflns.pdbx_CC_star                                   0.999 
_reflns.pdbx_R_split                                   ? 
_reflns.pdbx_Rmerge_I_obs                              ? 
_reflns.pdbx_Rmerge_I_all                              ? 
_reflns.pdbx_Rsym_value                                ? 
_reflns.pdbx_CC_split_method                           ? 
_reflns.pdbx_aniso_diffraction_limit_axis_1_ortho[1]   ? 
_reflns.pdbx_aniso_diffraction_limit_axis_1_ortho[2]   ? 
_reflns.pdbx_aniso_diffraction_limit_axis_1_ortho[3]   ? 
_reflns.pdbx_aniso_diffraction_limit_axis_2_ortho[1]   ? 
_reflns.pdbx_aniso_diffraction_limit_axis_2_ortho[2]   ? 
_reflns.pdbx_aniso_diffraction_limit_axis_2_ortho[3]   ? 
_reflns.pdbx_aniso_diffraction_limit_axis_3_ortho[1]   ? 
_reflns.pdbx_aniso_diffraction_limit_axis_3_ortho[2]   ? 
_reflns.pdbx_aniso_diffraction_limit_axis_3_ortho[3]   ? 
_reflns.pdbx_aniso_diffraction_limit_1                 ? 
_reflns.pdbx_aniso_diffraction_limit_2                 ? 
_reflns.pdbx_aniso_diffraction_limit_3                 ? 
_reflns.pdbx_aniso_B_tensor_eigenvector_1_ortho[1]     ? 
_reflns.pdbx_aniso_B_tensor_eigenvector_1_ortho[2]     ? 
_reflns.pdbx_aniso_B_tensor_eigenvector_1_ortho[3]     ? 
_reflns.pdbx_aniso_B_tensor_eigenvector_2_ortho[1]     ? 
_reflns.pdbx_aniso_B_tensor_eigenvector_2_ortho[2]     ? 
_reflns.pdbx_aniso_B_tensor_eigenvector_2_ortho[3]     ? 
_reflns.pdbx_aniso_B_tensor_eigenvector_3_ortho[1]     ? 
_reflns.pdbx_aniso_B_tensor_eigenvector_3_ortho[2]     ? 
_reflns.pdbx_aniso_B_tensor_eigenvector_3_ortho[3]     ? 
_reflns.pdbx_aniso_B_tensor_eigenvalue_1               ? 
_reflns.pdbx_aniso_B_tensor_eigenvalue_2               ? 
_reflns.pdbx_aniso_B_tensor_eigenvalue_3               ? 
_reflns.pdbx_orthogonalization_convention              ? 
_reflns.pdbx_percent_possible_ellipsoidal              ? 
_reflns.pdbx_percent_possible_spherical                ? 
_reflns.pdbx_percent_possible_ellipsoidal_anomalous    ? 
_reflns.pdbx_percent_possible_spherical_anomalous      ? 
_reflns.pdbx_redundancy_anomalous                      ? 
_reflns.pdbx_CC_half_anomalous                         ? 
_reflns.pdbx_absDiff_over_sigma_anomalous              ? 
_reflns.pdbx_percent_possible_anomalous                ? 
_reflns.pdbx_observed_signal_threshold                 ? 
_reflns.pdbx_signal_type                               ? 
_reflns.pdbx_signal_details                            ? 
_reflns.pdbx_signal_software_id                        ? 
# 
_reflns_shell.d_res_high                                    1.78 
_reflns_shell.d_res_low                                     1.84 
_reflns_shell.meanI_over_sigI_all                           ? 
_reflns_shell.meanI_over_sigI_obs                           ? 
_reflns_shell.number_measured_all                           ? 
_reflns_shell.number_measured_obs                           ? 
_reflns_shell.number_possible                               ? 
_reflns_shell.number_unique_all                             ? 
_reflns_shell.number_unique_obs                             692 
_reflns_shell.percent_possible_obs                          ? 
_reflns_shell.Rmerge_F_all                                  ? 
_reflns_shell.Rmerge_F_obs                                  ? 
_reflns_shell.meanI_over_sigI_gt                            ? 
_reflns_shell.meanI_over_uI_all                             ? 
_reflns_shell.meanI_over_uI_gt                              ? 
_reflns_shell.number_measured_gt                            ? 
_reflns_shell.number_unique_gt                              ? 
_reflns_shell.percent_possible_gt                           ? 
_reflns_shell.Rmerge_F_gt                                   ? 
_reflns_shell.Rmerge_I_gt                                   ? 
_reflns_shell.pdbx_redundancy                               ? 
_reflns_shell.pdbx_chi_squared                              ? 
_reflns_shell.pdbx_netI_over_sigmaI_all                     ? 
_reflns_shell.pdbx_netI_over_sigmaI_obs                     ? 
_reflns_shell.pdbx_Rrim_I_all                               0.2202 
_reflns_shell.pdbx_Rpim_I_all                               0.1557 
_reflns_shell.pdbx_rejects                                  ? 
_reflns_shell.pdbx_ordinal                                  1 
_reflns_shell.pdbx_diffrn_id                                1 
_reflns_shell.pdbx_CC_half                                  0.955 
_reflns_shell.pdbx_CC_star                                  ? 
_reflns_shell.pdbx_R_split                                  ? 
_reflns_shell.percent_possible_all                          ? 
_reflns_shell.Rmerge_I_all                                  ? 
_reflns_shell.Rmerge_I_obs                                  0.1557 
_reflns_shell.pdbx_Rsym_value                               ? 
_reflns_shell.pdbx_percent_possible_ellipsoidal             ? 
_reflns_shell.pdbx_percent_possible_spherical               ? 
_reflns_shell.pdbx_percent_possible_ellipsoidal_anomalous   ? 
_reflns_shell.pdbx_percent_possible_spherical_anomalous     ? 
_reflns_shell.pdbx_redundancy_anomalous                     ? 
_reflns_shell.pdbx_CC_half_anomalous                        ? 
_reflns_shell.pdbx_absDiff_over_sigma_anomalous             ? 
_reflns_shell.pdbx_percent_possible_anomalous               ? 
# 
_refine.aniso_B[1][1]                            ? 
_refine.aniso_B[1][2]                            ? 
_refine.aniso_B[1][3]                            ? 
_refine.aniso_B[2][2]                            ? 
_refine.aniso_B[2][3]                            ? 
_refine.aniso_B[3][3]                            ? 
_refine.B_iso_max                                ? 
_refine.B_iso_mean                               23.55 
_refine.B_iso_min                                ? 
_refine.correlation_coeff_Fo_to_Fc               ? 
_refine.correlation_coeff_Fo_to_Fc_free          ? 
_refine.details                                  ? 
_refine.diff_density_max                         ? 
_refine.diff_density_max_esd                     ? 
_refine.diff_density_min                         ? 
_refine.diff_density_min_esd                     ? 
_refine.diff_density_rms                         ? 
_refine.diff_density_rms_esd                     ? 
_refine.entry_id                                 8F2Y 
_refine.pdbx_refine_id                           'X-RAY DIFFRACTION' 
_refine.ls_abs_structure_details                 ? 
_refine.ls_abs_structure_Flack                   ? 
_refine.ls_abs_structure_Flack_esd               ? 
_refine.ls_abs_structure_Rogers                  ? 
_refine.ls_abs_structure_Rogers_esd              ? 
_refine.ls_d_res_high                            1.78 
_refine.ls_d_res_low                             25.71 
_refine.ls_extinction_coef                       ? 
_refine.ls_extinction_coef_esd                   ? 
_refine.ls_extinction_expression                 ? 
_refine.ls_extinction_method                     ? 
_refine.ls_goodness_of_fit_all                   ? 
_refine.ls_goodness_of_fit_all_esd               ? 
_refine.ls_goodness_of_fit_obs                   ? 
_refine.ls_goodness_of_fit_obs_esd               ? 
_refine.ls_hydrogen_treatment                    ? 
_refine.ls_matrix_type                           ? 
_refine.ls_number_constraints                    ? 
_refine.ls_number_parameters                     ? 
_refine.ls_number_reflns_all                     ? 
_refine.ls_number_reflns_obs                     7004 
_refine.ls_number_reflns_R_free                  700 
_refine.ls_number_reflns_R_work                  6304 
_refine.ls_number_restraints                     ? 
_refine.ls_percent_reflns_obs                    99.64 
_refine.ls_percent_reflns_R_free                 9.99 
_refine.ls_R_factor_all                          ? 
_refine.ls_R_factor_obs                          0.2104 
_refine.ls_R_factor_R_free                       0.2247 
_refine.ls_R_factor_R_free_error                 ? 
_refine.ls_R_factor_R_free_error_details         ? 
_refine.ls_R_factor_R_work                       0.2086 
_refine.ls_R_Fsqd_factor_obs                     ? 
_refine.ls_R_I_factor_obs                        ? 
_refine.ls_redundancy_reflns_all                 ? 
_refine.ls_redundancy_reflns_obs                 ? 
_refine.ls_restrained_S_all                      ? 
_refine.ls_restrained_S_obs                      ? 
_refine.ls_shift_over_esd_max                    ? 
_refine.ls_shift_over_esd_mean                   ? 
_refine.ls_structure_factor_coef                 ? 
_refine.ls_weighting_details                     ? 
_refine.ls_weighting_scheme                      ? 
_refine.ls_wR_factor_all                         ? 
_refine.ls_wR_factor_obs                         ? 
_refine.ls_wR_factor_R_free                      ? 
_refine.ls_wR_factor_R_work                      ? 
_refine.occupancy_max                            ? 
_refine.occupancy_min                            ? 
_refine.solvent_model_details                    'FLAT BULK SOLVENT MODEL' 
_refine.solvent_model_param_bsol                 ? 
_refine.solvent_model_param_ksol                 ? 
_refine.pdbx_R_complete                          ? 
_refine.ls_R_factor_gt                           ? 
_refine.ls_goodness_of_fit_gt                    ? 
_refine.ls_goodness_of_fit_ref                   ? 
_refine.ls_shift_over_su_max                     ? 
_refine.ls_shift_over_su_max_lt                  ? 
_refine.ls_shift_over_su_mean                    ? 
_refine.ls_shift_over_su_mean_lt                 ? 
_refine.pdbx_ls_sigma_I                          ? 
_refine.pdbx_ls_sigma_F                          1.36 
_refine.pdbx_ls_sigma_Fsqd                       ? 
_refine.pdbx_data_cutoff_high_absF               ? 
_refine.pdbx_data_cutoff_high_rms_absF           ? 
_refine.pdbx_data_cutoff_low_absF                ? 
_refine.pdbx_isotropic_thermal_model             ? 
_refine.pdbx_ls_cross_valid_method               'FREE R-VALUE' 
_refine.pdbx_method_to_determine_struct          'MOLECULAR REPLACEMENT' 
_refine.pdbx_starting_model                      1BNA 
_refine.pdbx_stereochemistry_target_values       'GeoStd + Monomer Library + CDL v1.2' 
_refine.pdbx_R_Free_selection_details            ? 
_refine.pdbx_stereochem_target_val_spec_case     ? 
_refine.pdbx_overall_ESU_R                       ? 
_refine.pdbx_overall_ESU_R_Free                  ? 
_refine.pdbx_solvent_vdw_probe_radii             1.1100 
_refine.pdbx_solvent_ion_probe_radii             ? 
_refine.pdbx_solvent_shrinkage_radii             0.9000 
_refine.pdbx_real_space_R                        ? 
_refine.pdbx_density_correlation                 ? 
_refine.pdbx_pd_number_of_powder_patterns        ? 
_refine.pdbx_pd_number_of_points                 ? 
_refine.pdbx_pd_meas_number_of_points            ? 
_refine.pdbx_pd_proc_ls_prof_R_factor            ? 
_refine.pdbx_pd_proc_ls_prof_wR_factor           ? 
_refine.pdbx_pd_Marquardt_correlation_coeff      ? 
_refine.pdbx_pd_Fsqrd_R_factor                   ? 
_refine.pdbx_pd_ls_matrix_band_width             ? 
_refine.pdbx_overall_phase_error                 26.3698 
_refine.pdbx_overall_SU_R_free_Cruickshank_DPI   ? 
_refine.pdbx_overall_SU_R_free_Blow_DPI          ? 
_refine.pdbx_overall_SU_R_Blow_DPI               ? 
_refine.pdbx_TLS_residual_ADP_flag               ? 
_refine.pdbx_diffrn_id                           1 
_refine.overall_SU_B                             ? 
_refine.overall_SU_ML                            0.2132 
_refine.overall_SU_R_Cruickshank_DPI             ? 
_refine.overall_SU_R_free                        ? 
_refine.overall_FOM_free_R_set                   ? 
_refine.overall_FOM_work_R_set                   ? 
_refine.pdbx_average_fsc_overall                 ? 
_refine.pdbx_average_fsc_work                    ? 
_refine.pdbx_average_fsc_free                    ? 
# 
_refine_hist.pdbx_refine_id                   'X-RAY DIFFRACTION' 
_refine_hist.cycle_id                         LAST 
_refine_hist.details                          ? 
_refine_hist.d_res_high                       1.78 
_refine_hist.d_res_low                        25.71 
_refine_hist.number_atoms_solvent             95 
_refine_hist.number_atoms_total               582 
_refine_hist.number_reflns_all                ? 
_refine_hist.number_reflns_obs                ? 
_refine_hist.number_reflns_R_free             ? 
_refine_hist.number_reflns_R_work             ? 
_refine_hist.R_factor_all                     ? 
_refine_hist.R_factor_obs                     ? 
_refine_hist.R_factor_R_free                  ? 
_refine_hist.R_factor_R_work                  ? 
_refine_hist.pdbx_number_residues_total       ? 
_refine_hist.pdbx_B_iso_mean_ligand           ? 
_refine_hist.pdbx_B_iso_mean_solvent          ? 
_refine_hist.pdbx_number_atoms_protein        0 
_refine_hist.pdbx_number_atoms_nucleic_acid   486 
_refine_hist.pdbx_number_atoms_ligand         1 
_refine_hist.pdbx_number_atoms_lipid          ? 
_refine_hist.pdbx_number_atoms_carb           ? 
_refine_hist.pdbx_pseudo_atom_details         ? 
# 
loop_
_refine_ls_restr.pdbx_refine_id 
_refine_ls_restr.criterion 
_refine_ls_restr.dev_ideal 
_refine_ls_restr.dev_ideal_target 
_refine_ls_restr.number 
_refine_ls_restr.rejects 
_refine_ls_restr.type 
_refine_ls_restr.weight 
_refine_ls_restr.pdbx_restraint_function 
'X-RAY DIFFRACTION' ? 0.0116  ? 544 ? f_bond_d           ? ? 
'X-RAY DIFFRACTION' ? 1.4004  ? 836 ? f_angle_d          ? ? 
'X-RAY DIFFRACTION' ? 0.0704  ? 94  ? f_chiral_restr     ? ? 
'X-RAY DIFFRACTION' ? 0.0154  ? 24  ? f_plane_restr      ? ? 
'X-RAY DIFFRACTION' ? 30.5431 ? 232 ? f_dihedral_angle_d ? ? 
# 
_refine_ls_restr_ncs.pdbx_refine_id      'X-RAY DIFFRACTION' 
_refine_ls_restr_ncs.dom_id              d_2 
_refine_ls_restr_ncs.ncs_model_details   ? 
_refine_ls_restr_ncs.rms_dev_B_iso       ? 
_refine_ls_restr_ncs.rms_dev_position    2.05791582552 
_refine_ls_restr_ncs.weight_B_iso        ? 
_refine_ls_restr_ncs.weight_position     ? 
_refine_ls_restr_ncs.pdbx_ordinal        1 
_refine_ls_restr_ncs.pdbx_type           'Torsion NCS' 
_refine_ls_restr_ncs.pdbx_asym_id        ? 
_refine_ls_restr_ncs.pdbx_auth_asym_id   B 
_refine_ls_restr_ncs.pdbx_number         ? 
_refine_ls_restr_ncs.pdbx_rms            ? 
_refine_ls_restr_ncs.pdbx_weight         ? 
_refine_ls_restr_ncs.pdbx_ens_id         ens_1 
# 
loop_
_refine_ls_shell.pdbx_refine_id 
_refine_ls_shell.d_res_high 
_refine_ls_shell.d_res_low 
_refine_ls_shell.number_reflns_all 
_refine_ls_shell.number_reflns_obs 
_refine_ls_shell.number_reflns_R_free 
_refine_ls_shell.number_reflns_R_work 
_refine_ls_shell.percent_reflns_obs 
_refine_ls_shell.percent_reflns_R_free 
_refine_ls_shell.R_factor_all 
_refine_ls_shell.R_factor_obs 
_refine_ls_shell.R_factor_R_free_error 
_refine_ls_shell.R_factor_R_work 
_refine_ls_shell.redundancy_reflns_all 
_refine_ls_shell.redundancy_reflns_obs 
_refine_ls_shell.wR_factor_all 
_refine_ls_shell.wR_factor_obs 
_refine_ls_shell.wR_factor_R_free 
_refine_ls_shell.wR_factor_R_work 
_refine_ls_shell.pdbx_R_complete 
_refine_ls_shell.pdbx_total_number_of_bins_used 
_refine_ls_shell.pdbx_phase_error 
_refine_ls_shell.pdbx_fsc_work 
_refine_ls_shell.pdbx_fsc_free 
_refine_ls_shell.R_factor_R_free 
'X-RAY DIFFRACTION' 1.78 1.92  . . 138 1239 99.78  . . . . 0.2583 . . . . . . . . . . . 0.3335 
'X-RAY DIFFRACTION' 1.92 2.11  . . 136 1230 99.78  . . . . 0.2419 . . . . . . . . . . . 0.2773 
'X-RAY DIFFRACTION' 2.11 2.42  . . 137 1238 100.00 . . . . 0.2360 . . . . . . . . . . . 0.2914 
'X-RAY DIFFRACTION' 2.42 3.04  . . 141 1266 99.93  . . . . 0.2355 . . . . . . . . . . . 0.2317 
'X-RAY DIFFRACTION' 3.04 25.71 . . 148 1331 98.80  . . . . 0.1739 . . . . . . . . . . . 0.1777 
# 
_struct_ncs_oper.id             1 
_struct_ncs_oper.code           given 
_struct_ncs_oper.matrix[1][1]   -0.997046493736 
_struct_ncs_oper.matrix[1][2]   0.062400633661 
_struct_ncs_oper.matrix[1][3]   0.044771087182 
_struct_ncs_oper.matrix[2][1]   0.076759932864 
_struct_ncs_oper.matrix[2][2]   0.828582437557 
_struct_ncs_oper.matrix[2][3]   0.554580072559 
_struct_ncs_oper.matrix[3][1]   -0.002490388605 
_struct_ncs_oper.matrix[3][2]   0.556378742488 
_struct_ncs_oper.matrix[3][3]   -0.830925082587 
_struct_ncs_oper.vector[1]      -0.1383751496 
_struct_ncs_oper.vector[2]      -0.2777902256 
_struct_ncs_oper.vector[3]      0.0482583881 
_struct_ncs_oper.details        ? 
# 
loop_
_struct_ncs_dom.pdbx_ens_id 
_struct_ncs_dom.id 
_struct_ncs_dom.details 
ens_1 d_1 
;(chain "B" and ((resid 1 and (name O5" or name C5" or name C4" or name O4" or name C3" or name O3" or name C2" or name C1" or name N1 or name C2 or name O2 or name N3 or name C4 or name N4 or name C5 or name C6 )) or (resid 2 and (name P or name OP1 or name OP2 or name O5" or name C5" or name C4" or name O4" or name C3" or name O3" or name C2" or name C1" or name N9 or name C8 or name N7 or name C5 or name C6 or name O6 or name N1 or name C2 or name N2 or name N3 or name C4 )) or (resid 3 and (name P or name OP1 or name OP2 or name O5" or name C5" or name C4" or name O4" or name C3" or name O3" or name C2" or name C1" or name N1 or name C2 or name O2 or name N3 or name C4 or name N4 or name C5 or name C6 )) or (resid 4 and (name P or name OP1 or name OP2 or name O5" or name C5" or name C4" or name O4" or name C3" or name O3" or name C2" or name C1" or name N9 or name C8 or name N7 or name C5 or name C6 or name O6 or name N1 or name C2 or name N2 or name N3 or name C4 )) or (resid 5 and (name P or name OP1 or name OP2 or name O5" or name C5" or name C4" or name O4" or name C3" or name O3" or name C2" or name C1" or name N9 or name C8 or name N7 or name C5 or name C6 or name N6 or name N1 or name C2 or name N3 or name C4 )) or resid 6 through 7 or (resid 8 and (name P or name OP1 or name OP2 or name O5" or name C5" or name C4" or name O4" or name C3" or name O3" or name C2" or name C1" or name N1 or name C2 or name O2 or name N3 or name C4 or name O4 or name C5 or name C7 or name C6 )) or (resid 9 and (name P or name OP1 or name OP2 or name O5" or name C5" or name C4" or name O4" or name C3" or name O3" or name C2" or name C1" or name N1 or name C2 or name O2 or name N3 or name C4 or name N4 or name C5 or name C6 )) or (resid 10 and (name P or name OP1 or name OP2 or name O5" or name C5" or name C4" or name O4" or name C3" or name O3" or name C2" or name C1" or name N9 or name C8 or name N7 or name C5 or name C6 or name O6 or name N1 or name C2 or name N2 or name N3 or name C4 )) or (resid 11 and (name P or name OP1 or name OP2 or name O5" or name C5" or name C4" or name O4" or name C3" or name O3" or name C2" or name C1" or name N1 or name C2 or name O2 or name N3 or name C4 or name N4 or name C5 or name C6 )) or (resid 12 and (name P or name OP1 or name OP2 or name O5" or name C5" or name C4" or name O4" or name C3" or name O3" or name C2" or name C1" or name N9 or name C8 or name N7 or name C5 or name C6 or name O6 or name N1 or name C2 or name N2 or name N3 or name C4 ))))
;
ens_1 d_2 
;(chain "C" and ((resid 13 and (name O5" or name C5" or name C4" or name O4" or name C3" or name O3" or name C2" or name C1" or name N1 or name C2 or name O2 or name N3 or name C4 or name N4 or name C5 or name C6 )) or (resid 14 and (name P or name OP1 or name OP2 or name O5" or name C5" or name C4" or name O4" or name C3" or name O3" or name C2" or name C1" or name N9 or name C8 or name N7 or name C5 or name C6 or name O6 or name N1 or name C2 or name N2 or name N3 or name C4 )) or (resid 15 and (name P or name OP1 or name OP2 or name O5" or name C5" or name C4" or name O4" or name C3" or name O3" or name C2" or name C1" or name N1 or name C2 or name O2 or name N3 or name C4 or name N4 or name C5 or name C6 )) or (resid 16 and (name P or name OP1 or name OP2 or name O5" or name C5" or name C4" or name O4" or name C3" or name O3" or name C2" or name C1" or name N9 or name C8 or name N7 or name C5 or name C6 or name O6 or name N1 or name C2 or name N2 or name N3 or name C4 )) or (resid 17 and (name P or name OP1 or name OP2 or name O5" or name C5" or name C4" or name O4" or name C3" or name O3" or name C2" or name C1" or name N9 or name C8 or name N7 or name C5 or name C6 or name N6 or name N1 or name C2 or name N3 or name C4 )) or resid 18 through 19 or (resid 20 and (name P or name OP1 or name OP2 or name O5" or name C5" or name C4" or name O4" or name C3" or name O3" or name C2" or name C1" or name N1 or name C2 or name O2 or name N3 or name C4 or name O4 or name C5 or name C7 or name C6 )) or (resid 21 and (name P or name OP1 or name OP2 or name O5" or name C5" or name C4" or name O4" or name C3" or name O3" or name C2" or name C1" or name N1 or name C2 or name O2 or name N3 or name C4 or name N4 or name C5 or name C6 )) or (resid 22 and (name P or name OP1 or name OP2 or name O5" or name C5" or name C4" or name O4" or name C3" or name O3" or name C2" or name C1" or name N9 or name C8 or name N7 or name C5 or name C6 or name O6 or name N1 or name C2 or name N2 or name N3 or name C4 )) or (resid 23 and (name P or name OP1 or name OP2 or name O5" or name C5" or name C4" or name O4" or name C3" or name O3" or name C2" or name C1" or name N1 or name C2 or name O2 or name N3 or name C4 or name N4 or name C5 or name C6 )) or (resid 24 and (name P or name OP1 or name OP2 or name O5" or name C5" or name C4" or name O4" or name C3" or name O3" or name C2" or name C1" or name N9 or name C8 or name N7 or name C5 or name C6 or name O6 or name N1 or name C2 or name N2 or name N3 or name C4 ))))
;
# 
loop_
_struct_ncs_dom_lim.pdbx_ens_id 
_struct_ncs_dom_lim.dom_id 
_struct_ncs_dom_lim.pdbx_component_id 
_struct_ncs_dom_lim.beg_label_alt_id 
_struct_ncs_dom_lim.beg_label_asym_id 
_struct_ncs_dom_lim.beg_label_comp_id 
_struct_ncs_dom_lim.beg_label_seq_id 
_struct_ncs_dom_lim.end_label_alt_id 
_struct_ncs_dom_lim.end_label_asym_id 
_struct_ncs_dom_lim.end_label_comp_id 
_struct_ncs_dom_lim.end_label_seq_id 
_struct_ncs_dom_lim.beg_auth_asym_id 
_struct_ncs_dom_lim.beg_auth_seq_id 
_struct_ncs_dom_lim.end_auth_asym_id 
_struct_ncs_dom_lim.end_auth_seq_id 
_struct_ncs_dom_lim.pdbx_refine_code 
_struct_ncs_dom_lim.selection_details 
_struct_ncs_dom_lim.beg_auth_comp_id 
_struct_ncs_dom_lim.end_auth_comp_id 
ens_1 d_1 1 . A DC . . A DG . ? ? ? ? ? ? ? ? 
ens_1 d_2 1 . B DC . . B DG . ? ? ? ? ? ? ? ? 
# 
_struct_ncs_ens.id        ens_1 
_struct_ncs_ens.details   ? 
# 
_struct_ncs_ens_gen.ens_id     ens_1 
_struct_ncs_ens_gen.dom_id_1   d_2 
_struct_ncs_ens_gen.dom_id_2   d_1 
_struct_ncs_ens_gen.oper_id    1 
# 
_struct.entry_id                     8F2Y 
_struct.title                        
;Structure of an alternating AT dodecamer: 5'-CGCGATATCGCG-3
;
_struct.pdbx_model_details           ? 
_struct.pdbx_formula_weight          ? 
_struct.pdbx_formula_weight_method   ? 
_struct.pdbx_model_type_details      ? 
_struct.pdbx_CASP_flag               N 
# 
_struct_keywords.entry_id        8F2Y 
_struct_keywords.text            'DNA, AT sequence, Minor groove' 
_struct_keywords.pdbx_keywords   DNA 
# 
loop_
_struct_asym.id 
_struct_asym.pdbx_blank_PDB_chainid_flag 
_struct_asym.pdbx_modified 
_struct_asym.entity_id 
_struct_asym.details 
A N N 1 ? 
B N N 1 ? 
C N N 2 ? 
D N N 3 ? 
E N N 3 ? 
# 
loop_
_struct_conn.id 
_struct_conn.conn_type_id 
_struct_conn.pdbx_leaving_atom_flag 
_struct_conn.pdbx_PDB_id 
_struct_conn.ptnr1_label_asym_id 
_struct_conn.ptnr1_label_comp_id 
_struct_conn.ptnr1_label_seq_id 
_struct_conn.ptnr1_label_atom_id 
_struct_conn.pdbx_ptnr1_label_alt_id 
_struct_conn.pdbx_ptnr1_PDB_ins_code 
_struct_conn.pdbx_ptnr1_standard_comp_id 
_struct_conn.ptnr1_symmetry 
_struct_conn.ptnr2_label_asym_id 
_struct_conn.ptnr2_label_comp_id 
_struct_conn.ptnr2_label_seq_id 
_struct_conn.ptnr2_label_atom_id 
_struct_conn.pdbx_ptnr2_label_alt_id 
_struct_conn.pdbx_ptnr2_PDB_ins_code 
_struct_conn.ptnr1_auth_asym_id 
_struct_conn.ptnr1_auth_comp_id 
_struct_conn.ptnr1_auth_seq_id 
_struct_conn.ptnr2_auth_asym_id 
_struct_conn.ptnr2_auth_comp_id 
_struct_conn.ptnr2_auth_seq_id 
_struct_conn.ptnr2_symmetry 
_struct_conn.pdbx_ptnr3_label_atom_id 
_struct_conn.pdbx_ptnr3_label_seq_id 
_struct_conn.pdbx_ptnr3_label_comp_id 
_struct_conn.pdbx_ptnr3_label_asym_id 
_struct_conn.pdbx_ptnr3_label_alt_id 
_struct_conn.pdbx_ptnr3_PDB_ins_code 
_struct_conn.details 
_struct_conn.pdbx_dist_value 
_struct_conn.pdbx_value_order 
_struct_conn.pdbx_role 
metalc1  metalc ? ? C MG .  MG ? ? ? 1_555 D HOH .  O  ? ? B MG 101 B HOH 208 1_555 ? ? ? ? ? ? ?            1.957 ? ? 
metalc2  metalc ? ? C MG .  MG ? ? ? 1_555 D HOH .  O  ? ? B MG 101 B HOH 215 3_655 ? ? ? ? ? ? ?            2.158 ? ? 
metalc3  metalc ? ? C MG .  MG ? ? ? 1_555 D HOH .  O  ? ? B MG 101 B HOH 221 1_555 ? ? ? ? ? ? ?            2.034 ? ? 
metalc4  metalc ? ? C MG .  MG ? ? ? 1_555 D HOH .  O  ? ? B MG 101 B HOH 222 3_655 ? ? ? ? ? ? ?            1.999 ? ? 
metalc5  metalc ? ? C MG .  MG ? ? ? 1_555 D HOH .  O  ? ? B MG 101 B HOH 230 3_655 ? ? ? ? ? ? ?            2.104 ? ? 
metalc6  metalc ? ? C MG .  MG ? ? ? 1_555 E HOH .  O  ? ? B MG 101 C HOH 111 1_555 ? ? ? ? ? ? ?            2.175 ? ? 
hydrog1  hydrog ? ? A DC 1  N3 ? ? ? 1_555 B DG  12 N1 ? ? B DC 1   C DG  24  1_555 ? ? ? ? ? ? WATSON-CRICK ?     ? ? 
hydrog2  hydrog ? ? A DC 1  N4 ? ? ? 1_555 B DG  12 O6 ? ? B DC 1   C DG  24  1_555 ? ? ? ? ? ? WATSON-CRICK ?     ? ? 
hydrog3  hydrog ? ? A DC 1  O2 ? ? ? 1_555 B DG  12 N2 ? ? B DC 1   C DG  24  1_555 ? ? ? ? ? ? WATSON-CRICK ?     ? ? 
hydrog4  hydrog ? ? A DG 2  N1 ? ? ? 1_555 B DC  11 N3 ? ? B DG 2   C DC  23  1_555 ? ? ? ? ? ? WATSON-CRICK ?     ? ? 
hydrog5  hydrog ? ? A DG 2  N2 ? ? ? 1_555 B DC  11 O2 ? ? B DG 2   C DC  23  1_555 ? ? ? ? ? ? WATSON-CRICK ?     ? ? 
hydrog6  hydrog ? ? A DG 2  O6 ? ? ? 1_555 B DC  11 N4 ? ? B DG 2   C DC  23  1_555 ? ? ? ? ? ? WATSON-CRICK ?     ? ? 
hydrog7  hydrog ? ? A DC 3  N3 ? ? ? 1_555 B DG  10 N1 ? ? B DC 3   C DG  22  1_555 ? ? ? ? ? ? WATSON-CRICK ?     ? ? 
hydrog8  hydrog ? ? A DC 3  N4 ? ? ? 1_555 B DG  10 O6 ? ? B DC 3   C DG  22  1_555 ? ? ? ? ? ? WATSON-CRICK ?     ? ? 
hydrog9  hydrog ? ? A DC 3  O2 ? ? ? 1_555 B DG  10 N2 ? ? B DC 3   C DG  22  1_555 ? ? ? ? ? ? WATSON-CRICK ?     ? ? 
hydrog10 hydrog ? ? A DG 4  N1 ? ? ? 1_555 B DC  9  N3 ? ? B DG 4   C DC  21  1_555 ? ? ? ? ? ? WATSON-CRICK ?     ? ? 
hydrog11 hydrog ? ? A DG 4  N2 ? ? ? 1_555 B DC  9  O2 ? ? B DG 4   C DC  21  1_555 ? ? ? ? ? ? WATSON-CRICK ?     ? ? 
hydrog12 hydrog ? ? A DG 4  O6 ? ? ? 1_555 B DC  9  N4 ? ? B DG 4   C DC  21  1_555 ? ? ? ? ? ? WATSON-CRICK ?     ? ? 
hydrog13 hydrog ? ? A DA 5  N1 ? ? ? 1_555 B DT  8  N3 ? ? B DA 5   C DT  20  1_555 ? ? ? ? ? ? WATSON-CRICK ?     ? ? 
hydrog14 hydrog ? ? A DA 5  N6 ? ? ? 1_555 B DT  8  O4 ? ? B DA 5   C DT  20  1_555 ? ? ? ? ? ? WATSON-CRICK ?     ? ? 
hydrog15 hydrog ? ? A DT 6  N3 ? ? ? 1_555 B DA  7  N1 ? ? B DT 6   C DA  19  1_555 ? ? ? ? ? ? WATSON-CRICK ?     ? ? 
hydrog16 hydrog ? ? A DT 6  O4 ? ? ? 1_555 B DA  7  N6 ? ? B DT 6   C DA  19  1_555 ? ? ? ? ? ? WATSON-CRICK ?     ? ? 
hydrog17 hydrog ? ? A DA 7  N1 ? ? ? 1_555 B DT  6  N3 ? ? B DA 7   C DT  18  1_555 ? ? ? ? ? ? WATSON-CRICK ?     ? ? 
hydrog18 hydrog ? ? A DA 7  N6 ? ? ? 1_555 B DT  6  O4 ? ? B DA 7   C DT  18  1_555 ? ? ? ? ? ? WATSON-CRICK ?     ? ? 
hydrog19 hydrog ? ? A DT 8  N3 ? ? ? 1_555 B DA  5  N1 ? ? B DT 8   C DA  17  1_555 ? ? ? ? ? ? WATSON-CRICK ?     ? ? 
hydrog20 hydrog ? ? A DT 8  O4 ? ? ? 1_555 B DA  5  N6 ? ? B DT 8   C DA  17  1_555 ? ? ? ? ? ? WATSON-CRICK ?     ? ? 
hydrog21 hydrog ? ? A DC 9  N3 ? ? ? 1_555 B DG  4  N1 ? ? B DC 9   C DG  16  1_555 ? ? ? ? ? ? WATSON-CRICK ?     ? ? 
hydrog22 hydrog ? ? A DC 9  N4 ? ? ? 1_555 B DG  4  O6 ? ? B DC 9   C DG  16  1_555 ? ? ? ? ? ? WATSON-CRICK ?     ? ? 
hydrog23 hydrog ? ? A DC 9  O2 ? ? ? 1_555 B DG  4  N2 ? ? B DC 9   C DG  16  1_555 ? ? ? ? ? ? WATSON-CRICK ?     ? ? 
hydrog24 hydrog ? ? A DG 10 N1 ? ? ? 1_555 B DC  3  N3 ? ? B DG 10  C DC  15  1_555 ? ? ? ? ? ? WATSON-CRICK ?     ? ? 
hydrog25 hydrog ? ? A DG 10 N2 ? ? ? 1_555 B DC  3  O2 ? ? B DG 10  C DC  15  1_555 ? ? ? ? ? ? WATSON-CRICK ?     ? ? 
hydrog26 hydrog ? ? A DG 10 O6 ? ? ? 1_555 B DC  3  N4 ? ? B DG 10  C DC  15  1_555 ? ? ? ? ? ? WATSON-CRICK ?     ? ? 
hydrog27 hydrog ? ? A DC 11 N3 ? ? ? 1_555 B DG  2  N1 ? ? B DC 11  C DG  14  1_555 ? ? ? ? ? ? WATSON-CRICK ?     ? ? 
hydrog28 hydrog ? ? A DC 11 N4 ? ? ? 1_555 B DG  2  O6 ? ? B DC 11  C DG  14  1_555 ? ? ? ? ? ? WATSON-CRICK ?     ? ? 
hydrog29 hydrog ? ? A DC 11 O2 ? ? ? 1_555 B DG  2  N2 ? ? B DC 11  C DG  14  1_555 ? ? ? ? ? ? WATSON-CRICK ?     ? ? 
hydrog30 hydrog ? ? A DG 12 N1 ? ? ? 1_555 B DC  1  N3 ? ? B DG 12  C DC  13  1_555 ? ? ? ? ? ? WATSON-CRICK ?     ? ? 
hydrog31 hydrog ? ? A DG 12 N2 ? ? ? 1_555 B DC  1  O2 ? ? B DG 12  C DC  13  1_555 ? ? ? ? ? ? WATSON-CRICK ?     ? ? 
hydrog32 hydrog ? ? A DG 12 O6 ? ? ? 1_555 B DC  1  N4 ? ? B DG 12  C DC  13  1_555 ? ? ? ? ? ? WATSON-CRICK ?     ? ? 
# 
loop_
_struct_conn_type.id 
_struct_conn_type.criteria 
_struct_conn_type.reference 
metalc ? ? 
hydrog ? ? 
# 
_atom_sites.entry_id                    8F2Y 
_atom_sites.Cartn_transf_matrix[1][1]   ? 
_atom_sites.Cartn_transf_matrix[1][2]   ? 
_atom_sites.Cartn_transf_matrix[1][3]   ? 
_atom_sites.Cartn_transf_matrix[2][1]   ? 
_atom_sites.Cartn_transf_matrix[2][2]   ? 
_atom_sites.Cartn_transf_matrix[2][3]   ? 
_atom_sites.Cartn_transf_matrix[3][1]   ? 
_atom_sites.Cartn_transf_matrix[3][2]   ? 
_atom_sites.Cartn_transf_matrix[3][3]   ? 
_atom_sites.Cartn_transf_vector[1]      ? 
_atom_sites.Cartn_transf_vector[2]      ? 
_atom_sites.Cartn_transf_vector[3]      ? 
_atom_sites.fract_transf_matrix[1][1]   0.00505925 
_atom_sites.fract_transf_matrix[1][2]   0.03036536 
_atom_sites.fract_transf_matrix[1][3]   0.02432881 
_atom_sites.fract_transf_matrix[2][1]   0.00464783 
_atom_sites.fract_transf_matrix[2][2]   -0.01568353 
_atom_sites.fract_transf_matrix[2][3]   0.01860846 
_atom_sites.fract_transf_matrix[3][1]   0.01460036 
_atom_sites.fract_transf_matrix[3][2]   0.00029199 
_atom_sites.fract_transf_matrix[3][3]   -0.00340063 
_atom_sites.fract_transf_vector[1]      0.595387 
_atom_sites.fract_transf_vector[2]      0.512446 
_atom_sites.fract_transf_vector[3]      0.139547 
_atom_sites.solution_primary            ? 
_atom_sites.solution_secondary          ? 
_atom_sites.solution_hydrogens          ? 
_atom_sites.special_details             ? 
# 
loop_
_atom_type.symbol 
_atom_type.scat_dispersion_real 
_atom_type.scat_dispersion_imag 
_atom_type.scat_Cromer_Mann_a1 
_atom_type.scat_Cromer_Mann_a2 
_atom_type.scat_Cromer_Mann_a3 
_atom_type.scat_Cromer_Mann_a4 
_atom_type.scat_Cromer_Mann_b1 
_atom_type.scat_Cromer_Mann_b2 
_atom_type.scat_Cromer_Mann_b3 
_atom_type.scat_Cromer_Mann_b4 
_atom_type.scat_Cromer_Mann_c 
_atom_type.scat_source 
_atom_type.scat_dispersion_source 
C  ? ? 3.54356 2.42580 ? ? 25.62398 1.50364  ? ? 0.0 
;2-Gaussian fit: Grosse-Kunstleve RW, Sauter NK, Adams PD: Newsletter of the IUCr Commission on Crystallographic Computing 2004, 3, 22-31.
;
? 
H  ? ? 0.51345 0.48472 ? ? 24.73122 6.32584  ? ? 0.0 
;2-Gaussian fit: Grosse-Kunstleve RW, Sauter NK, Adams PD: Newsletter of the IUCr Commission on Crystallographic Computing 2004, 3, 22-31.
;
? 
MG ? ? 9.41153 2.53737 ? ? 2.59044  63.03566 ? ? 0.0 
;2-Gaussian fit: Grosse-Kunstleve RW, Sauter NK, Adams PD: Newsletter of the IUCr Commission on Crystallographic Computing 2004, 3, 22-31.
;
? 
N  ? ? 4.01032 2.96436 ? ? 19.97189 1.75589  ? ? 0.0 
;2-Gaussian fit: Grosse-Kunstleve RW, Sauter NK, Adams PD: Newsletter of the IUCr Commission on Crystallographic Computing 2004, 3, 22-31.
;
? 
O  ? ? 4.49882 3.47563 ? ? 15.80542 1.70748  ? ? 0.0 
;2-Gaussian fit: Grosse-Kunstleve RW, Sauter NK, Adams PD: Newsletter of the IUCr Commission on Crystallographic Computing 2004, 3, 22-31.
;
? 
P  ? ? 9.51135 5.44231 ? ? 1.42069  35.72801 ? ? 0.0 
;2-Gaussian fit: Grosse-Kunstleve RW, Sauter NK, Adams PD: Newsletter of the IUCr Commission on Crystallographic Computing 2004, 3, 22-31.
;
? 
# 
loop_
_atom_site.group_PDB 
_atom_site.id 
_atom_site.type_symbol 
_atom_site.label_atom_id 
_atom_site.label_alt_id 
_atom_site.label_comp_id 
_atom_site.label_asym_id 
_atom_site.label_entity_id 
_atom_site.label_seq_id 
_atom_site.pdbx_PDB_ins_code 
_atom_site.Cartn_x 
_atom_site.Cartn_y 
_atom_site.Cartn_z 
_atom_site.occupancy 
_atom_site.B_iso_or_equiv 
_atom_site.pdbx_formal_charge 
_atom_site.auth_seq_id 
_atom_site.auth_comp_id 
_atom_site.auth_asym_id 
_atom_site.auth_atom_id 
_atom_site.pdbx_PDB_model_num 
ATOM   1   O  "O5'"  . DC  A 1 1  ? 18.65447  -4.91766  8.64645   1.000 45.79412 ? 1   DC  B "O5'"  1 
ATOM   2   C  "C5'"  . DC  A 1 1  ? 17.48803  -4.30287  9.14698   1.000 22.41647 ? 1   DC  B "C5'"  1 
ATOM   3   C  "C4'"  . DC  A 1 1  ? 17.40630  -2.84516  8.70243   1.000 27.63297 ? 1   DC  B "C4'"  1 
ATOM   4   O  "O4'"  . DC  A 1 1  ? 17.81101  -2.68698  7.30707   1.000 22.77482 ? 1   DC  B "O4'"  1 
ATOM   5   C  "C3'"  . DC  A 1 1  ? 16.01629  -2.23338  8.79660   1.000 25.75276 ? 1   DC  B "C3'"  1 
ATOM   6   O  "O3'"  . DC  A 1 1  ? 16.12803  -0.92104  9.28190   1.000 26.06430 ? 1   DC  B "O3'"  1 
ATOM   7   C  "C2'"  . DC  A 1 1  ? 15.48767  -2.28148  7.36482   1.000 25.50552 ? 1   DC  B "C2'"  1 
ATOM   8   C  "C1'"  . DC  A 1 1  ? 16.76291  -2.08571  6.54630   1.000 22.70707 ? 1   DC  B "C1'"  1 
ATOM   9   N  N1     . DC  A 1 1  ? 16.75473  -2.68024  5.15039   1.000 19.63218 ? 1   DC  B N1     1 
ATOM   10  C  C2     . DC  A 1 1  ? 17.15630  -1.87627  4.06893   1.000 22.90743 ? 1   DC  B C2     1 
ATOM   11  O  O2     . DC  A 1 1  ? 17.53735  -0.70810  4.28422   1.000 19.95297 ? 1   DC  B O2     1 
ATOM   12  N  N3     . DC  A 1 1  ? 17.17490  -2.41098  2.82660   1.000 20.93600 ? 1   DC  B N3     1 
ATOM   13  C  C4     . DC  A 1 1  ? 16.78372  -3.66921  2.63215   1.000 23.60014 ? 1   DC  B C4     1 
ATOM   14  N  N4     . DC  A 1 1  ? 16.82123  -4.14101  1.38792   1.000 20.95628 ? 1   DC  B N4     1 
ATOM   15  C  C5     . DC  A 1 1  ? 16.35378  -4.49789  3.71168   1.000 19.82002 ? 1   DC  B C5     1 
ATOM   16  C  C6     . DC  A 1 1  ? 16.34647  -3.96382  4.94115   1.000 20.99718 ? 1   DC  B C6     1 
ATOM   17  H  "H5'"  . DC  A 1 1  ? 17.49771  -4.34108  10.11618  1.000 26.91427 ? 1   DC  B "H5'"  1 
ATOM   18  H  "H5''" . DC  A 1 1  ? 16.70979  -4.78059  8.81985   1.000 26.91427 ? 1   DC  B "H5''" 1 
ATOM   19  H  "H4'"  . DC  A 1 1  ? 18.02957  -2.33258  9.24067   1.000 33.17407 ? 1   DC  B "H4'"  1 
ATOM   20  H  "H3'"  . DC  A 1 1  ? 15.44074  -2.77379  9.36017   1.000 30.91781 ? 1   DC  B "H3'"  1 
ATOM   21  H  "H2'"  . DC  A 1 1  ? 15.06940  -3.13474  7.17018   1.000 30.62112 ? 1   DC  B "H2'"  1 
ATOM   22  H  "H2''" . DC  A 1 1  ? 14.84810  -1.57122  7.19937   1.000 30.62112 ? 1   DC  B "H2''" 1 
ATOM   23  H  "H1'"  . DC  A 1 1  ? 16.92268  -1.13376  6.45055   1.000 27.26299 ? 1   DC  B "H1'"  1 
ATOM   24  H  H41    . DC  A 1 1  ? 16.57561  -4.94932  1.22696   1.000 25.16204 ? 1   DC  B H41    1 
ATOM   25  H  H42    . DC  A 1 1  ? 17.09111  -3.63751  0.74507   1.000 25.16204 ? 1   DC  B H42    1 
ATOM   26  H  H5     . DC  A 1 1  ? 16.08808  -5.37735  3.56724   1.000 23.79853 ? 1   DC  B H5     1 
ATOM   27  H  H6     . DC  A 1 1  ? 16.05871  -4.47645  5.66178   1.000 25.21111 ? 1   DC  B H6     1 
ATOM   28  H  "HO5'" . DC  A 1 1  ? 18.93227  -4.73515  7.87407   1.000 54.96745 ? 1   DC  B "HO5'" 1 
ATOM   29  P  P      . DG  A 1 2  ? 14.81879  -0.11350  9.72825   1.000 28.11099 ? 2   DG  B P      1 
ATOM   30  O  OP1    . DG  A 1 2  ? 15.21078  0.77888   10.84258  1.000 34.13082 ? 2   DG  B OP1    1 
ATOM   31  O  OP2    . DG  A 1 2  ? 13.72730  -1.10087  9.90416   1.000 25.59199 ? 2   DG  B OP2    1 
ATOM   32  O  "O5'"  . DG  A 1 2  ? 14.50369  0.82855   8.49481   1.000 24.06190 ? 2   DG  B "O5'"  1 
ATOM   33  C  "C5'"  . DG  A 1 2  ? 15.48722  1.75673   8.10355   1.000 24.48497 ? 2   DG  B "C5'"  1 
ATOM   34  C  "C4'"  . DG  A 1 2  ? 14.99025  2.62779   6.98944   1.000 22.70477 ? 2   DG  B "C4'"  1 
ATOM   35  O  "O4'"  . DG  A 1 2  ? 15.08292  1.91268   5.75044   1.000 22.90262 ? 2   DG  B "O4'"  1 
ATOM   36  C  "C3'"  . DG  A 1 2  ? 13.54449  3.09204   7.13070   1.000 23.40133 ? 2   DG  B "C3'"  1 
ATOM   37  O  "O3'"  . DG  A 1 2  ? 13.50529  4.49007   6.90117   1.000 27.67289 ? 2   DG  B "O3'"  1 
ATOM   38  C  "C2'"  . DG  A 1 2  ? 12.78523  2.25251   6.10241   1.000 20.96098 ? 2   DG  B "C2'"  1 
ATOM   39  C  "C1'"  . DG  A 1 2  ? 13.86953  1.95164   5.06623   1.000 18.61796 ? 2   DG  B "C1'"  1 
ATOM   40  N  N9     . DG  A 1 2  ? 13.75664  0.68064   4.37827   1.000 18.63380 ? 2   DG  B N9     1 
ATOM   41  C  C8     . DG  A 1 2  ? 13.42464  -0.55570  4.88550   1.000 22.05844 ? 2   DG  B C8     1 
ATOM   42  N  N7     . DG  A 1 2  ? 13.46649  -1.51403  3.97951   1.000 19.44940 ? 2   DG  B N7     1 
ATOM   43  C  C5     . DG  A 1 2  ? 13.88903  -0.85722  2.82407   1.000 16.71918 ? 2   DG  B C5     1 
ATOM   44  C  C6     . DG  A 1 2  ? 14.17837  -1.35561  1.51708   1.000 19.88844 ? 2   DG  B C6     1 
ATOM   45  O  O6     . DG  A 1 2  ? 14.05306  -2.53020  1.07210   1.000 20.02014 ? 2   DG  B O6     1 
ATOM   46  N  N1     . DG  A 1 2  ? 14.59650  -0.33722  0.66855   1.000 15.30916 ? 2   DG  B N1     1 
ATOM   47  C  C2     . DG  A 1 2  ? 14.75248  0.97803   1.03869   1.000 18.00076 ? 2   DG  B C2     1 
ATOM   48  N  N2     . DG  A 1 2  ? 15.15833  1.82362   0.09075   1.000 17.84424 ? 2   DG  B N2     1 
ATOM   49  N  N3     . DG  A 1 2  ? 14.50421  1.44585   2.25808   1.000 17.81139 ? 2   DG  B N3     1 
ATOM   50  C  C4     . DG  A 1 2  ? 14.09155  0.48334   3.08534   1.000 21.02223 ? 2   DG  B C4     1 
ATOM   51  H  "H5'"  . DG  A 1 2  ? 16.27719  1.27852   7.80664   1.000 29.39647 ? 2   DG  B "H5'"  1 
ATOM   52  H  "H5''" . DG  A 1 2  ? 15.72148  2.31271   8.86310   1.000 29.39647 ? 2   DG  B "H5''" 1 
ATOM   53  H  "H4'"  . DG  A 1 2  ? 15.55009  3.41688   6.92004   1.000 27.26023 ? 2   DG  B "H4'"  1 
ATOM   54  H  "H3'"  . DG  A 1 2  ? 13.17344  2.87933   8.00131   1.000 28.09610 ? 2   DG  B "H3'"  1 
ATOM   55  H  "H2'"  . DG  A 1 2  ? 12.43816  1.43765   6.49794   1.000 25.16767 ? 2   DG  B "H2'"  1 
ATOM   56  H  "H2''" . DG  A 1 2  ? 12.05097  2.75133   5.71132   1.000 25.16767 ? 2   DG  B "H2''" 1 
ATOM   57  H  "H1'"  . DG  A 1 2  ? 13.84509  2.67359   4.41885   1.000 22.35605 ? 2   DG  B "H1'"  1 
ATOM   58  H  H8     . DG  A 1 2  ? 13.19463  -0.70034  5.77491   1.000 26.48463 ? 2   DG  B H8     1 
ATOM   59  H  H1     . DG  A 1 2  ? 14.77039  -0.54482  -0.14771  1.000 18.38549 ? 2   DG  B H1     1 
ATOM   60  H  H21    . DG  A 1 2  ? 15.25603  2.65851   0.27241   1.000 21.42759 ? 2   DG  B H21    1 
ATOM   61  H  H22    . DG  A 1 2  ? 15.32237  1.53405   -0.70224  1.000 21.42759 ? 2   DG  B H22    1 
ATOM   62  P  P      . DC  A 1 3  ? 12.16523  5.35208   7.06756   1.000 24.78265 ? 3   DC  B P      1 
ATOM   63  O  OP1    . DC  A 1 3  ? 12.58312  6.59857   7.73693   1.000 32.24135 ? 3   DC  B OP1    1 
ATOM   64  O  OP2    . DC  A 1 3  ? 11.07527  4.52571   7.60811   1.000 27.05027 ? 3   DC  B OP2    1 
ATOM   65  O  "O5'"  . DC  A 1 3  ? 11.82504  5.74171   5.57362   1.000 23.57317 ? 3   DC  B "O5'"  1 
ATOM   66  C  "C5'"  . DC  A 1 3  ? 12.75736  6.49116   4.83492   1.000 22.24627 ? 3   DC  B "C5'"  1 
ATOM   67  C  "C4'"  . DC  A 1 3  ? 12.56934  6.23840   3.36696   1.000 18.88877 ? 3   DC  B "C4'"  1 
ATOM   68  O  "O4'"  . DC  A 1 3  ? 12.73829  4.84454   3.13214   1.000 18.41335 ? 3   DC  B "O4'"  1 
ATOM   69  C  "C3'"  . DC  A 1 3  ? 11.17290  6.57142   2.85043   1.000 21.90527 ? 3   DC  B "C3'"  1 
ATOM   70  O  "O3'"  . DC  A 1 3  ? 11.12652  7.88473   2.37709   1.000 24.95413 ? 3   DC  B "O3'"  1 
ATOM   71  C  "C2'"  . DC  A 1 3  ? 10.92930  5.54690   1.74782   1.000 21.24348 ? 3   DC  B "C2'"  1 
ATOM   72  C  "C1'"  . DC  A 1 3  ? 12.01896  4.49412   1.96466   1.000 20.30571 ? 3   DC  B "C1'"  1 
ATOM   73  N  N1     . DC  A 1 3  ? 11.51792  3.11869   2.14267   1.000 20.89302 ? 3   DC  B N1     1 
ATOM   74  C  C2     . DC  A 1 3  ? 11.59748  2.23505   1.07151   1.000 19.09092 ? 3   DC  B C2     1 
ATOM   75  O  O2     . DC  A 1 3  ? 12.03723  2.64677   -0.00979  1.000 18.83668 ? 3   DC  B O2     1 
ATOM   76  N  N3     . DC  A 1 3  ? 11.15340  0.96562   1.23665   1.000 17.78244 ? 3   DC  B N3     1 
ATOM   77  C  C4     . DC  A 1 3  ? 10.67763  0.56438   2.40593   1.000 21.50118 ? 3   DC  B C4     1 
ATOM   78  N  N4     . DC  A 1 3  ? 10.28064  -0.70398  2.51213   1.000 20.87744 ? 3   DC  B N4     1 
ATOM   79  C  C5     . DC  A 1 3  ? 10.58301  1.44846   3.51952   1.000 24.07186 ? 3   DC  B C5     1 
ATOM   80  C  C6     . DC  A 1 3  ? 11.02543  2.70616   3.34809   1.000 20.80648 ? 3   DC  B C6     1 
ATOM   81  H  "H5'"  . DC  A 1 3  ? 13.65628  6.23536   5.09454   1.000 26.71002 ? 3   DC  B "H5'"  1 
ATOM   82  H  "H5''" . DC  A 1 3  ? 12.63203  7.43523   5.01913   1.000 26.71002 ? 3   DC  B "H5''" 1 
ATOM   83  H  "H4'"  . DC  A 1 3  ? 13.22427  6.73685   2.85361   1.000 22.68102 ? 3   DC  B "H4'"  1 
ATOM   84  H  "H3'"  . DC  A 1 3  ? 10.52300  6.44084   3.55857   1.000 26.30083 ? 3   DC  B "H3'"  1 
ATOM   85  H  "H2'"  . DC  A 1 3  ? 10.04665  5.15316   1.83041   1.000 25.50667 ? 3   DC  B "H2'"  1 
ATOM   86  H  "H2''" . DC  A 1 3  ? 11.01226  5.95518   0.87185   1.000 25.50667 ? 3   DC  B "H2''" 1 
ATOM   87  H  "H1'"  . DC  A 1 3  ? 12.61400  4.52919   1.19942   1.000 24.38135 ? 3   DC  B "H1'"  1 
ATOM   88  H  H41    . DC  A 1 3  ? 9.96698   -0.99536  3.25800   1.000 25.06743 ? 3   DC  B H41    1 
ATOM   89  H  H42    . DC  A 1 3  ? 10.33824  -1.23072  1.83477   1.000 25.06743 ? 3   DC  B H42    1 
ATOM   90  H  H5     . DC  A 1 3  ? 10.22939  1.16664   4.33219   1.000 28.90073 ? 3   DC  B H5     1 
ATOM   91  H  H6     . DC  A 1 3  ? 10.99581  3.30372   4.06010   1.000 24.98227 ? 3   DC  B H6     1 
ATOM   92  P  P      . DG  A 1 4  ? 9.71310   8.54801   2.03308   1.000 29.11114 ? 4   DG  B P      1 
ATOM   93  O  OP1    . DG  A 1 4  ? 9.88664   9.99937   2.04593   1.000 29.51963 ? 4   DG  B OP1    1 
ATOM   94  O  OP2    . DG  A 1 4  ? 8.64413   7.88676   2.80906   1.000 26.59419 ? 4   DG  B OP2    1 
ATOM   95  O  "O5'"  . DG  A 1 4  ? 9.45449   8.11147   0.51975   1.000 24.21630 ? 4   DG  B "O5'"  1 
ATOM   96  C  "C5'"  . DG  A 1 4  ? 10.33168  8.52205   -0.50561  1.000 25.94874 ? 4   DG  B "C5'"  1 
ATOM   97  C  "C4'"  . DG  A 1 4  ? 9.84786   7.96201   -1.80847  1.000 27.62422 ? 4   DG  B "C4'"  1 
ATOM   98  O  "O4'"  . DG  A 1 4  ? 9.81302   6.51051   -1.70939  1.000 23.06475 ? 4   DG  B "O4'"  1 
ATOM   99  C  "C3'"  . DG  A 1 4  ? 8.43386   8.41576   -2.15200  1.000 24.27379 ? 4   DG  B "C3'"  1 
ATOM   100 O  "O3'"  . DG  A 1 4  ? 8.33339   8.72586   -3.52121  1.000 25.63748 ? 4   DG  B "O3'"  1 
ATOM   101 C  "C2'"  . DG  A 1 4  ? 7.57221   7.21096   -1.73611  1.000 25.94400 ? 4   DG  B "C2'"  1 
ATOM   102 C  "C1'"  . DG  A 1 4  ? 8.51823   6.02360   -1.93276  1.000 21.80575 ? 4   DG  B "C1'"  1 
ATOM   103 N  N9     . DG  A 1 4  ? 8.28003   4.91421   -1.01762  1.000 22.69331 ? 4   DG  B N9     1 
ATOM   104 C  C8     . DG  A 1 4  ? 7.93287   4.99551   0.30575   1.000 19.51387 ? 4   DG  B C8     1 
ATOM   105 N  N7     . DG  A 1 4  ? 7.78855   3.83502   0.87811   1.000 19.23009 ? 4   DG  B N7     1 
ATOM   106 C  C5     . DG  A 1 4  ? 8.08522   2.92170   -0.12595  1.000 19.70135 ? 4   DG  B C5     1 
ATOM   107 C  C6     . DG  A 1 4  ? 8.09402   1.51014   -0.10072  1.000 18.22211 ? 4   DG  B C6     1 
ATOM   108 O  O6     . DG  A 1 4  ? 7.84527   0.74690   0.85083   1.000 19.96604 ? 4   DG  B O6     1 
ATOM   109 N  N1     . DG  A 1 4  ? 8.45144   0.98076   -1.33448  1.000 22.37333 ? 4   DG  B N1     1 
ATOM   110 C  C2     . DG  A 1 4  ? 8.73570   1.71851   -2.44975  1.000 21.61152 ? 4   DG  B C2     1 
ATOM   111 N  N2     . DG  A 1 4  ? 9.04705   1.02850   -3.55221  1.000 20.35207 ? 4   DG  B N2     1 
ATOM   112 N  N3     . DG  A 1 4  ? 8.72735   3.03994   -2.48680  1.000 19.00638 ? 4   DG  B N3     1 
ATOM   113 C  C4     . DG  A 1 4  ? 8.39059   3.57147   -1.29650  1.000 19.65294 ? 4   DG  B C4     1 
ATOM   114 H  "H5'"  . DG  A 1 4  ? 11.22671  8.19681   -0.32112  1.000 31.15299 ? 4   DG  B "H5'"  1 
ATOM   115 H  "H5''" . DG  A 1 4  ? 10.35103  9.49074   -0.55213  1.000 31.15299 ? 4   DG  B "H5''" 1 
ATOM   116 H  "H4'"  . DG  A 1 4  ? 10.44640  8.19307   -2.53597  1.000 33.16356 ? 4   DG  B "H4'"  1 
ATOM   117 H  "H3'"  . DG  A 1 4  ? 8.18403   9.18924   -1.62264  1.000 29.14304 ? 4   DG  B "H3'"  1 
ATOM   118 H  "H2'"  . DG  A 1 4  ? 7.29024   7.28468   -0.81093  1.000 31.14730 ? 4   DG  B "H2'"  1 
ATOM   119 H  "H2''" . DG  A 1 4  ? 6.78712   7.13046   -2.30007  1.000 31.14730 ? 4   DG  B "H2''" 1 
ATOM   120 H  "H1'"  . DG  A 1 4  ? 8.44097   5.70377   -2.84525  1.000 26.18140 ? 4   DG  B "H1'"  1 
ATOM   121 H  H8     . DG  A 1 4  ? 7.81195   5.80236   0.75216   1.000 23.43114 ? 4   DG  B H8     1 
ATOM   122 H  H1     . DG  A 1 4  ? 8.49730   0.12462   -1.40166  1.000 26.86249 ? 4   DG  B H1     1 
ATOM   123 H  H21    . DG  A 1 4  ? 9.24027   1.44454   -4.27965  1.000 24.43698 ? 4   DG  B H21    1 
ATOM   124 H  H22    . DG  A 1 4  ? 9.05402   0.16873   -3.53373  1.000 24.43698 ? 4   DG  B H22    1 
ATOM   125 P  P      . DA  A 1 5  ? 6.90960   9.09125   -4.15342  1.000 28.31854 ? 5   DA  B P      1 
ATOM   126 O  OP1    . DA  A 1 5  ? 7.20076   10.16874  -5.12097  1.000 29.01734 ? 5   DA  B OP1    1 
ATOM   127 O  OP2    . DA  A 1 5  ? 5.90451   9.27037   -3.08568  1.000 24.99026 ? 5   DA  B OP2    1 
ATOM   128 O  "O5'"  . DA  A 1 5  ? 6.53796   7.73730   -4.93831  1.000 22.41044 ? 5   DA  B "O5'"  1 
ATOM   129 C  "C5'"  . DA  A 1 5  ? 7.48985   7.15378   -5.74181  1.000 22.40884 ? 5   DA  B "C5'"  1 
ATOM   130 C  "C4'"  . DA  A 1 5  ? 7.00580   5.85872   -6.36406  1.000 25.88637 ? 5   DA  B "C4'"  1 
ATOM   131 O  "O4'"  . DA  A 1 5  ? 6.97880   4.81654   -5.35227  1.000 24.58423 ? 5   DA  B "O4'"  1 
ATOM   132 C  "C3'"  . DA  A 1 5  ? 5.59847   5.90638   -6.97545  1.000 21.78028 ? 5   DA  B "C3'"  1 
ATOM   133 O  "O3'"  . DA  A 1 5  ? 5.60597   5.23590   -8.22869  1.000 22.63265 ? 5   DA  B "O3'"  1 
ATOM   134 C  "C2'"  . DA  A 1 5  ? 4.72953   5.20333   -5.93453  1.000 19.77304 ? 5   DA  B "C2'"  1 
ATOM   135 C  "C1'"  . DA  A 1 5  ? 5.68565   4.21422   -5.30015  1.000 19.45936 ? 5   DA  B "C1'"  1 
ATOM   136 N  N9     . DA  A 1 5  ? 5.37931   3.86831   -3.91723  1.000 16.20040 ? 5   DA  B N9     1 
ATOM   137 C  C8     . DA  A 1 5  ? 5.16669   4.72468   -2.86227  1.000 19.48479 ? 5   DA  B C8     1 
ATOM   138 N  N7     . DA  A 1 5  ? 4.94448   4.10526   -1.72537  1.000 22.48247 ? 5   DA  B N7     1 
ATOM   139 C  C5     . DA  A 1 5  ? 5.05589   2.75680   -2.05527  1.000 19.40928 ? 5   DA  B C5     1 
ATOM   140 C  C6     . DA  A 1 5  ? 4.93265   1.57511   -1.29211  1.000 17.38932 ? 5   DA  B C6     1 
ATOM   141 N  N6     . DA  A 1 5  ? 4.66528   1.56662   0.01935   1.000 19.84902 ? 5   DA  B N6     1 
ATOM   142 N  N1     . DA  A 1 5  ? 5.09274   0.39915   -1.92674  1.000 19.68210 ? 5   DA  B N1     1 
ATOM   143 C  C2     . DA  A 1 5  ? 5.37190   0.40237   -3.23847  1.000 20.82440 ? 5   DA  B C2     1 
ATOM   144 N  N3     . DA  A 1 5  ? 5.50588   1.44379   -4.06178  1.000 17.96404 ? 5   DA  B N3     1 
ATOM   145 C  C4     . DA  A 1 5  ? 5.33611   2.60396   -3.39624  1.000 17.93676 ? 5   DA  B C4     1 
ATOM   146 H  "H5'"  . DA  A 1 5  ? 8.27934   6.96959   -5.20917  1.000 26.90510 ? 5   DA  B "H5'"  1 
ATOM   147 H  "H5''" . DA  A 1 5  ? 7.72440   7.77337   -6.45032  1.000 26.90510 ? 5   DA  B "H5''" 1 
ATOM   148 H  "H4'"  . DA  A 1 5  ? 7.62585   5.59297   -7.06106  1.000 31.07814 ? 5   DA  B "H4'"  1 
ATOM   149 H  "H3'"  . DA  A 1 5  ? 5.29472   6.82223   -7.07471  1.000 26.15084 ? 5   DA  B "H3'"  1 
ATOM   150 H  "H2'"  . DA  A 1 5  ? 4.39043   5.83252   -5.27875  1.000 23.74215 ? 5   DA  B "H2'"  1 
ATOM   151 H  "H2''" . DA  A 1 5  ? 3.98141   4.74866   -6.35225  1.000 23.74215 ? 5   DA  B "H2''" 1 
ATOM   152 H  "H1'"  . DA  A 1 5  ? 5.68568   3.39808   -5.82439  1.000 23.36573 ? 5   DA  B "H1'"  1 
ATOM   153 H  H8     . DA  A 1 5  ? 5.17902   5.65086   -2.94557  1.000 23.39625 ? 5   DA  B H8     1 
ATOM   154 H  H61    . DA  A 1 5  ? 4.59892   0.81938   0.43985   1.000 23.83333 ? 5   DA  B H61    1 
ATOM   155 H  H62    . DA  A 1 5  ? 4.55984   2.30843   0.44151   1.000 23.83333 ? 5   DA  B H62    1 
ATOM   156 H  H2     . DA  A 1 5  ? 5.48782   -0.43465  -3.62687  1.000 25.00378 ? 5   DA  B H2     1 
ATOM   157 P  P      . DT  A 1 6  ? 4.29570   5.15710   -9.16810  1.000 22.24038 ? 6   DT  B P      1 
ATOM   158 O  OP1    . DT  A 1 6  ? 4.82547   4.95408   -10.53854 1.000 26.35904 ? 6   DT  B OP1    1 
ATOM   159 O  OP2    . DT  A 1 6  ? 3.35434   6.25471   -8.87590  1.000 20.55682 ? 6   DT  B OP2    1 
ATOM   160 O  "O5'"  . DT  A 1 6  ? 3.62988   3.78270   -8.71563  1.000 18.90145 ? 6   DT  B "O5'"  1 
ATOM   161 C  "C5'"  . DT  A 1 6  ? 4.38602   2.60138   -8.80173  1.000 20.49455 ? 6   DT  B "C5'"  1 
ATOM   162 C  "C4'"  . DT  A 1 6  ? 3.60657   1.42702   -8.25181  1.000 19.28399 ? 6   DT  B "C4'"  1 
ATOM   163 O  "O4'"  . DT  A 1 6  ? 3.51692   1.52041   -6.82500  1.000 20.59528 ? 6   DT  B "O4'"  1 
ATOM   164 C  "C3'"  . DT  A 1 6  ? 2.17397   1.30812   -8.77556  1.000 21.26393 ? 6   DT  B "C3'"  1 
ATOM   165 O  "O3'"  . DT  A 1 6  ? 2.10135   0.07790   -9.50248  1.000 19.63497 ? 6   DT  B "O3'"  1 
ATOM   166 C  "C2'"  . DT  A 1 6  ? 1.29716   1.32695   -7.49026  1.000 18.82325 ? 6   DT  B "C2'"  1 
ATOM   167 C  "C1'"  . DT  A 1 6  ? 2.30584   0.93536   -6.41906  1.000 20.37823 ? 6   DT  B "C1'"  1 
ATOM   168 N  N1     . DT  A 1 6  ? 2.04221   1.44338   -5.03888  1.000 19.51365 ? 6   DT  B N1     1 
ATOM   169 C  C2     . DT  A 1 6  ? 2.02274   0.54090   -3.99256  1.000 19.09880 ? 6   DT  B C2     1 
ATOM   170 O  O2     . DT  A 1 6  ? 2.13161   -0.66952  -4.15160  1.000 20.18695 ? 6   DT  B O2     1 
ATOM   171 N  N3     . DT  A 1 6  ? 1.86277   1.10594   -2.75145  1.000 18.89376 ? 6   DT  B N3     1 
ATOM   172 C  C4     . DT  A 1 6  ? 1.70253   2.44528   -2.47090  1.000 20.34563 ? 6   DT  B C4     1 
ATOM   173 O  O4     . DT  A 1 6  ? 1.57079   2.86005   -1.33215  1.000 21.21239 ? 6   DT  B O4     1 
ATOM   174 C  C5     . DT  A 1 6  ? 1.75571   3.33484   -3.60436  1.000 16.60373 ? 6   DT  B C5     1 
ATOM   175 C  C7     . DT  A 1 6  ? 1.61698   4.82069   -3.40217  1.000 19.39855 ? 6   DT  B C7     1 
ATOM   176 C  C6     . DT  A 1 6  ? 1.93702   2.79908   -4.82172  1.000 18.27892 ? 6   DT  B C6     1 
ATOM   177 P  P      . DA  A 1 7  ? 0.73150   -0.48711  -10.12676 1.000 20.01424 ? 7   DA  B P      1 
ATOM   178 O  OP1    . DA  A 1 7  ? 1.15548   -1.35436  -11.27590 1.000 20.26670 ? 7   DA  B OP1    1 
ATOM   179 O  OP2    . DA  A 1 7  ? -0.21561  0.63271   -10.32832 1.000 16.21678 ? 7   DA  B OP2    1 
ATOM   180 O  "O5'"  . DA  A 1 7  ? 0.17913   -1.37689  -8.94678  1.000 22.48621 ? 7   DA  B "O5'"  1 
ATOM   181 C  "C5'"  . DA  A 1 7  ? 0.94579   -2.47389  -8.49728  1.000 22.36862 ? 7   DA  B "C5'"  1 
ATOM   182 C  "C4'"  . DA  A 1 7  ? 0.23206   -3.15118  -7.36002  1.000 21.89660 ? 7   DA  B "C4'"  1 
ATOM   183 O  "O4'"  . DA  A 1 7  ? 0.19834   -2.26935  -6.20698  1.000 18.77225 ? 7   DA  B "O4'"  1 
ATOM   184 C  "C3'"  . DA  A 1 7  ? -1.21707  -3.51726  -7.67349  1.000 21.52277 ? 7   DA  B "C3'"  1 
ATOM   185 O  "O3'"  . DA  A 1 7  ? -1.37989  -4.91517  -7.51104  1.000 20.66078 ? 7   DA  B "O3'"  1 
ATOM   186 C  "C2'"  . DA  A 1 7  ? -2.06997  -2.69217  -6.66671  1.000 19.73383 ? 7   DA  B "C2'"  1 
ATOM   187 C  "C1'"  . DA  A 1 7  ? -1.06183  -2.41361  -5.55828  1.000 21.03398 ? 7   DA  B "C1'"  1 
ATOM   188 N  N9     . DA  A 1 7  ? -1.28369  -1.20693  -4.76210  1.000 17.82626 ? 7   DA  B N9     1 
ATOM   189 C  C8     . DA  A 1 7  ? -1.25883  0.09026   -5.18949  1.000 16.44322 ? 7   DA  B C8     1 
ATOM   190 N  N7     . DA  A 1 7  ? -1.43623  0.96976   -4.22519  1.000 17.34922 ? 7   DA  B N7     1 
ATOM   191 C  C5     . DA  A 1 7  ? -1.56138  0.18995   -3.08458  1.000 19.65165 ? 7   DA  B C5     1 
ATOM   192 C  C6     . DA  A 1 7  ? -1.74511  0.51391   -1.72182  1.000 19.98379 ? 7   DA  B C6     1 
ATOM   193 N  N6     . DA  A 1 7  ? -1.86854  1.77163   -1.26848  1.000 21.36146 ? 7   DA  B N6     1 
ATOM   194 N  N1     . DA  A 1 7  ? -1.82718  -0.51013  -0.84360  1.000 19.50337 ? 7   DA  B N1     1 
ATOM   195 C  C2     . DA  A 1 7  ? -1.72886  -1.76258  -1.30051  1.000 18.26883 ? 7   DA  B C2     1 
ATOM   196 N  N3     . DA  A 1 7  ? -1.56162  -2.18599  -2.54646  1.000 15.04958 ? 7   DA  B N3     1 
ATOM   197 C  C4     . DA  A 1 7  ? -1.45912  -1.15046  -3.39572  1.000 17.92754 ? 7   DA  B C4     1 
ATOM   198 P  P      . DT  A 1 8  ? -2.79930  -5.60432  -7.79619  1.000 21.95737 ? 8   DT  B P      1 
ATOM   199 O  OP1    . DT  A 1 8  ? -2.55754  -6.98924  -8.28141  1.000 22.55139 ? 8   DT  B OP1    1 
ATOM   200 O  OP2    . DT  A 1 8  ? -3.62477  -4.65817  -8.56984  1.000 21.29992 ? 8   DT  B OP2    1 
ATOM   201 O  "O5'"  . DT  A 1 8  ? -3.44700  -5.68812  -6.36020  1.000 22.14716 ? 8   DT  B "O5'"  1 
ATOM   202 C  "C5'"  . DT  A 1 8  ? -2.78587  -6.34563  -5.34417  1.000 15.83117 ? 8   DT  B "C5'"  1 
ATOM   203 C  "C4'"  . DT  A 1 8  ? -3.50791  -6.17735  -4.02019  1.000 21.75992 ? 8   DT  B "C4'"  1 
ATOM   204 O  "O4'"  . DT  A 1 8  ? -3.45866  -4.79158  -3.61342  1.000 19.51907 ? 8   DT  B "O4'"  1 
ATOM   205 C  "C3'"  . DT  A 1 8  ? -4.99051  -6.55777  -4.02802  1.000 19.37339 ? 8   DT  B "C3'"  1 
ATOM   206 O  "O3'"  . DT  A 1 8  ? -5.10747  -7.72169  -3.26992  1.000 23.23698 ? 8   DT  B "O3'"  1 
ATOM   207 C  "C2'"  . DT  A 1 8  ? -5.72694  -5.33230  -3.42811  1.000 19.88096 ? 8   DT  B "C2'"  1 
ATOM   208 C  "C1'"  . DT  A 1 8  ? -4.59436  -4.52535  -2.80549  1.000 20.11372 ? 8   DT  B "C1'"  1 
ATOM   209 N  N1     . DT  A 1 8  ? -4.79015  -3.05167  -2.76969  1.000 18.65291 ? 8   DT  B N1     1 
ATOM   210 C  C2     . DT  A 1 8  ? -4.88516  -2.39453  -1.54657  1.000 20.83798 ? 8   DT  B C2     1 
ATOM   211 O  O2     . DT  A 1 8  ? -4.88122  -2.95679  -0.47062  1.000 20.45314 ? 8   DT  B O2     1 
ATOM   212 N  N3     . DT  A 1 8  ? -5.03537  -1.04197  -1.63266  1.000 21.56257 ? 8   DT  B N3     1 
ATOM   213 C  C4     . DT  A 1 8  ? -5.07795  -0.27451  -2.76391  1.000 17.36972 ? 8   DT  B C4     1 
ATOM   214 O  O4     . DT  A 1 8  ? -5.19484  0.93959   -2.71247  1.000 16.25654 ? 8   DT  B O4     1 
ATOM   215 C  C5     . DT  A 1 8  ? -4.95919  -0.99657  -4.01508  1.000 19.35879 ? 8   DT  B C5     1 
ATOM   216 C  C7     . DT  A 1 8  ? -4.98852  -0.25089  -5.31215  1.000 21.05890 ? 8   DT  B C7     1 
ATOM   217 C  C6     . DT  A 1 8  ? -4.81543  -2.34097  -3.96090  1.000 20.86318 ? 8   DT  B C6     1 
ATOM   218 H  "H5'"  . DT  A 1 8  ? -1.88797  -5.98733  -5.26471  1.000 19.01190 ? 8   DT  B "H5'"  1 
ATOM   219 H  "H5''" . DT  A 1 8  ? -2.73119  -7.28996  -5.55900  1.000 19.01190 ? 8   DT  B "H5''" 1 
ATOM   220 H  "H4'"  . DT  A 1 8  ? -3.05692  -6.71426  -3.34995  1.000 26.12640 ? 8   DT  B "H4'"  1 
ATOM   221 H  "H3'"  . DT  A 1 8  ? -5.33787  -6.66944  -4.92679  1.000 23.26256 ? 8   DT  B "H3'"  1 
ATOM   222 H  "H2'"  . DT  A 1 8  ? -6.18201  -4.82414  -4.11775  1.000 23.87165 ? 8   DT  B "H2'"  1 
ATOM   223 H  "H2''" . DT  A 1 8  ? -6.37332  -5.60469  -2.75812  1.000 23.87165 ? 8   DT  B "H2''" 1 
ATOM   224 H  "H1'"  . DT  A 1 8  ? -4.46448  -4.83202  -1.89446  1.000 24.15097 ? 8   DT  B "H1'"  1 
ATOM   225 H  H3     . DT  A 1 8  ? -5.11253  -0.62129  -0.88655  1.000 25.88959 ? 8   DT  B H3     1 
ATOM   226 H  H71    . DT  A 1 8  ? -4.18868  -0.46475  -5.81753  1.000 25.28518 ? 8   DT  B H71    1 
ATOM   227 H  H72    . DT  A 1 8  ? -5.77636  -0.51689  -5.81161  1.000 25.28518 ? 8   DT  B H72    1 
ATOM   228 H  H73    . DT  A 1 8  ? -5.01911  0.70108   -5.12852  1.000 25.28518 ? 8   DT  B H73    1 
ATOM   229 H  H6     . DT  A 1 8  ? -4.72961  -2.81030  -4.75919  1.000 25.05031 ? 8   DT  B H6     1 
ATOM   230 P  P      . DC  A 1 9  ? -6.51772  -8.33689  -2.80765  1.000 24.74013 ? 9   DC  B P      1 
ATOM   231 O  OP1    . DC  A 1 9  ? -6.25828  -9.77387  -2.56584  1.000 26.19814 ? 9   DC  B OP1    1 
ATOM   232 O  OP2    . DC  A 1 9  ? -7.62698  -7.86348  -3.65001  1.000 23.47187 ? 9   DC  B OP2    1 
ATOM   233 O  "O5'"  . DC  A 1 9  ? -6.80530  -7.64650  -1.40132  1.000 23.37825 ? 9   DC  B "O5'"  1 
ATOM   234 C  "C5'"  . DC  A 1 9  ? -5.84368  -7.71327  -0.36736  1.000 25.80687 ? 9   DC  B "C5'"  1 
ATOM   235 C  "C4'"  . DC  A 1 9  ? -6.36398  -7.01215  0.87097   1.000 22.45590 ? 9   DC  B "C4'"  1 
ATOM   236 O  "O4'"  . DC  A 1 9  ? -6.54227  -5.62023  0.58445   1.000 22.71912 ? 9   DC  B "O4'"  1 
ATOM   237 C  "C3'"  . DC  A 1 9  ? -7.70374  -7.50839  1.39246   1.000 25.07568 ? 9   DC  B "C3'"  1 
ATOM   238 O  "O3'"  . DC  A 1 9  ? -7.54638  -7.80246  2.75932   1.000 27.21673 ? 9   DC  B "O3'"  1 
ATOM   239 C  "C2'"  . DC  A 1 9  ? -8.67848  -6.34473  1.12020   1.000 21.56757 ? 9   DC  B "C2'"  1 
ATOM   240 C  "C1'"  . DC  A 1 9  ? -7.74753  -5.14933  1.13174   1.000 20.76581 ? 9   DC  B "C1'"  1 
ATOM   241 N  N1     . DC  A 1 9  ? -8.08827  -4.00394  0.28319   1.000 19.79683 ? 9   DC  B N1     1 
ATOM   242 C  C2     . DC  A 1 9  ? -8.17589  -2.72725  0.85280   1.000 22.49978 ? 9   DC  B C2     1 
ATOM   243 O  O2     . DC  A 1 9  ? -8.09635  -2.60450  2.08937   1.000 19.24711 ? 9   DC  B O2     1 
ATOM   244 N  N3     . DC  A 1 9  ? -8.38032  -1.66303  0.03875   1.000 20.69723 ? 9   DC  B N3     1 
ATOM   245 C  C4     . DC  A 1 9  ? -8.44019  -1.83456  -1.28563  1.000 18.83874 ? 9   DC  B C4     1 
ATOM   246 N  N4     . DC  A 1 9  ? -8.62429  -0.75777  -2.03656  1.000 22.57117 ? 9   DC  B N4     1 
ATOM   247 C  C5     . DC  A 1 9  ? -8.32454  -3.12611  -1.89274  1.000 17.87302 ? 9   DC  B C5     1 
ATOM   248 C  C6     . DC  A 1 9  ? -8.12917  -4.16840  -1.07893  1.000 19.78511 ? 9   DC  B C6     1 
ATOM   249 H  "H5'"  . DC  A 1 9  ? -5.02400  -7.28534  -0.66046  1.000 30.98274 ? 9   DC  B "H5'"  1 
ATOM   250 H  "H5''" . DC  A 1 9  ? -5.65782  -8.64212  -0.15859  1.000 30.98274 ? 9   DC  B "H5''" 1 
ATOM   251 H  "H4'"  . DC  A 1 9  ? -5.71127  -7.10581  1.58237   1.000 26.96158 ? 9   DC  B "H4'"  1 
ATOM   252 H  "H3'"  . DC  A 1 9  ? -8.02323  -8.27693  0.89429   1.000 30.10531 ? 9   DC  B "H3'"  1 
ATOM   253 H  "H2'"  . DC  A 1 9  ? -9.11847  -6.44373  0.26142   1.000 25.89558 ? 9   DC  B "H2'"  1 
ATOM   254 H  "H2''" . DC  A 1 9  ? -9.35254  -6.27645  1.81438   1.000 25.89558 ? 9   DC  B "H2''" 1 
ATOM   255 H  "H1'"  . DC  A 1 9  ? -7.69855  -4.85860  2.05585   1.000 24.93347 ? 9   DC  B "H1'"  1 
ATOM   256 H  H41    . DC  A 1 9  ? -8.66758  -0.83251  -2.89221  1.000 27.09990 ? 9   DC  B H41    1 
ATOM   257 H  H42    . DC  A 1 9  ? -8.70043  0.01556   -1.66809  1.000 27.09990 ? 9   DC  B H42    1 
ATOM   258 H  H5     . DC  A 1 9  ? -8.38288  -3.23528  -2.81447  1.000 21.46212 ? 9   DC  B H5     1 
ATOM   259 H  H6     . DC  A 1 9  ? -8.01930  -5.01789  -1.44112  1.000 23.75663 ? 9   DC  B H6     1 
ATOM   260 P  P      . DG  A 1 10 ? -8.55361  -8.78003  3.50808   1.000 30.58964 ? 10  DG  B P      1 
ATOM   261 O  OP1    . DG  A 1 10 ? -7.82449  -9.16307  4.73614   1.000 34.88864 ? 10  DG  B OP1    1 
ATOM   262 O  OP2    . DG  A 1 10 ? -9.18039  -9.75470  2.59914   1.000 27.02417 ? 10  DG  B OP2    1 
ATOM   263 O  "O5'"  . DG  A 1 10 ? -9.72541  -7.77619  3.92554   1.000 29.75771 ? 10  DG  B "O5'"  1 
ATOM   264 C  "C5'"  . DG  A 1 10 ? -9.43150  -6.76470  4.83680   1.000 26.03753 ? 10  DG  B "C5'"  1 
ATOM   265 C  "C4'"  . DG  A 1 10 ? -10.53536 -5.72731  4.86207   1.000 30.31744 ? 10  DG  B "C4'"  1 
ATOM   266 O  "O4'"  . DG  A 1 10 ? -10.50297 -4.89998  3.66702   1.000 25.51153 ? 10  DG  B "O4'"  1 
ATOM   267 C  "C3'"  . DG  A 1 10 ? -11.95202 -6.29835  4.91373   1.000 28.28392 ? 10  DG  B "C3'"  1 
ATOM   268 O  "O3'"  . DG  A 1 10 ? -12.67189 -5.50139  5.80924   1.000 31.02224 ? 10  DG  B "O3'"  1 
ATOM   269 C  "C2'"  . DG  A 1 10 ? -12.43596 -6.12975  3.47599   1.000 24.09196 ? 10  DG  B "C2'"  1 
ATOM   270 C  "C1'"  . DG  A 1 10 ? -11.83614 -4.77250  3.21301   1.000 28.57110 ? 10  DG  B "C1'"  1 
ATOM   271 N  N9     . DG  A 1 10 ? -11.82943 -4.28013  1.85281   1.000 22.71254 ? 10  DG  B N9     1 
ATOM   272 C  C8     . DG  A 1 10 ? -11.82097 -4.98409  0.66479   1.000 26.39837 ? 10  DG  B C8     1 
ATOM   273 N  N7     . DG  A 1 10 ? -11.74165 -4.20131  -0.38748  1.000 21.73441 ? 10  DG  B N7     1 
ATOM   274 C  C5     . DG  A 1 10 ? -11.70243 -2.91303  0.15444   1.000 17.12323 ? 10  DG  B C5     1 
ATOM   275 C  C6     . DG  A 1 10 ? -11.64471 -1.64950  -0.47123  1.000 20.92203 ? 10  DG  B C6     1 
ATOM   276 O  O6     . DG  A 1 10 ? -11.60493 -1.39120  -1.68750  1.000 20.63902 ? 10  DG  B O6     1 
ATOM   277 N  N1     . DG  A 1 10 ? -11.62601 -0.61030  0.46735   1.000 18.14879 ? 10  DG  B N1     1 
ATOM   278 C  C2     . DG  A 1 10 ? -11.66278 -0.78101  1.83098   1.000 20.48793 ? 10  DG  B C2     1 
ATOM   279 N  N2     . DG  A 1 10 ? -11.60539 0.33191   2.59224   1.000 20.94513 ? 10  DG  B N2     1 
ATOM   280 N  N3     . DG  A 1 10 ? -11.71856 -1.95583  2.41743   1.000 21.43756 ? 10  DG  B N3     1 
ATOM   281 C  C4     . DG  A 1 10 ? -11.74545 -2.96648  1.52406   1.000 21.73099 ? 10  DG  B C4     1 
ATOM   282 H  "H5'"  . DG  A 1 10 ? -8.59759  -6.33858  4.58398   1.000 31.25954 ? 10  DG  B "H5'"  1 
ATOM   283 H  "H5''" . DG  A 1 10 ? -9.33382  -7.14970  5.72175   1.000 31.25954 ? 10  DG  B "H5''" 1 
ATOM   284 H  "H4'"  . DG  A 1 10 ? -10.38528 -5.15118  5.62788   1.000 36.39543 ? 10  DG  B "H4'"  1 
ATOM   285 H  "H3'"  . DG  A 1 10 ? -11.97584 -7.23874  5.15038   1.000 33.95520 ? 10  DG  B "H3'"  1 
ATOM   286 H  "H2'"  . DG  A 1 10 ? -12.08166 -6.81169  2.88411   1.000 28.92485 ? 10  DG  B "H2'"  1 
ATOM   287 H  "H2''" . DG  A 1 10 ? -13.40367 -6.12564  3.40954   1.000 28.92485 ? 10  DG  B "H2''" 1 
ATOM   288 H  "H1'"  . DG  A 1 10 ? -12.33977 -4.11392  3.71651   1.000 34.29982 ? 10  DG  B "H1'"  1 
ATOM   289 H  H8     . DG  A 1 10 ? -11.86649 -5.91164  0.61495   1.000 31.69254 ? 10  DG  B H8     1 
ATOM   290 H  H1     . DG  A 1 10 ? -11.58872 0.19515   0.16823   1.000 21.79305 ? 10  DG  B H1     1 
ATOM   291 H  H21    . DG  A 1 10 ? -11.60564 0.26678   3.44978   1.000 25.14865 ? 10  DG  B H21    1 
ATOM   292 H  H22    . DG  A 1 10 ? -11.56858 1.10621   2.21983   1.000 25.14865 ? 10  DG  B H22    1 
ATOM   293 P  P      . DC  A 1 11 ? -13.22976 -6.10928  7.17624   1.000 32.56780 ? 11  DC  B P      1 
ATOM   294 O  OP1    . DC  A 1 11 ? -12.12798 -6.88699  7.79439   1.000 35.42782 ? 11  DC  B OP1    1 
ATOM   295 O  OP2    . DC  A 1 11 ? -14.55095 -6.72804  6.94617   1.000 29.77938 ? 11  DC  B OP2    1 
ATOM   296 O  "O5'"  . DC  A 1 11 ? -13.47616 -4.77873  8.01919   1.000 25.50222 ? 11  DC  B "O5'"  1 
ATOM   297 C  "C5'"  . DC  A 1 11 ? -12.39773 -3.98090  8.41671   1.000 25.67637 ? 11  DC  B "C5'"  1 
ATOM   298 C  "C4'"  . DC  A 1 11 ? -12.70429 -2.52542  8.14529   1.000 26.71181 ? 11  DC  B "C4'"  1 
ATOM   299 O  "O4'"  . DC  A 1 11 ? -12.80391 -2.29239  6.72577   1.000 24.03558 ? 11  DC  B "O4'"  1 
ATOM   300 C  "C3'"  . DC  A 1 11 ? -13.99165 -1.99101  8.75118   1.000 23.52298 ? 11  DC  B "C3'"  1 
ATOM   301 O  "O3'"  . DC  A 1 11 ? -13.70560 -0.80983  9.42540   1.000 27.46847 ? 11  DC  B "O3'"  1 
ATOM   302 C  "C2'"  . DC  A 1 11 ? -14.92820 -1.77784  7.56554   1.000 27.68510 ? 11  DC  B "C2'"  1 
ATOM   303 C  "C1'"  . DC  A 1 11 ? -13.94930 -1.52699  6.43151   1.000 21.35331 ? 11  DC  B "C1'"  1 
ATOM   304 N  N1     . DC  A 1 11 ? -14.38042 -1.90441  5.10029   1.000 21.94354 ? 11  DC  B N1     1 
ATOM   305 C  C2     . DC  A 1 11 ? -14.62121 -0.89684  4.17906   1.000 20.66354 ? 11  DC  B C2     1 
ATOM   306 O  O2     . DC  A 1 11 ? -14.48229 0.27246   4.54154   1.000 19.02474 ? 11  DC  B O2     1 
ATOM   307 N  N3     . DC  A 1 11 ? -14.93406 -1.22873  2.90472   1.000 20.10819 ? 11  DC  B N3     1 
ATOM   308 C  C4     . DC  A 1 11 ? -15.05635 -2.51530  2.56449   1.000 20.82641 ? 11  DC  B C4     1 
ATOM   309 N  N4     . DC  A 1 11 ? -15.37107 -2.79698  1.30805   1.000 21.63714 ? 11  DC  B N4     1 
ATOM   310 C  C5     . DC  A 1 11 ? -14.83018 -3.56760  3.50369   1.000 24.92648 ? 11  DC  B C5     1 
ATOM   311 C  C6     . DC  A 1 11 ? -14.49051 -3.21693  4.75370   1.000 23.30684 ? 11  DC  B C6     1 
ATOM   312 H  "H5'"  . DC  A 1 11 ? -11.60401 -4.24137  7.92369   1.000 30.82614 ? 11  DC  B "H5'"  1 
ATOM   313 H  "H5''" . DC  A 1 11 ? -12.23565 -4.10565  9.36489   1.000 30.82614 ? 11  DC  B "H5''" 1 
ATOM   314 H  "H4'"  . DC  A 1 11 ? -11.96786 -1.99577  8.48887   1.000 32.06867 ? 11  DC  B "H4'"  1 
ATOM   315 H  "H3'"  . DC  A 1 11 ? -14.39377 -2.65312  9.33498   1.000 28.24208 ? 11  DC  B "H3'"  1 
ATOM   316 H  "H2'"  . DC  A 1 11 ? -15.47181 -2.56342  7.39740   1.000 33.23662 ? 11  DC  B "H2'"  1 
ATOM   317 H  "H2''" . DC  A 1 11 ? -15.51060 -1.01504  7.70643   1.000 33.23662 ? 11  DC  B "H2''" 1 
ATOM   318 H  "H1'"  . DC  A 1 11 ? -13.75754 -0.57613  6.42877   1.000 25.63848 ? 11  DC  B "H1'"  1 
ATOM   319 H  H41    . DC  A 1 11 ? -15.45672 -3.61579  1.05943   1.000 25.97906 ? 11  DC  B H41    1 
ATOM   320 H  H42    . DC  A 1 11 ? -15.48961 -2.16093  0.74149   1.000 25.97906 ? 11  DC  B H42    1 
ATOM   321 H  H5     . DC  A 1 11 ? -14.91501 -4.46068  3.25850   1.000 29.92627 ? 11  DC  B H5     1 
ATOM   322 H  H6     . DC  A 1 11 ? -14.32875 -3.87632  5.38927   1.000 27.98271 ? 11  DC  B H6     1 
ATOM   323 P  P      . DG  A 1 12 ? -14.72904 -0.26216  10.53432  1.000 28.28585 ? 12  DG  B P      1 
ATOM   324 O  OP1    . DG  A 1 12 ? -13.95345 0.68102   11.37248  1.000 22.89523 ? 12  DG  B OP1    1 
ATOM   325 O  OP2    . DG  A 1 12 ? -15.49434 -1.39867  11.08854  1.000 31.28101 ? 12  DG  B OP2    1 
ATOM   326 O  "O5'"  . DG  A 1 12 ? -15.76990 0.59362   9.71286   1.000 30.99891 ? 12  DG  B "O5'"  1 
ATOM   327 C  "C5'"  . DG  A 1 12 ? -15.40649 1.86858   9.24233   1.000 25.56245 ? 12  DG  B "C5'"  1 
ATOM   328 C  "C4'"  . DG  A 1 12 ? -16.59568 2.52047   8.56601   1.000 23.58499 ? 12  DG  B "C4'"  1 
ATOM   329 O  "O4'"  . DG  A 1 12 ? -16.73371 2.08687   7.21316   1.000 21.14525 ? 12  DG  B "O4'"  1 
ATOM   330 C  "C3'"  . DG  A 1 12 ? -17.92691 2.25762   9.26868   1.000 23.97288 ? 12  DG  B "C3'"  1 
ATOM   331 O  "O3'"  . DG  A 1 12 ? -18.36279 3.43977   9.92160   1.000 25.65403 ? 12  DG  B "O3'"  1 
ATOM   332 C  "C2'"  . DG  A 1 12 ? -18.88941 1.80794   8.16613   1.000 18.25896 ? 12  DG  B "C2'"  1 
ATOM   333 C  "C1'"  . DG  A 1 12 ? -18.09510 1.87488   6.87409   1.000 17.89263 ? 12  DG  B "C1'"  1 
ATOM   334 N  N9     . DG  A 1 12 ? -18.16754 0.70346   6.01865   1.000 20.52736 ? 12  DG  B N9     1 
ATOM   335 C  C8     . DG  A 1 12 ? -18.03555 -0.61235  6.36199   1.000 20.92430 ? 12  DG  B C8     1 
ATOM   336 N  N7     . DG  A 1 12 ? -18.02616 -1.42157  5.32533   1.000 19.51090 ? 12  DG  B N7     1 
ATOM   337 C  C5     . DG  A 1 12 ? -18.11502 -0.56081  4.23400   1.000 20.43099 ? 12  DG  B C5     1 
ATOM   338 C  C6     . DG  A 1 12 ? -18.13525 -0.82537  2.84007   1.000 20.01307 ? 12  DG  B C6     1 
ATOM   339 O  O6     . DG  A 1 12 ? -18.09027 -1.92583  2.25804   1.000 20.72812 ? 12  DG  B O6     1 
ATOM   340 N  N1     . DG  A 1 12 ? -18.22131 0.35258   2.09198   1.000 20.43611 ? 12  DG  B N1     1 
ATOM   341 C  C2     . DG  A 1 12 ? -18.26957 1.61843   2.62398   1.000 19.18345 ? 12  DG  B C2     1 
ATOM   342 N  N2     . DG  A 1 12 ? -18.34599 2.63935   1.74984   1.000 18.98279 ? 12  DG  B N2     1 
ATOM   343 N  N3     . DG  A 1 12 ? -18.22760 1.87252   3.91917   1.000 19.80961 ? 12  DG  B N3     1 
ATOM   344 C  C4     . DG  A 1 12 ? -18.16553 0.74514   4.65775   1.000 18.86656 ? 12  DG  B C4     1 
ATOM   345 H  "H5'"  . DG  A 1 12 ? -14.67797 1.78461   8.60742   1.000 30.68944 ? 12  DG  B "H5'"  1 
ATOM   346 H  "H5''" . DG  A 1 12 ? -15.11502 2.41816   9.98658   1.000 30.68944 ? 12  DG  B "H5''" 1 
ATOM   347 H  "H4'"  . DG  A 1 12 ? -16.44508 3.47741   8.51604   1.000 28.31649 ? 12  DG  B "H4'"  1 
ATOM   348 H  "H3'"  . DG  A 1 12 ? -17.82224 1.52372   9.89426   1.000 28.78196 ? 12  DG  B "H3'"  1 
ATOM   349 H  "HO3'" . DG  A 1 12 ? -17.87197 3.80811   10.49520  1.000 30.79934 ? 12  DG  B "HO3'" 1 
ATOM   350 H  "H2'"  . DG  A 1 12 ? -19.19562 0.90234   8.33055   1.000 21.92525 ? 12  DG  B "H2'"  1 
ATOM   351 H  "H2''" . DG  A 1 12 ? -19.65785 2.39837   8.12389   1.000 21.92525 ? 12  DG  B "H2''" 1 
ATOM   352 H  "H1'"  . DG  A 1 12 ? -18.43200 2.63842   6.37969   1.000 21.48565 ? 12  DG  B "H1'"  1 
ATOM   353 H  H8     . DG  A 1 12 ? -17.95989 -0.90640  7.24103   1.000 25.12366 ? 12  DG  B H8     1 
ATOM   354 H  H1     . DG  A 1 12 ? -18.24586 0.27943   1.23544   1.000 24.53783 ? 12  DG  B H1     1 
ATOM   355 H  H21    . DG  A 1 12 ? -18.36715 3.44998   2.03623   1.000 22.79385 ? 12  DG  B H21    1 
ATOM   356 H  H22    . DG  A 1 12 ? -18.37365 2.48091   0.90501   1.000 22.79385 ? 12  DG  B H22    1 
ATOM   357 O  "O5'"  . DC  B 1 1  ? -21.75331 0.38228   -6.01565  1.000 46.41968 ? 13  DC  C "O5'"  1 
ATOM   358 C  "C5'"  . DC  B 1 1  ? -20.69024 1.10649   -6.59862  1.000 31.76565 ? 13  DC  C "C5'"  1 
ATOM   359 C  "C4'"  . DC  B 1 1  ? -20.32408 2.30036   -5.73375  1.000 31.33795 ? 13  DC  C "C4'"  1 
ATOM   360 O  "O4'"  . DC  B 1 1  ? -20.27291 1.89804   -4.33186  1.000 27.01991 ? 13  DC  C "O4'"  1 
ATOM   361 C  "C3'"  . DC  B 1 1  ? -18.97299 2.90979   -6.04837  1.000 28.17725 ? 13  DC  C "C3'"  1 
ATOM   362 O  "O3'"  . DC  B 1 1  ? -19.07987 4.29489   -6.00418  1.000 30.51217 ? 13  DC  C "O3'"  1 
ATOM   363 C  "C2'"  . DC  B 1 1  ? -18.05035 2.34195   -4.97358  1.000 25.92492 ? 13  DC  C "C2'"  1 
ATOM   364 C  "C1'"  . DC  B 1 1  ? -18.98169 2.12013   -3.79260  1.000 25.31883 ? 13  DC  C "C1'"  1 
ATOM   365 N  N1     . DC  B 1 1  ? -18.65524 0.93200   -2.96641  1.000 23.21481 ? 13  DC  C N1     1 
ATOM   366 C  C2     . DC  B 1 1  ? -18.49422 1.05601   -1.58390  1.000 23.00497 ? 13  DC  C C2     1 
ATOM   367 O  O2     . DC  B 1 1  ? -18.58372 2.17827   -1.06213  1.000 24.83422 ? 13  DC  C O2     1 
ATOM   368 N  N3     . DC  B 1 1  ? -18.23852 -0.05678  -0.85170  1.000 20.20359 ? 13  DC  C N3     1 
ATOM   369 C  C4     . DC  B 1 1  ? -18.15511 -1.24709  -1.45763  1.000 21.51082 ? 13  DC  C C4     1 
ATOM   370 N  N4     . DC  B 1 1  ? -17.90449 -2.31945  -0.70900  1.000 21.17282 ? 13  DC  C N4     1 
ATOM   371 C  C5     . DC  B 1 1  ? -18.32506 -1.38876  -2.86100  1.000 25.25231 ? 13  DC  C C5     1 
ATOM   372 C  C6     . DC  B 1 1  ? -18.58580 -0.29357  -3.56587  1.000 27.33640 ? 13  DC  C C6     1 
ATOM   373 H  "H5'"  . DC  B 1 1  ? -20.95708 1.41670   -7.47810  1.000 38.13329 ? 13  DC  C "H5'"  1 
ATOM   374 H  "H5''" . DC  B 1 1  ? -19.91802 0.52651   -6.68918  1.000 38.13329 ? 13  DC  C "H5''" 1 
ATOM   375 H  "H4'"  . DC  B 1 1  ? -21.00668 2.98366   -5.82355  1.000 37.62003 ? 13  DC  C "H4'"  1 
ATOM   376 H  "H3'"  . DC  B 1 1  ? -18.65013 2.61406   -6.91394  1.000 33.82720 ? 13  DC  C "H3'"  1 
ATOM   377 H  "H2'"  . DC  B 1 1  ? -17.64870 1.50785   -5.26314  1.000 31.12441 ? 13  DC  C "H2'"  1 
ATOM   378 H  "H2''" . DC  B 1 1  ? -17.34631 2.97059   -4.74992  1.000 31.12441 ? 13  DC  C "H2''" 1 
ATOM   379 H  "H1'"  . DC  B 1 1  ? -18.96856 2.91950   -3.24328  1.000 30.39709 ? 13  DC  C "H1'"  1 
ATOM   380 H  H41    . DC  B 1 1  ? -17.84621 -3.09542  -1.07517  1.000 25.42188 ? 13  DC  C H41    1 
ATOM   381 H  H42    . DC  B 1 1  ? -17.80091 -2.23604  0.14065   1.000 25.42188 ? 13  DC  C H42    1 
ATOM   382 H  H5     . DC  B 1 1  ? -18.25609 -2.22008  -3.27216  1.000 30.31727 ? 13  DC  C H5     1 
ATOM   383 H  H6     . DC  B 1 1  ? -18.72341 -0.36226  -4.48307  1.000 32.81818 ? 13  DC  C H6     1 
ATOM   384 H  "HO5'" . DC  B 1 1  ? -22.44523 0.79173   -5.77364  1.000 55.71811 ? 13  DC  C "HO5'" 1 
ATOM   385 P  P      . DG  B 1 2  ? -17.91029 5.22640   -6.57949  1.000 36.38354 ? 14  DG  C P      1 
ATOM   386 O  OP1    . DG  B 1 2  ? -18.62736 6.41962   -7.08243  1.000 39.59598 ? 14  DG  C OP1    1 
ATOM   387 O  OP2    . DG  B 1 2  ? -16.99892 4.45217   -7.44475  1.000 32.83644 ? 14  DG  C OP2    1 
ATOM   388 O  "O5'"  . DG  B 1 2  ? -17.11440 5.61081   -5.27247  1.000 26.23779 ? 14  DG  C "O5'"  1 
ATOM   389 C  "C5'"  . DG  B 1 2  ? -17.80520 6.26342   -4.26155  1.000 30.33456 ? 14  DG  C "C5'"  1 
ATOM   390 C  "C4'"  . DG  B 1 2  ? -16.92998 6.48544   -3.06030  1.000 23.74256 ? 14  DG  C "C4'"  1 
ATOM   391 O  "O4'"  . DG  B 1 2  ? -16.82110 5.24100   -2.31837  1.000 23.30787 ? 14  DG  C "O4'"  1 
ATOM   392 C  "C3'"  . DG  B 1 2  ? -15.50309 6.94268   -3.37530  1.000 24.21585 ? 14  DG  C "C3'"  1 
ATOM   393 O  "O3'"  . DG  B 1 2  ? -15.21865 8.07147   -2.62831  1.000 24.46065 ? 14  DG  C "O3'"  1 
ATOM   394 C  "C2'"  . DG  B 1 2  ? -14.61759 5.74813   -2.98608  1.000 27.19106 ? 14  DG  C "C2'"  1 
ATOM   395 C  "C1'"  . DG  B 1 2  ? -15.47404 4.98036   -1.97761  1.000 23.13060 ? 14  DG  C "C1'"  1 
ATOM   396 N  N9     . DG  B 1 2  ? -15.27504 3.52383   -1.97245  1.000 19.22232 ? 14  DG  C N9     1 
ATOM   397 C  C8     . DG  B 1 2  ? -15.18761 2.69695   -3.06500  1.000 26.48023 ? 14  DG  C C8     1 
ATOM   398 N  N7     . DG  B 1 2  ? -15.02899 1.43500   -2.75305  1.000 23.13213 ? 14  DG  C N7     1 
ATOM   399 C  C5     . DG  B 1 2  ? -15.01640 1.43285   -1.35818  1.000 21.33807 ? 14  DG  C C5     1 
ATOM   400 C  C6     . DG  B 1 2  ? -14.85530 0.35781   -0.44980  1.000 19.70355 ? 14  DG  C C6     1 
ATOM   401 O  O6     . DG  B 1 2  ? -14.71392 -0.85114  -0.71226  1.000 20.05198 ? 14  DG  C O6     1 
ATOM   402 N  N1     . DG  B 1 2  ? -14.89295 0.79101   0.88367   1.000 19.41737 ? 14  DG  C N1     1 
ATOM   403 C  C2     . DG  B 1 2  ? -15.04799 2.09704   1.27559   1.000 20.63404 ? 14  DG  C C2     1 
ATOM   404 N  N2     . DG  B 1 2  ? -15.07264 2.32091   2.59382   1.000 16.73199 ? 14  DG  C N2     1 
ATOM   405 N  N3     . DG  B 1 2  ? -15.19785 3.11546   0.42926   1.000 21.78338 ? 14  DG  C N3     1 
ATOM   406 C  C4     . DG  B 1 2  ? -15.15785 2.70961   -0.86782  1.000 16.65453 ? 14  DG  C C4     1 
ATOM   407 H  "H5'"  . DG  B 1 2  ? -18.57119 5.72767   -4.00246  1.000 36.41597 ? 14  DG  C "H5'"  1 
ATOM   408 H  "H5''" . DG  B 1 2  ? -18.11653 7.12091   -4.59121  1.000 36.41597 ? 14  DG  C "H5''" 1 
ATOM   409 H  "H4'"  . DG  B 1 2  ? -17.33306 7.15019   -2.48020  1.000 28.50557 ? 14  DG  C "H4'"  1 
ATOM   410 H  "H3'"  . DG  B 1 2  ? -15.40202 7.10556   -4.32617  1.000 29.07352 ? 14  DG  C "H3'"  1 
ATOM   411 H  "H2'"  . DG  B 1 2  ? -14.41343 5.19912   -3.75927  1.000 32.64377 ? 14  DG  C "H2'"  1 
ATOM   412 H  "H2''" . DG  B 1 2  ? -13.78751 6.04651   -2.58258  1.000 32.64377 ? 14  DG  C "H2''" 1 
ATOM   413 H  "H1'"  . DG  B 1 2  ? -15.28116 5.32163   -1.09035  1.000 27.77121 ? 14  DG  C "H1'"  1 
ATOM   414 H  H8     . DG  B 1 2  ? -15.23634 3.00337   -3.94171  1.000 31.79077 ? 14  DG  C H8     1 
ATOM   415 H  H1     . DG  B 1 2  ? -14.81320 0.19595   1.49942   1.000 23.31534 ? 14  DG  C H1     1 
ATOM   416 H  H21    . DG  B 1 2  ? -15.18486 3.11960   2.89232   1.000 20.09289 ? 14  DG  C H21    1 
ATOM   417 H  H22    . DG  B 1 2  ? -14.97627 1.66619   3.14304   1.000 20.09289 ? 14  DG  C H22    1 
ATOM   418 P  P      . DC  B 1 3  ? -13.81649 8.84922   -2.76421  1.000 26.80601 ? 15  DC  C P      1 
ATOM   419 O  OP1    . DC  B 1 3  ? -14.10853 10.30092  -2.54130  1.000 24.96027 ? 15  DC  C OP1    1 
ATOM   420 O  OP2    . DC  B 1 3  ? -13.06305 8.33408   -3.93939  1.000 27.18392 ? 15  DC  C OP2    1 
ATOM   421 O  "O5'"  . DC  B 1 3  ? -13.06483 8.38092   -1.46243  1.000 21.77989 ? 15  DC  C "O5'"  1 
ATOM   422 C  "C5'"  . DC  B 1 3  ? -13.64346 8.59772   -0.23110  1.000 24.09880 ? 15  DC  C "C5'"  1 
ATOM   423 C  "C4'"  . DC  B 1 3  ? -13.09598 7.64205   0.78362   1.000 21.92950 ? 15  DC  C "C4'"  1 
ATOM   424 O  "O4'"  . DC  B 1 3  ? -13.33628 6.28834   0.35867   1.000 21.41223 ? 15  DC  C "O4'"  1 
ATOM   425 C  "C3'"  . DC  B 1 3  ? -11.59840 7.72545   0.97550   1.000 21.74623 ? 15  DC  C "C3'"  1 
ATOM   426 O  "O3'"  . DC  B 1 3  ? -11.29864 8.66365   1.97393   1.000 19.34990 ? 15  DC  C "O3'"  1 
ATOM   427 C  "C2'"  . DC  B 1 3  ? -11.19776 6.31643   1.36834   1.000 23.47354 ? 15  DC  C "C2'"  1 
ATOM   428 C  "C1'"  . DC  B 1 3  ? -12.38912 5.44781   0.97047   1.000 20.27336 ? 15  DC  C "C1'"  1 
ATOM   429 N  N1     . DC  B 1 3  ? -12.04892 4.37312   0.01963   1.000 22.32807 ? 15  DC  C N1     1 
ATOM   430 C  C2     . DC  B 1 3  ? -11.89679 3.07059   0.48057   1.000 17.10149 ? 15  DC  C C2     1 
ATOM   431 O  O2     . DC  B 1 3  ? -12.02649 2.84228   1.68882   1.000 21.07991 ? 15  DC  C O2     1 
ATOM   432 N  N3     . DC  B 1 3  ? -11.58578 2.08736   -0.40589  1.000 18.27604 ? 15  DC  C N3     1 
ATOM   433 C  C4     . DC  B 1 3  ? -11.45381 2.36357   -1.69264  1.000 20.53455 ? 15  DC  C C4     1 
ATOM   434 N  N4     . DC  B 1 3  ? -11.17041 1.34544   -2.52573  1.000 19.14540 ? 15  DC  C N4     1 
ATOM   435 C  C5     . DC  B 1 3  ? -11.60799 3.68838   -2.19434  1.000 21.87526 ? 15  DC  C C5     1 
ATOM   436 C  C6     . DC  B 1 3  ? -11.91426 4.65512   -1.31327  1.000 24.04434 ? 15  DC  C C6     1 
ATOM   437 H  "H5'"  . DC  B 1 3  ? -14.60314 8.47553   -0.30173  1.000 28.93306 ? 15  DC  C "H5'"  1 
ATOM   438 H  "H5''" . DC  B 1 3  ? -13.46097 9.50692   0.05341   1.000 28.93306 ? 15  DC  C "H5''" 1 
ATOM   439 H  "H4'"  . DC  B 1 3  ? -13.54610 7.79144   1.62977   1.000 26.32990 ? 15  DC  C "H4'"  1 
ATOM   440 H  "H3'"  . DC  B 1 3  ? -11.16594 7.95770   0.13888   1.000 26.10998 ? 15  DC  C "H3'"  1 
ATOM   441 H  "H2'"  . DC  B 1 3  ? -10.39791 6.04139   0.89347   1.000 28.18275 ? 15  DC  C "H2'"  1 
ATOM   442 H  "H2''" . DC  B 1 3  ? -11.03388 6.25901   2.32267   1.000 28.18275 ? 15  DC  C "H2''" 1 
ATOM   443 H  "H1'"  . DC  B 1 3  ? -12.77571 5.06638   1.77419   1.000 24.34253 ? 15  DC  C "H1'"  1 
ATOM   444 H  H41    . DC  B 1 3  ? -11.07835 1.49202   -3.36813  1.000 22.98898 ? 15  DC  C H41    1 
ATOM   445 H  H42    . DC  B 1 3  ? -11.08135 0.54822   -2.21573  1.000 22.98898 ? 15  DC  C H42    1 
ATOM   446 H  H5     . DC  B 1 3  ? -11.50052 3.87687   -3.09868  1.000 26.26481 ? 15  DC  C H5     1 
ATOM   447 H  H6     . DC  B 1 3  ? -12.03638 5.52712   -1.61261  1.000 28.86771 ? 15  DC  C H6     1 
ATOM   448 P  P      . DG  B 1 4  ? -9.77043  9.09918   2.24293   1.000 26.10997 ? 16  DG  C P      1 
ATOM   449 O  OP1    . DG  B 1 4  ? -9.80951  10.41569  2.90697   1.000 27.07130 ? 16  DG  C OP1    1 
ATOM   450 O  OP2    . DG  B 1 4  ? -8.96204  8.88843   1.01818   1.000 26.44745 ? 16  DG  C OP2    1 
ATOM   451 O  "O5'"  . DG  B 1 4  ? -9.25742  8.04197   3.30681   1.000 23.45268 ? 16  DG  C "O5'"  1 
ATOM   452 C  "C5'"  . DG  B 1 4  ? -9.85276  7.99411   4.59069   1.000 24.28505 ? 16  DG  C "C5'"  1 
ATOM   453 C  "C4'"  . DG  B 1 4  ? -9.31288  6.82450   5.36479   1.000 23.25106 ? 16  DG  C "C4'"  1 
ATOM   454 O  "O4'"  . DG  B 1 4  ? -9.50999  5.62088   4.56667   1.000 24.33163 ? 16  DG  C "O4'"  1 
ATOM   455 C  "C3'"  . DG  B 1 4  ? -7.82201  6.86721   5.68259   1.000 25.63972 ? 16  DG  C "C3'"  1 
ATOM   456 O  "O3'"  . DG  B 1 4  ? -7.61300  6.29772   6.96327   1.000 25.66531 ? 16  DG  C "O3'"  1 
ATOM   457 C  "C2'"  . DG  B 1 4  ? -7.19896  6.06538   4.55225   1.000 22.79817 ? 16  DG  C "C2'"  1 
ATOM   458 C  "C1'"  . DG  B 1 4  ? -8.26753  5.01967   4.28034   1.000 18.94563 ? 16  DG  C "C1'"  1 
ATOM   459 N  N9     . DG  B 1 4  ? -8.26561  4.54435   2.90692   1.000 19.12561 ? 16  DG  C N9     1 
ATOM   460 C  C8     . DG  B 1 4  ? -8.09500  5.28578   1.76354   1.000 19.42699 ? 16  DG  C C8     1 
ATOM   461 N  N7     . DG  B 1 4  ? -8.10596  4.56161   0.66965   1.000 24.34860 ? 16  DG  C N7     1 
ATOM   462 C  C5     . DG  B 1 4  ? -8.28703  3.26242   1.13920   1.000 18.58450 ? 16  DG  C C5     1 
ATOM   463 C  C6     . DG  B 1 4  ? -8.37105  2.04275   0.43448   1.000 22.40062 ? 16  DG  C C6     1 
ATOM   464 O  O6     . DG  B 1 4  ? -8.30575  1.85995   -0.79363  1.000 20.64106 ? 16  DG  C O6     1 
ATOM   465 N  N1     . DG  B 1 4  ? -8.52542  0.96239   1.30489   1.000 19.69269 ? 16  DG  C N1     1 
ATOM   466 C  C2     . DG  B 1 4  ? -8.62479  1.07268   2.68088   1.000 20.83118 ? 16  DG  C C2     1 
ATOM   467 N  N2     . DG  B 1 4  ? -8.76948  -0.06259  3.37571   1.000 21.75704 ? 16  DG  C N2     1 
ATOM   468 N  N3     . DG  B 1 4  ? -8.55758  2.20853   3.33310   1.000 16.68341 ? 16  DG  C N3     1 
ATOM   469 C  C4     . DG  B 1 4  ? -8.39138  3.25068   2.50830   1.000 18.66439 ? 16  DG  C C4     1 
ATOM   470 H  "H5'"  . DG  B 1 4  ? -10.81408 7.90398   4.49784   1.000 29.15656 ? 16  DG  C "H5'"  1 
ATOM   471 H  "H5''" . DG  B 1 4  ? -9.65724  8.81548   5.06823   1.000 29.15656 ? 16  DG  C "H5''" 1 
ATOM   472 H  "H4'"  . DG  B 1 4  ? -9.79231  6.74941   6.20467   1.000 27.91577 ? 16  DG  C "H4'"  1 
ATOM   473 H  "H3'"  . DG  B 1 4  ? -7.47161  7.77103   5.64771   1.000 30.78217 ? 16  DG  C "H3'"  1 
ATOM   474 H  "H2'"  . DG  B 1 4  ? -7.03780  6.61872   3.77204   1.000 27.37231 ? 16  DG  C "H2'"  1 
ATOM   475 H  "H2''" . DG  B 1 4  ? -6.36371  5.65563   4.82678   1.000 27.37231 ? 16  DG  C "H2''" 1 
ATOM   476 H  "H1'"  . DG  B 1 4  ? -8.14879  4.26588   4.87916   1.000 22.74926 ? 16  DG  C "H1'"  1 
ATOM   477 H  H8     . DG  B 1 4  ? -7.98288  6.20900   1.76462   1.000 23.32689 ? 16  DG  C H8     1 
ATOM   478 H  H1     . DG  B 1 4  ? -8.56125  0.17424   0.96262   1.000 23.64573 ? 16  DG  C H1     1 
ATOM   479 H  H21    . DG  B 1 4  ? -8.81663  -0.03834  4.23407   1.000 26.12295 ? 16  DG  C H21    1 
ATOM   480 H  H22    . DG  B 1 4  ? -8.81525  -0.81606  2.96366   1.000 26.12295 ? 16  DG  C H22    1 
ATOM   481 P  P      . DA  B 1 5  ? -6.15234  5.92858   7.51130   1.000 29.30443 ? 17  DA  C P      1 
ATOM   482 O  OP1    . DA  B 1 5  ? -6.20581  6.33543   8.91921   1.000 31.68503 ? 17  DA  C OP1    1 
ATOM   483 O  OP2    . DA  B 1 5  ? -5.05950  6.45735   6.65639   1.000 29.44057 ? 17  DA  C OP2    1 
ATOM   484 O  "O5'"  . DA  B 1 5  ? -6.10067  4.32141   7.38488   1.000 25.86736 ? 17  DA  C "O5'"  1 
ATOM   485 C  "C5'"  . DA  B 1 5  ? -7.21607  3.49096   7.83876   1.000 23.21127 ? 17  DA  C "C5'"  1 
ATOM   486 C  "C4'"  . DA  B 1 5  ? -6.89828  2.01128   7.66150   1.000 21.59986 ? 17  DA  C "C4'"  1 
ATOM   487 O  "O4'"  . DA  B 1 5  ? -6.94252  1.65484   6.24853   1.000 20.87398 ? 17  DA  C "O4'"  1 
ATOM   488 C  "C3'"  . DA  B 1 5  ? -5.52049  1.59551   8.16855   1.000 24.74659 ? 17  DA  C "C3'"  1 
ATOM   489 O  "O3'"  . DA  B 1 5  ? -5.63939  0.35597   8.83270   1.000 26.90935 ? 17  DA  C "O3'"  1 
ATOM   490 C  "C2'"  . DA  B 1 5  ? -4.66174  1.54280   6.90097   1.000 24.86866 ? 17  DA  C "C2'"  1 
ATOM   491 C  "C1'"  . DA  B 1 5  ? -5.66716  1.14311   5.82714   1.000 21.72401 ? 17  DA  C "C1'"  1 
ATOM   492 N  N9     . DA  B 1 5  ? -5.40827  1.72001   4.51418   1.000 20.55633 ? 17  DA  C N9     1 
ATOM   493 C  C8     . DA  B 1 5  ? -5.25373  3.04380   4.20854   1.000 20.58103 ? 17  DA  C C8     1 
ATOM   494 N  N7     . DA  B 1 5  ? -5.08710  3.26993   2.92900   1.000 20.78117 ? 17  DA  C N7     1 
ATOM   495 C  C5     . DA  B 1 5  ? -5.15846  2.00662   2.36542   1.000 19.28163 ? 17  DA  C C5     1 
ATOM   496 C  C6     . DA  B 1 5  ? -5.07105  1.55925   1.03697   1.000 18.58317 ? 17  DA  C C6     1 
ATOM   497 N  N6     . DA  B 1 5  ? -4.89944  2.37580   0.01068   1.000 19.43539 ? 17  DA  C N6     1 
ATOM   498 N  N1     . DA  B 1 5  ? -5.16268  0.24121   0.81152   1.000 19.35761 ? 17  DA  C N1     1 
ATOM   499 C  C2     . DA  B 1 5  ? -5.35949  -0.57404  1.84945   1.000 20.55558 ? 17  DA  C C2     1 
ATOM   500 N  N3     . DA  B 1 5  ? -5.46747  -0.27063  3.13890   1.000 21.18334 ? 17  DA  C N3     1 
ATOM   501 C  C4     . DA  B 1 5  ? -5.35811  1.05098   3.32507   1.000 19.06285 ? 17  DA  C C4     1 
ATOM   502 H  "H5'"  . DA  B 1 5  ? -8.00856  3.71145   7.32471   1.000 27.86803 ? 17  DA  C "H5'"  1 
ATOM   503 H  "H5''" . DA  B 1 5  ? -7.38765  3.67090   8.77636   1.000 27.86803 ? 17  DA  C "H5''" 1 
ATOM   504 H  "H4'"  . DA  B 1 5  ? -7.57255  1.48374   8.11750   1.000 25.93434 ? 17  DA  C "H4'"  1 
ATOM   505 H  "H3'"  . DA  B 1 5  ? -5.13844  2.26491   8.75749   1.000 29.71041 ? 17  DA  C "H3'"  1 
ATOM   506 H  "H2'"  . DA  B 1 5  ? -4.26681  2.40749   6.70802   1.000 29.85690 ? 17  DA  C "H2'"  1 
ATOM   507 H  "H2''" . DA  B 1 5  ? -3.95465  0.88385   6.98285   1.000 29.85690 ? 17  DA  C "H2''" 1 
ATOM   508 H  "H1'"  . DA  B 1 5  ? -5.67941  0.17478   5.77171   1.000 26.08332 ? 17  DA  C "H1'"  1 
ATOM   509 H  H8     . DA  B 1 5  ? -5.26577  3.71905   4.84790   1.000 24.71173 ? 17  DA  C H8     1 
ATOM   510 H  H61    . DA  B 1 5  ? -4.84824  2.05883   -0.78714  1.000 23.33696 ? 17  DA  C H61    1 
ATOM   511 H  H62    . DA  B 1 5  ? -4.83907  3.22369   0.14120   1.000 23.33696 ? 17  DA  C H62    1 
ATOM   512 H  H2     . DA  B 1 5  ? -5.43084  -1.47785  1.64226   1.000 24.68119 ? 17  DA  C H2     1 
ATOM   513 P  P      . DT  B 1 6  ? -4.38311  -0.34075  9.53626   1.000 31.25939 ? 18  DT  C P      1 
ATOM   514 O  OP1    . DT  B 1 6  ? -4.95693  -1.14474  10.62068  1.000 31.65997 ? 18  DT  C OP1    1 
ATOM   515 O  OP2    . DT  B 1 6  ? -3.27903  0.64072   9.73804   1.000 27.97174 ? 18  DT  C OP2    1 
ATOM   516 O  "O5'"  . DT  B 1 6  ? -3.82520  -1.32561  8.40678   1.000 25.71563 ? 18  DT  C "O5'"  1 
ATOM   517 C  "C5'"  . DT  B 1 6  ? -4.65265  -2.29289  7.82957   1.000 25.45771 ? 18  DT  C "C5'"  1 
ATOM   518 C  "C4'"  . DT  B 1 6  ? -3.91691  -2.96892  6.68748   1.000 26.64975 ? 18  DT  C "C4'"  1 
ATOM   519 O  "O4'"  . DT  B 1 6  ? -3.82316  -2.07268  5.56479   1.000 25.10472 ? 18  DT  C "O4'"  1 
ATOM   520 C  "C3'"  . DT  B 1 6  ? -2.48185  -3.41761  7.00140   1.000 27.73676 ? 18  DT  C "C3'"  1 
ATOM   521 O  "O3'"  . DT  B 1 6  ? -2.41195  -4.84458  6.86529   1.000 33.93823 ? 18  DT  C "O3'"  1 
ATOM   522 C  "C2'"  . DT  B 1 6  ? -1.60734  -2.66117  5.98304   1.000 25.26404 ? 18  DT  C "C2'"  1 
ATOM   523 C  "C1'"  . DT  B 1 6  ? -2.61323  -2.34008  4.88976   1.000 23.85060 ? 18  DT  C "C1'"  1 
ATOM   524 N  N1     . DT  B 1 6  ? -2.29555  -1.15983  4.05613   1.000 21.42110 ? 18  DT  C N1     1 
ATOM   525 C  C2     . DT  B 1 6  ? -2.27231  -1.31957  2.70204   1.000 20.78983 ? 18  DT  C C2     1 
ATOM   526 O  O2     . DT  B 1 6  ? -2.43804  -2.39547  2.16901   1.000 20.24257 ? 18  DT  C O2     1 
ATOM   527 N  N3     . DT  B 1 6  ? -2.03472  -0.17670  1.98899   1.000 18.91779 ? 18  DT  C N3     1 
ATOM   528 C  C4     . DT  B 1 6  ? -1.81077  1.08387   2.48948   1.000 20.22656 ? 18  DT  C C4     1 
ATOM   529 O  O4     . DT  B 1 6  ? -1.58172  2.06215   1.75551   1.000 22.45964 ? 18  DT  C O4     1 
ATOM   530 C  C5     . DT  B 1 6  ? -1.85971  1.19101   3.92531   1.000 17.93765 ? 18  DT  C C5     1 
ATOM   531 C  C7     . DT  B 1 6  ? -1.64078  2.52055   4.58033   1.000 20.43211 ? 18  DT  C C7     1 
ATOM   532 C  C6     . DT  B 1 6  ? -2.10764  0.07783   4.63551   1.000 18.36304 ? 18  DT  C C6     1 
ATOM   533 P  P      . DA  B 1 7  ? -1.00619  -5.60999  6.90299   1.000 30.70690 ? 19  DA  C P      1 
ATOM   534 O  OP1    . DA  B 1 7  ? -1.26461  -6.96898  7.42018   1.000 34.78377 ? 19  DA  C OP1    1 
ATOM   535 O  OP2    . DA  B 1 7  ? -0.02668  -4.69970  7.53196   1.000 29.88838 ? 19  DA  C OP2    1 
ATOM   536 O  "O5'"  . DA  B 1 7  ? -0.60740  -5.73854  5.37052   1.000 29.89152 ? 19  DA  C "O5'"  1 
ATOM   537 C  "C5'"  . DA  B 1 7  ? -1.45396  -6.46828  4.50496   1.000 26.21386 ? 19  DA  C "C5'"  1 
ATOM   538 C  "C4'"  . DA  B 1 7  ? -0.87378  -6.52274  3.10616   1.000 24.42183 ? 19  DA  C "C4'"  1 
ATOM   539 O  "O4'"  . DA  B 1 7  ? -0.78826  -5.19642  2.56624   1.000 26.08359 ? 19  DA  C "O4'"  1 
ATOM   540 C  "C3'"  . DA  B 1 7  ? 0.51795   -7.13227  2.99261   1.000 22.77118 ? 19  DA  C "C3'"  1 
ATOM   541 O  "O3'"  . DA  B 1 7  ? 0.43882   -8.13580  2.01743   1.000 28.08586 ? 19  DA  C "O3'"  1 
ATOM   542 C  "C2'"  . DA  B 1 7  ? 1.43105   -5.95403  2.57688   1.000 21.28831 ? 19  DA  C "C2'"  1 
ATOM   543 C  "C1'"  . DA  B 1 7  ? 0.44091   -5.03382  1.87364   1.000 23.63305 ? 19  DA  C "C1'"  1 
ATOM   544 N  N9     . DA  B 1 7  ? 0.75698   -3.60960  1.95920   1.000 23.14762 ? 19  DA  C N9     1 
ATOM   545 C  C8     . DA  B 1 7  ? 0.80451   -2.84935  3.09640   1.000 20.66861 ? 19  DA  C C8     1 
ATOM   546 N  N7     . DA  B 1 7  ? 1.06896   -1.59308  2.87526   1.000 20.26313 ? 19  DA  C N7     1 
ATOM   547 C  C5     . DA  B 1 7  ? 1.19217   -1.50787  1.49441   1.000 20.71985 ? 19  DA  C C5     1 
ATOM   548 C  C6     . DA  B 1 7  ? 1.45165   -0.42809  0.63326   1.000 16.55212 ? 19  DA  C C6     1 
ATOM   549 N  N6     . DA  B 1 7  ? 1.64166   0.84516   1.06290   1.000 20.15440 ? 19  DA  C N6     1 
ATOM   550 N  N1     . DA  B 1 7  ? 1.50840   -0.68611  -0.68437  1.000 16.79556 ? 19  DA  C N1     1 
ATOM   551 C  C2     . DA  B 1 7  ? 1.30361   -1.94213  -1.10683  1.000 20.73987 ? 19  DA  C C2     1 
ATOM   552 N  N3     . DA  B 1 7  ? 1.01909   -3.03087  -0.39066  1.000 19.64381 ? 19  DA  C N3     1 
ATOM   553 C  C4     . DA  B 1 7  ? 0.98781   -2.74037  0.91335   1.000 18.11016 ? 19  DA  C C4     1 
ATOM   554 P  P      . DT  B 1 8  ? 1.71640   -9.03568  1.65441   1.000 29.03882 ? 20  DT  C P      1 
ATOM   555 O  OP1    . DT  B 1 8  ? 1.21040   -10.32914 1.15651   1.000 29.91599 ? 20  DT  C OP1    1 
ATOM   556 O  OP2    . DT  B 1 8  ? 2.65757   -8.95152  2.79351   1.000 26.61929 ? 20  DT  C OP2    1 
ATOM   557 O  "O5'"  . DT  B 1 8  ? 2.35162   -8.28495  0.40764   1.000 28.58081 ? 20  DT  C "O5'"  1 
ATOM   558 C  "C5'"  . DT  B 1 8  ? 1.58167   -8.06363  -0.74578  1.000 24.13733 ? 20  DT  C "C5'"  1 
ATOM   559 C  "C4'"  . DT  B 1 8  ? 2.39157   -7.29748  -1.74900  1.000 25.26020 ? 20  DT  C "C4'"  1 
ATOM   560 O  "O4'"  . DT  B 1 8  ? 2.61412   -5.96070  -1.26244  1.000 21.89756 ? 20  DT  C "O4'"  1 
ATOM   561 C  "C3'"  . DT  B 1 8  ? 3.76893   -7.90716  -2.01452  1.000 21.70300 ? 20  DT  C "C3'"  1 
ATOM   562 O  "O3'"  . DT  B 1 8  ? 3.80839   -8.38606  -3.36246  1.000 27.05572 ? 20  DT  C "O3'"  1 
ATOM   563 C  "C2'"  . DT  B 1 8  ? 4.76119   -6.74775  -1.71695  1.000 20.52889 ? 20  DT  C "C2'"  1 
ATOM   564 C  "C1'"  . DT  B 1 8  ? 3.84913   -5.51353  -1.74487  1.000 20.98225 ? 20  DT  C "C1'"  1 
ATOM   565 N  N1     . DT  B 1 8  ? 4.20528   -4.35392  -0.90854  1.000 19.29225 ? 20  DT  C N1     1 
ATOM   566 C  C2     . DT  B 1 8  ? 4.45329   -3.16356  -1.53103  1.000 18.55513 ? 20  DT  C C2     1 
ATOM   567 O  O2     . DT  B 1 8  ? 4.49609   -3.04737  -2.73978  1.000 20.23110 ? 20  DT  C O2     1 
ATOM   568 N  N3     . DT  B 1 8  ? 4.68112   -2.11582  -0.70091  1.000 20.01300 ? 20  DT  C N3     1 
ATOM   569 C  C4     . DT  B 1 8  ? 4.64987   -2.11694  0.67539   1.000 20.76478 ? 20  DT  C C4     1 
ATOM   570 O  O4     . DT  B 1 8  ? 4.85726   -1.11184  1.33701   1.000 20.43862 ? 20  DT  C O4     1 
ATOM   571 C  C5     . DT  B 1 8  ? 4.34565   -3.39200  1.28552   1.000 22.74368 ? 20  DT  C C5     1 
ATOM   572 C  C7     . DT  B 1 8  ? 4.31219   -3.50334  2.78599   1.000 23.51015 ? 20  DT  C C7     1 
ATOM   573 C  C6     . DT  B 1 8  ? 4.12392   -4.44045  0.47137   1.000 20.85957 ? 20  DT  C C6     1 
ATOM   574 H  "H5'"  . DT  B 1 8  ? 0.78743   -7.55723  -0.51422  1.000 28.97930 ? 20  DT  C "H5'"  1 
ATOM   575 H  "H5''" . DT  B 1 8  ? 1.31378   -8.91481  -1.12608  1.000 28.97930 ? 20  DT  C "H5''" 1 
ATOM   576 H  "H4'"  . DT  B 1 8  ? 1.91030   -7.22606  -2.58816  1.000 30.32673 ? 20  DT  C "H4'"  1 
ATOM   577 H  "H3'"  . DT  B 1 8  ? 3.96694   -8.62527  -1.39322  1.000 26.05810 ? 20  DT  C "H3'"  1 
ATOM   578 H  "H2'"  . DT  B 1 8  ? 5.18043   -6.85665  -0.84904  1.000 24.64917 ? 20  DT  C "H2'"  1 
ATOM   579 H  "H2''" . DT  B 1 8  ? 5.45136   -6.69143  -2.39621  1.000 24.64917 ? 20  DT  C "H2''" 1 
ATOM   580 H  "H1'"  . DT  B 1 8  ? 3.83192   -5.21479  -2.66756  1.000 25.19320 ? 20  DT  C "H1'"  1 
ATOM   581 H  H3     . DT  B 1 8  ? 4.86626   -1.36497  -1.07714  1.000 24.03010 ? 20  DT  C H3     1 
ATOM   582 H  H71    . DT  B 1 8  ? 3.60388   -2.93633  3.12902   1.000 28.22668 ? 20  DT  C H71    1 
ATOM   583 H  H72    . DT  B 1 8  ? 4.14426   -4.42689  3.03046   1.000 28.22668 ? 20  DT  C H72    1 
ATOM   584 H  H73    . DT  B 1 8  ? 5.16739   -3.21692  3.14305   1.000 28.22668 ? 20  DT  C H73    1 
ATOM   585 H  H6     . DT  B 1 8  ? 3.90617   -5.26027  0.85266   1.000 25.04599 ? 20  DT  C H6     1 
ATOM   586 P  P      . DC  B 1 9  ? 5.13915   -9.10364  -3.91128  1.000 28.26958 ? 21  DC  C P      1 
ATOM   587 O  OP1    . DC  B 1 9  ? 4.69656   -9.82751  -5.11783  1.000 31.95983 ? 21  DC  C OP1    1 
ATOM   588 O  OP2    . DC  B 1 9  ? 5.81390   -9.78897  -2.78873  1.000 27.13615 ? 21  DC  C OP2    1 
ATOM   589 O  "O5'"  . DC  B 1 9  ? 6.04801   -7.87359  -4.36963  1.000 24.86615 ? 21  DC  C "O5'"  1 
ATOM   590 C  "C5'"  . DC  B 1 9  ? 5.54106   -7.01046  -5.33002  1.000 20.49725 ? 21  DC  C "C5'"  1 
ATOM   591 C  "C4'"  . DC  B 1 9  ? 6.47236   -5.85481  -5.60947  1.000 21.07931 ? 21  DC  C "C4'"  1 
ATOM   592 O  "O4'"  . DC  B 1 9  ? 6.46802   -4.94616  -4.48888  1.000 17.86951 ? 21  DC  C "O4'"  1 
ATOM   593 C  "C3'"  . DC  B 1 9  ? 7.93114   -6.23687  -5.84737  1.000 22.83418 ? 21  DC  C "C3'"  1 
ATOM   594 O  "O3'"  . DC  B 1 9  ? 8.26182   -5.89798  -7.16285  1.000 21.72903 ? 21  DC  C "O3'"  1 
ATOM   595 C  "C2'"  . DC  B 1 9  ? 8.73047   -5.42743  -4.79206  1.000 22.42453 ? 21  DC  C "C2'"  1 
ATOM   596 C  "C1'"  . DC  B 1 9  ? 7.74950   -4.34226  -4.37509  1.000 20.31220 ? 21  DC  C "C1'"  1 
ATOM   597 N  N1     . DC  B 1 9  ? 7.84458   -3.83091  -3.00253  1.000 18.96618 ? 21  DC  C N1     1 
ATOM   598 C  C2     . DC  B 1 9  ? 7.98981   -2.44949  -2.77311  1.000 23.00759 ? 21  DC  C C2     1 
ATOM   599 O  O2     . DC  B 1 9  ? 8.08397   -1.67966  -3.72723  1.000 20.64445 ? 21  DC  C O2     1 
ATOM   600 N  N3     . DC  B 1 9  ? 7.99168   -1.99537  -1.49493  1.000 20.68329 ? 21  DC  C N3     1 
ATOM   601 C  C4     . DC  B 1 9  ? 7.87203   -2.84780  -0.48509  1.000 20.72411 ? 21  DC  C C4     1 
ATOM   602 N  N4     . DC  B 1 9  ? 7.88145   -2.35459  0.75459   1.000 21.76237 ? 21  DC  C N4     1 
ATOM   603 C  C5     . DC  B 1 9  ? 7.71961   -4.24451  -0.69586  1.000 22.64680 ? 21  DC  C C5     1 
ATOM   604 C  C6     . DC  B 1 9  ? 7.71422   -4.68769  -1.95890  1.000 19.78916 ? 21  DC  C C6     1 
ATOM   605 H  "H5'"  . DC  B 1 9  ? 4.69093   -6.66074  -5.02038  1.000 24.61119 ? 21  DC  C "H5'"  1 
ATOM   606 H  "H5''" . DC  B 1 9  ? 5.39854   -7.50471  -6.15239  1.000 24.61119 ? 21  DC  C "H5''" 1 
ATOM   607 H  "H4'"  . DC  B 1 9  ? 6.15341   -5.37535  -6.39004  1.000 25.30967 ? 21  DC  C "H4'"  1 
ATOM   608 H  "H3'"  . DC  B 1 9  ? 8.07860   -7.17904  -5.66995  1.000 27.41552 ? 21  DC  C "H3'"  1 
ATOM   609 H  "H2'"  . DC  B 1 9  ? 8.97836   -5.98434  -4.03754  1.000 26.92394 ? 21  DC  C "H2'"  1 
ATOM   610 H  "H2''" . DC  B 1 9  ? 9.53320   -5.04421  -5.17892  1.000 26.92394 ? 21  DC  C "H2''" 1 
ATOM   611 H  "H1'"  . DC  B 1 9  ? 7.87943   -3.59346  -4.97785  1.000 24.38914 ? 21  DC  C "H1'"  1 
ATOM   612 H  H41    . DC  B 1 9  ? 7.80565   -2.88357  1.42841   1.000 26.12935 ? 21  DC  C H41    1 
ATOM   613 H  H42    . DC  B 1 9  ? 7.96332   -1.50772  0.87982   1.000 26.12935 ? 21  DC  C H42    1 
ATOM   614 H  H5     . DC  B 1 9  ? 7.62671   -4.83120  0.01973   1.000 27.19066 ? 21  DC  C H5     1 
ATOM   615 H  H6     . DC  B 1 9  ? 7.61954   -5.59807  -2.12370  1.000 23.76149 ? 21  DC  C H6     1 
ATOM   616 P  P      . DG  B 1 10 ? 9.53907   -6.53112  -7.87481  1.000 24.97704 ? 22  DG  C P      1 
ATOM   617 O  OP1    . DG  B 1 10 ? 9.20158   -6.40609  -9.31457  1.000 25.50359 ? 22  DG  C OP1    1 
ATOM   618 O  OP2    . DG  B 1 10 ? 9.92396   -7.80368  -7.23709  1.000 24.74822 ? 22  DG  C OP2    1 
ATOM   619 O  "O5'"  . DG  B 1 10 ? 10.70363  -5.49254  -7.52020  1.000 23.12064 ? 22  DG  C "O5'"  1 
ATOM   620 C  "C5'"  . DG  B 1 10 ? 10.65442  -4.19123  -8.05472  1.000 21.97494 ? 22  DG  C "C5'"  1 
ATOM   621 C  "C4'"  . DG  B 1 10 ? 11.71366  -3.32585  -7.38983  1.000 18.56307 ? 22  DG  C "C4'"  1 
ATOM   622 O  "O4'"  . DG  B 1 10 ? 11.35168  -3.02666  -6.00820  1.000 19.77079 ? 22  DG  C "O4'"  1 
ATOM   623 C  "C3'"  . DG  B 1 10 ? 13.08484  -3.97819  -7.28708  1.000 19.44060 ? 22  DG  C "C3'"  1 
ATOM   624 O  "O3'"  . DG  B 1 10 ? 14.06518  -3.04537  -7.46102  1.000 17.46811 ? 22  DG  C "O3'"  1 
ATOM   625 C  "C2'"  . DG  B 1 10 ? 13.09783  -4.48895  -5.85946  1.000 20.26274 ? 22  DG  C "C2'"  1 
ATOM   626 C  "C1'"  . DG  B 1 10 ? 12.47829  -3.28889  -5.20316  1.000 18.90171 ? 22  DG  C "C1'"  1 
ATOM   627 N  N9     . DG  B 1 10 ? 12.08156  -3.45728  -3.81901  1.000 18.59081 ? 22  DG  C N9     1 
ATOM   628 C  C8     . DG  B 1 10 ? 11.76848  -4.62147  -3.15531  1.000 20.06018 ? 22  DG  C C8     1 
ATOM   629 N  N7     . DG  B 1 10 ? 11.42475  -4.43087  -1.90968  1.000 19.87633 ? 22  DG  C N7     1 
ATOM   630 C  C5     . DG  B 1 10 ? 11.51755  -3.03892  -1.74431  1.000 16.22224 ? 22  DG  C C5     1 
ATOM   631 C  C6     . DG  B 1 10 ? 11.26610  -2.23083  -0.61298  1.000 15.62940 ? 22  DG  C C6     1 
ATOM   632 O  O6     . DG  B 1 10 ? 10.93543  -2.58439  0.50241   1.000 16.37900 ? 22  DG  C O6     1 
ATOM   633 N  N1     . DG  B 1 10 ? 11.50289  -0.87570  -0.86837  1.000 16.92341 ? 22  DG  C N1     1 
ATOM   634 C  C2     . DG  B 1 10 ? 11.91846  -0.36886  -2.08366  1.000 21.59225 ? 22  DG  C C2     1 
ATOM   635 N  N2     . DG  B 1 10 ? 12.07106  0.96399   -2.15237  1.000 20.12196 ? 22  DG  C N2     1 
ATOM   636 N  N3     . DG  B 1 10 ? 12.15234  -1.11690  -3.16051  1.000 15.53342 ? 22  DG  C N3     1 
ATOM   637 C  C4     . DG  B 1 10 ? 11.93090  -2.43913  -2.90999  1.000 19.00563 ? 22  DG  C C4     1 
ATOM   638 H  "H5'"  . DG  B 1 10 ? 9.77704   -3.80864  -7.89747  1.000 26.38443 ? 22  DG  C "H5'"  1 
ATOM   639 H  "H5''" . DG  B 1 10 ? 10.81693  -4.22645  -9.01036  1.000 26.38443 ? 22  DG  C "H5''" 1 
ATOM   640 H  "H4'"  . DG  B 1 10 ? 11.76949  -2.49079  -7.88019  1.000 22.29019 ? 22  DG  C "H4'"  1 
ATOM   641 H  "H3'"  . DG  B 1 10 ? 13.16212  -4.70083  -7.92951  1.000 23.34322 ? 22  DG  C "H3'"  1 
ATOM   642 H  "H2'"  . DG  B 1 10 ? 12.56117  -5.28928  -5.74832  1.000 24.32979 ? 22  DG  C "H2'"  1 
ATOM   643 H  "H2''" . DG  B 1 10 ? 13.99601  -4.66378  -5.53759  1.000 24.32979 ? 22  DG  C "H2''" 1 
ATOM   644 H  "H1'"  . DG  B 1 10 ? 13.09536  -2.54049  -5.20872  1.000 22.69656 ? 22  DG  C "H1'"  1 
ATOM   645 H  H8     . DG  B 1 10 ? 11.79866  -5.46100  -3.55427  1.000 24.08672 ? 22  DG  C H8     1 
ATOM   646 H  H1     . DG  B 1 10 ? 11.38113  -0.31980  -0.22358  1.000 20.32259 ? 22  DG  C H1     1 
ATOM   647 H  H21    . DG  B 1 10 ? 12.31884  1.33099   -2.88960  1.000 24.16085 ? 22  DG  C H21    1 
ATOM   648 H  H22    . DG  B 1 10 ? 11.92096  1.45028   -1.45913  1.000 24.16085 ? 22  DG  C H22    1 
ATOM   649 P  P      . DC  B 1 11 ? 15.39815  -3.35225  -8.27923  1.000 24.61985 ? 23  DC  C P      1 
ATOM   650 O  OP1    . DC  B 1 11 ? 15.09471  -3.58589  -9.70663  1.000 21.44874 ? 23  DC  C OP1    1 
ATOM   651 O  OP2    . DC  B 1 11 ? 16.07898  -4.41737  -7.51940  1.000 21.66378 ? 23  DC  C OP2    1 
ATOM   652 O  "O5'"  . DC  B 1 11 ? 16.18430  -1.97668  -8.07855  1.000 18.75580 ? 23  DC  C "O5'"  1 
ATOM   653 C  "C5'"  . DC  B 1 11 ? 15.67132  -0.77389  -8.63030  1.000 19.44568 ? 23  DC  C "C5'"  1 
ATOM   654 C  "C4'"  . DC  B 1 11 ? 15.79225  0.37537   -7.65213  1.000 18.92317 ? 23  DC  C "C4'"  1 
ATOM   655 O  "O4'"  . DC  B 1 11 ? 14.98071  0.08256   -6.50294  1.000 21.45934 ? 23  DC  C "O4'"  1 
ATOM   656 C  "C3'"  . DC  B 1 11 ? 17.21569  0.55518   -7.08811  1.000 19.96815 ? 23  DC  C "C3'"  1 
ATOM   657 O  "O3'"  . DC  B 1 11 ? 17.97208  1.51654   -7.77185  1.000 22.17220 ? 23  DC  C "O3'"  1 
ATOM   658 C  "C2'"  . DC  B 1 11 ? 17.00099  0.99608   -5.64871  1.000 19.35986 ? 23  DC  C "C2'"  1 
ATOM   659 C  "C1'"  . DC  B 1 11 ? 15.58582  0.59094   -5.32470  1.000 22.10245 ? 23  DC  C "C1'"  1 
ATOM   660 N  N1     . DC  B 1 11 ? 15.54710  -0.45341  -4.31949  1.000 18.55645 ? 23  DC  C N1     1 
ATOM   661 C  C2     . DC  B 1 11 ? 15.30876  -0.11194  -2.99382  1.000 20.26110 ? 23  DC  C C2     1 
ATOM   662 O  O2     . DC  B 1 11 ? 15.19643  1.08343   -2.70251  1.000 20.26702 ? 23  DC  C O2     1 
ATOM   663 N  N3     . DC  B 1 11 ? 15.25911  -1.09665  -2.06203  1.000 19.40010 ? 23  DC  C N3     1 
ATOM   664 C  C4     . DC  B 1 11 ? 15.40395  -2.37847  -2.43375  1.000 21.44210 ? 23  DC  C C4     1 
ATOM   665 N  N4     . DC  B 1 11 ? 15.31273  -3.32487  -1.48869  1.000 21.24356 ? 23  DC  C N4     1 
ATOM   666 C  C5     . DC  B 1 11 ? 15.64119  -2.74125  -3.79091  1.000 18.62541 ? 23  DC  C C5     1 
ATOM   667 C  C6     . DC  B 1 11 ? 15.69794  -1.75239  -4.69217  1.000 18.04653 ? 23  DC  C C6     1 
ATOM   668 H  "H5'"  . DC  B 1 11 ? 14.73682  -0.90138  -8.85691  1.000 23.34931 ? 23  DC  C "H5'"  1 
ATOM   669 H  "H5''" . DC  B 1 11 ? 16.16525  -0.55816  -9.43676  1.000 23.34931 ? 23  DC  C "H5''" 1 
ATOM   670 H  "H4'"  . DC  B 1 11 ? 15.49030  1.19959   -8.06491  1.000 22.72231 ? 23  DC  C "H4'"  1 
ATOM   671 H  "H3'"  . DC  B 1 11 ? 17.64364  -0.31370  -7.14111  1.000 23.97628 ? 23  DC  C "H3'"  1 
ATOM   672 H  "H2'"  . DC  B 1 11 ? 17.62878  0.55282   -5.05686  1.000 23.24633 ? 23  DC  C "H2'"  1 
ATOM   673 H  "H2''" . DC  B 1 11 ? 17.11094  1.95609   -5.56395  1.000 23.24633 ? 23  DC  C "H2''" 1 
ATOM   674 H  "H1'"  . DC  B 1 11 ? 15.08439  1.37433   -5.04944  1.000 26.53744 ? 23  DC  C "H1'"  1 
ATOM   675 H  H41    . DC  B 1 11 ? 15.40170  -4.15370  -1.70015  1.000 25.50677 ? 23  DC  C H41    1 
ATOM   676 H  H42    . DC  B 1 11 ? 15.16527  -3.10316  -0.67095  1.000 25.50677 ? 23  DC  C H42    1 
ATOM   677 H  H5     . DC  B 1 11 ? 15.75230  -3.63003  -4.04114  1.000 22.36500 ? 23  DC  C H5     1 
ATOM   678 H  H6     . DC  B 1 11 ? 15.84287  -1.95744  -5.58764  1.000 21.67034 ? 23  DC  C H6     1 
ATOM   679 P  P      . DG  B 1 12 ? 19.58193  1.49996   -7.60772  1.000 21.79811 ? 24  DG  C P      1 
ATOM   680 O  OP1    . DG  B 1 12 ? 20.09088  2.26401   -8.76680  1.000 25.37379 ? 24  DG  C OP1    1 
ATOM   681 O  OP2    . DG  B 1 12 ? 20.06011  0.10965   -7.37426  1.000 21.38385 ? 24  DG  C OP2    1 
ATOM   682 O  "O5'"  . DG  B 1 12 ? 19.78276  2.25080   -6.21650  1.000 21.69609 ? 24  DG  C "O5'"  1 
ATOM   683 C  "C5'"  . DG  B 1 12 ? 19.39395  3.59093   -6.09624  1.000 20.18042 ? 24  DG  C "C5'"  1 
ATOM   684 C  "C4'"  . DG  B 1 12 ? 19.58214  4.12524   -4.67848  1.000 23.47628 ? 24  DG  C "C4'"  1 
ATOM   685 O  "O4'"  . DG  B 1 12 ? 18.60514  3.46661   -3.82496  1.000 18.00639 ? 24  DG  C "O4'"  1 
ATOM   686 C  "C3'"  . DG  B 1 12 ? 20.93140  3.83211   -4.05113  1.000 24.83067 ? 24  DG  C "C3'"  1 
ATOM   687 O  "O3'"  . DG  B 1 12 ? 21.83060  4.95510   -4.19121  1.000 19.12170 ? 24  DG  C "O3'"  1 
ATOM   688 C  "C2'"  . DG  B 1 12 ? 20.62168  3.56804   -2.57953  1.000 22.96787 ? 24  DG  C "C2'"  1 
ATOM   689 C  "C1'"  . DG  B 1 12 ? 19.17084  3.16732   -2.55867  1.000 21.34376 ? 24  DG  C "C1'"  1 
ATOM   690 N  N9     . DG  B 1 12 ? 19.03042  1.74283   -2.35846  1.000 20.37321 ? 24  DG  C N9     1 
ATOM   691 C  C8     . DG  B 1 12 ? 19.27676  0.77062   -3.29626  1.000 22.03531 ? 24  DG  C C8     1 
ATOM   692 N  N7     . DG  B 1 12 ? 19.08755  -0.43834  -2.85298  1.000 20.19347 ? 24  DG  C N7     1 
ATOM   693 C  C5     . DG  B 1 12 ? 18.76710  -0.26148  -1.51503  1.000 22.28346 ? 24  DG  C C5     1 
ATOM   694 C  C6     . DG  B 1 12 ? 18.46114  -1.21240  -0.52265  1.000 20.29917 ? 24  DG  C C6     1 
ATOM   695 O  O6     . DG  B 1 12 ? 18.41465  -2.44343  -0.63298  1.000 21.12312 ? 24  DG  C O6     1 
ATOM   696 N  N1     . DG  B 1 12 ? 18.18617  -0.61104  0.70051   1.000 18.27320 ? 24  DG  C N1     1 
ATOM   697 C  C2     . DG  B 1 12 ? 18.22693  0.74614   0.93454   1.000 19.05882 ? 24  DG  C C2     1 
ATOM   698 N  N2     . DG  B 1 12 ? 17.92899  1.14816   2.18074   1.000 17.44060 ? 24  DG  C N2     1 
ATOM   699 N  N3     . DG  B 1 12 ? 18.48037  1.64217   0.00832   1.000 16.68779 ? 24  DG  C N3     1 
ATOM   700 C  C4     . DG  B 1 12 ? 18.74296  1.07692   -1.18761  1.000 18.17259 ? 24  DG  C C4     1 
ATOM   701 H  "H5'"  . DG  B 1 12 ? 18.45806  3.66886   -6.33901  1.000 24.23100 ? 24  DG  C "H5'"  1 
ATOM   702 H  "H5''" . DG  B 1 12 ? 19.92417  4.12718   -6.70634  1.000 24.23100 ? 24  DG  C "H5''" 1 
ATOM   703 H  "H4'"  . DG  B 1 12 ? 19.44589  5.08556   -4.66704  1.000 28.18604 ? 24  DG  C "H4'"  1 
ATOM   704 H  "H3'"  . DG  B 1 12 ? 21.29479  3.03582   -4.46920  1.000 29.81130 ? 24  DG  C "H3'"  1 
ATOM   705 H  "HO3'" . DG  B 1 12 ? 22.57201  4.95128   -3.79636  1.000 22.96054 ? 24  DG  C "HO3'" 1 
ATOM   706 H  "H2'"  . DG  B 1 12 ? 21.18039  2.85474   -2.23322  1.000 27.57594 ? 24  DG  C "H2'"  1 
ATOM   707 H  "H2''" . DG  B 1 12 ? 20.76523  4.36742   -2.04916  1.000 27.57594 ? 24  DG  C "H2''" 1 
ATOM   708 H  "H1'"  . DG  B 1 12 ? 18.70187  3.68594   -1.88634  1.000 25.62701 ? 24  DG  C "H1'"  1 
ATOM   709 H  H8     . DG  B 1 12 ? 19.55226  0.95798   -4.16453  1.000 26.45687 ? 24  DG  C H8     1 
ATOM   710 H  H1     . DG  B 1 12 ? 17.97545  -1.12318  1.35845   1.000 21.94234 ? 24  DG  C H1     1 
ATOM   711 H  H21    . DG  B 1 12 ? 17.90513  1.98725   2.36773   1.000 20.94322 ? 24  DG  C H21    1 
ATOM   712 H  H22    . DG  B 1 12 ? 17.76204  0.56652   2.79184   1.000 20.94322 ? 24  DG  C H22    1 
HETATM 713 MG MG     . MG  C 2 .  ? 12.10346  -5.62260  3.34140   1.000 20.54315 ? 101 MG  B MG     1 
HETATM 714 O  O      . HOH D 3 .  ? 1.85331   0.03171   -13.17456 1.000 25.61678 ? 201 HOH B O      1 
HETATM 715 O  O      . HOH D 3 .  ? 12.13491  -1.21584  8.02167   1.000 24.05291 ? 202 HOH B O      1 
HETATM 716 O  O      . HOH D 3 .  ? -20.29311 2.37271   11.15691  1.000 28.41354 ? 203 HOH B O      1 
HETATM 717 O  O      . HOH D 3 .  ? 14.43468  5.97011   9.42143   1.000 37.71639 ? 204 HOH B O      1 
HETATM 718 O  O      . HOH D 3 .  ? -6.54159  -2.69206  4.15124   1.000 18.33400 ? 205 HOH B O      1 
HETATM 719 O  O      . HOH D 3 .  ? -9.90838  -7.57271  -2.43534  1.000 32.62390 ? 206 HOH B O      1 
HETATM 720 O  O      . HOH D 3 .  ? 9.13727   2.84787   7.07601   1.000 37.75773 ? 207 HOH B O      1 
HETATM 721 O  O      . HOH D 3 .  ? 13.32963  -4.87667  2.01113   1.000 21.48070 ? 208 HOH B O      1 
HETATM 722 O  O      . HOH D 3 .  ? 2.91692   -3.04394  -4.96273  1.000 21.08920 ? 209 HOH B O      1 
HETATM 723 O  O      . HOH D 3 .  ? 4.41509   5.47880   0.49808   1.000 24.05944 ? 210 HOH B O      1 
HETATM 724 O  O      . HOH D 3 .  ? -11.39042 -5.43003  -2.75199  1.000 27.58234 ? 211 HOH B O      1 
HETATM 725 O  O      . HOH D 3 .  ? 3.71134   -2.19698  -11.36553 1.000 26.75962 ? 212 HOH B O      1 
HETATM 726 O  O      . HOH D 3 .  ? 0.66673   5.12916   -0.17972  1.000 29.67265 ? 213 HOH B O      1 
HETATM 727 O  O      . HOH D 3 .  ? 1.40665   6.07520   -7.01057  1.000 31.74348 ? 214 HOH B O      1 
HETATM 728 O  O      . HOH D 3 .  ? 2.96869   3.64138   -12.02157 1.000 21.64820 ? 215 HOH B O      1 
HETATM 729 O  O      . HOH D 3 .  ? -20.13504 -3.70100  1.92711   1.000 36.77851 ? 216 HOH B O      1 
HETATM 730 O  O      . HOH D 3 .  ? -10.64612 -1.92894  5.07016   1.000 25.62518 ? 217 HOH B O      1 
HETATM 731 O  O      . HOH D 3 .  ? -2.10410  3.65210   -4.41322  1.000 30.83752 ? 218 HOH B O      1 
HETATM 732 O  O      . HOH D 3 .  ? 6.37598   0.30324   -6.43245  1.000 26.72500 ? 219 HOH B O      1 
HETATM 733 O  O      . HOH D 3 .  ? -0.52329  -4.73279  -2.12076  1.000 21.33500 ? 220 HOH B O      1 
HETATM 734 O  O      . HOH D 3 .  ? 12.38678  -4.02044  4.56185   1.000 19.80981 ? 221 HOH B O      1 
HETATM 735 O  O      . HOH D 3 .  ? 0.18440   3.36078   -10.78108 1.000 18.37963 ? 222 HOH B O      1 
HETATM 736 O  O      . HOH D 3 .  ? -2.27339  0.69965   -8.39149  1.000 21.02464 ? 223 HOH B O      1 
HETATM 737 O  O      . HOH D 3 .  ? 6.88797   3.32957   3.51979   1.000 32.65031 ? 224 HOH B O      1 
HETATM 738 O  O      . HOH D 3 .  ? 3.62701   7.56252   -3.20691  1.000 30.64167 ? 225 HOH B O      1 
HETATM 739 O  O      . HOH D 3 .  ? -18.27891 -4.21861  5.83425   1.000 32.04293 ? 226 HOH B O      1 
HETATM 740 O  O      . HOH D 3 .  ? 19.59072  -6.66191  6.58646   1.000 23.70492 ? 227 HOH B O      1 
HETATM 741 O  O      . HOH D 3 .  ? 6.71116   0.72584   3.48698   1.000 33.35011 ? 228 HOH B O      1 
HETATM 742 O  O      . HOH D 3 .  ? -16.41689 3.85944   12.02088  1.000 27.98257 ? 229 HOH B O      1 
HETATM 743 O  O      . HOH D 3 .  ? 1.40971   5.93562   -11.00469 1.000 21.72541 ? 230 HOH B O      1 
HETATM 744 O  O      . HOH D 3 .  ? -8.70120  -1.13643  -4.95914  1.000 19.08499 ? 231 HOH B O      1 
HETATM 745 O  O      . HOH D 3 .  ? -5.38915  -7.45471  5.13713   1.000 33.61781 ? 232 HOH B O      1 
HETATM 746 O  O      . HOH D 3 .  ? -18.15414 -1.76621  9.68124   1.000 30.78034 ? 233 HOH B O      1 
HETATM 747 O  O      . HOH D 3 .  ? 8.82957   -1.06117  5.15671   1.000 31.39876 ? 234 HOH B O      1 
HETATM 748 O  O      . HOH D 3 .  ? 5.56451   6.99163   -12.71419 1.000 29.11593 ? 235 HOH B O      1 
HETATM 749 O  O      . HOH D 3 .  ? -5.86778  -2.67379  -7.81985  1.000 27.19012 ? 236 HOH B O      1 
HETATM 750 O  O      . HOH D 3 .  ? 15.39103  -6.77887  0.63764   1.000 35.79651 ? 237 HOH B O      1 
HETATM 751 O  O      . HOH D 3 .  ? -2.34437  4.69890   -2.19183  1.000 29.98969 ? 238 HOH B O      1 
HETATM 752 O  O      . HOH D 3 .  ? -15.74119 -5.90061  0.74443   1.000 29.31257 ? 239 HOH B O      1 
HETATM 753 O  O      . HOH D 3 .  ? 4.19977   3.57358   2.44494   1.000 23.16255 ? 240 HOH B O      1 
HETATM 754 O  O      . HOH D 3 .  ? 8.98142   2.79095   -7.01574  1.000 30.17711 ? 241 HOH B O      1 
HETATM 755 O  O      . HOH D 3 .  ? -2.17968  -6.15375  -0.72307  1.000 25.59579 ? 242 HOH B O      1 
HETATM 756 O  O      . HOH D 3 .  ? -4.88036  -5.09478  3.60533   1.000 21.08259 ? 243 HOH B O      1 
HETATM 757 O  O      . HOH D 3 .  ? -8.30325  -3.22750  6.15286   1.000 28.03936 ? 244 HOH B O      1 
HETATM 758 O  O      . HOH D 3 .  ? 10.93972  6.52919   -5.33282  1.000 26.15026 ? 245 HOH B O      1 
HETATM 759 O  O      . HOH D 3 .  ? 1.54619   -6.38095  -10.11387 1.000 36.32203 ? 246 HOH B O      1 
HETATM 760 O  O      . HOH D 3 .  ? -7.24167  -3.37956  -6.14941  1.000 31.65650 ? 247 HOH B O      1 
HETATM 761 O  O      . HOH D 3 .  ? -18.37908 -4.04057  8.62011   1.000 36.69593 ? 248 HOH B O      1 
HETATM 762 O  O      . HOH D 3 .  ? 2.26106   8.43350   -5.26384  1.000 26.76362 ? 249 HOH B O      1 
HETATM 763 O  O      . HOH D 3 .  ? -1.03988  4.65118   -8.86313  1.000 33.04833 ? 250 HOH B O      1 
HETATM 764 O  O      . HOH D 3 .  ? 4.01087   1.51525   -13.20122 1.000 25.56967 ? 251 HOH B O      1 
HETATM 765 O  O      . HOH D 3 .  ? 7.31862   0.75044   -9.17430  1.000 34.86390 ? 252 HOH B O      1 
HETATM 766 O  O      . HOH D 3 .  ? 7.79967   -3.31304  5.46855   1.000 25.38642 ? 253 HOH B O      1 
HETATM 767 O  O      . HOH D 3 .  ? 9.70180   -0.12212  7.52214   1.000 34.26624 ? 254 HOH B O      1 
HETATM 768 O  O      . HOH D 3 .  ? 3.22774   -6.11989  -8.25606  1.000 31.65971 ? 255 HOH B O      1 
HETATM 769 O  O      . HOH E 3 .  ? -15.22663 3.55950   -6.69036  1.000 32.28361 ? 101 HOH C O      1 
HETATM 770 O  O      . HOH E 3 .  ? 4.82853   -11.42675 -1.48326  1.000 33.68291 ? 102 HOH C O      1 
HETATM 771 O  O      . HOH E 3 .  ? 1.91265   -4.10032  6.24178   1.000 35.15299 ? 103 HOH C O      1 
HETATM 772 O  O      . HOH E 3 .  ? 19.29244  -4.51647  -1.74344  1.000 30.67943 ? 104 HOH C O      1 
HETATM 773 O  O      . HOH E 3 .  ? -16.58611 10.81159  -2.39100  1.000 30.78608 ? 105 HOH C O      1 
HETATM 774 O  O      . HOH E 3 .  ? 21.36272  6.96235   -5.72903  1.000 28.59382 ? 106 HOH C O      1 
HETATM 775 O  O      . HOH E 3 .  ? -10.91198 11.64680  4.89208   1.000 38.13649 ? 107 HOH C O      1 
HETATM 776 O  O      . HOH E 3 .  ? -8.00310  8.08435   9.54431   1.000 30.20654 ? 108 HOH C O      1 
HETATM 777 O  O      . HOH E 3 .  ? -0.61411  4.45754   2.26307   1.000 28.96276 ? 109 HOH C O      1 
HETATM 778 O  O      . HOH E 3 .  ? -2.70739  5.32650   6.25679   1.000 39.74454 ? 110 HOH C O      1 
HETATM 779 O  O      . HOH E 3 .  ? 10.51955  -4.56569  2.29124   1.000 22.46177 ? 111 HOH C O      1 
HETATM 780 O  O      . HOH E 3 .  ? 19.68142  -1.98006  -5.00694  1.000 23.12269 ? 112 HOH C O      1 
HETATM 781 O  O      . HOH E 3 .  ? -4.28707  5.72653   2.06779   1.000 26.60822 ? 113 HOH C O      1 
HETATM 782 O  O      . HOH E 3 .  ? -7.36748  11.07963  3.96420   1.000 43.82722 ? 114 HOH C O      1 
HETATM 783 O  O      . HOH E 3 .  ? 12.22072  -9.28012  -7.51116  1.000 40.70032 ? 115 HOH C O      1 
HETATM 784 O  O      . HOH E 3 .  ? 18.41759  -4.32034  -6.07476  1.000 31.52269 ? 116 HOH C O      1 
HETATM 785 O  O      . HOH E 3 .  ? -3.60234  -4.72545  1.27704   1.000 20.73814 ? 117 HOH C O      1 
HETATM 786 O  O      . HOH E 3 .  ? 8.62800   -1.17229  -6.42461  1.000 23.34318 ? 118 HOH C O      1 
HETATM 787 O  O      . HOH E 3 .  ? -21.44461 6.63405   -7.11896  1.000 33.12820 ? 119 HOH C O      1 
HETATM 788 O  O      . HOH E 3 .  ? 4.53329   -0.48054  4.08688   1.000 30.77494 ? 120 HOH C O      1 
HETATM 789 O  O      . HOH E 3 .  ? 8.03515   -4.27251  2.85263   1.000 20.19980 ? 121 HOH C O      1 
HETATM 790 O  O      . HOH E 3 .  ? -4.16267  5.06020   -0.60182  1.000 32.95250 ? 122 HOH C O      1 
HETATM 791 O  O      . HOH E 3 .  ? 10.86282  -6.81334  -0.40692  1.000 22.16203 ? 123 HOH C O      1 
HETATM 792 O  O      . HOH E 3 .  ? -14.57221 -0.76483  -4.54879  1.000 32.50918 ? 124 HOH C O      1 
HETATM 793 O  O      . HOH E 3 .  ? 2.05454   0.32933   4.80666   1.000 25.48186 ? 125 HOH C O      1 
HETATM 794 O  O      . HOH E 3 .  ? -18.10640 -4.88456  -2.08041  1.000 33.89322 ? 126 HOH C O      1 
HETATM 795 O  O      . HOH E 3 .  ? 15.65460  -7.26613  -7.03719  1.000 32.79222 ? 127 HOH C O      1 
HETATM 796 O  O      . HOH E 3 .  ? 12.05187  0.31137   -5.88911  1.000 28.38916 ? 128 HOH C O      1 
HETATM 797 O  O      . HOH E 3 .  ? -14.57034 -3.08209  -2.74321  1.000 39.38355 ? 129 HOH C O      1 
HETATM 798 O  O      . HOH E 3 .  ? 1.96046   2.46776   3.64846   1.000 30.13892 ? 130 HOH C O      1 
HETATM 799 O  O      . HOH E 3 .  ? 11.47997  -7.59843  -4.54024  1.000 30.66827 ? 131 HOH C O      1 
HETATM 800 O  O      . HOH E 3 .  ? 15.35360  -6.33180  -2.52435  1.000 23.03816 ? 132 HOH C O      1 
HETATM 801 O  O      . HOH E 3 .  ? -5.82160  7.90103   2.20605   1.000 33.52807 ? 133 HOH C O      1 
HETATM 802 O  O      . HOH E 3 .  ? 1.00740   -5.37870  -4.36029  1.000 25.55838 ? 134 HOH C O      1 
HETATM 803 O  O      . HOH E 3 .  ? 0.88527   -7.69215  -5.84006  1.000 31.87716 ? 135 HOH C O      1 
HETATM 804 O  O      . HOH E 3 .  ? 8.27282   -7.49909  -0.54849  1.000 25.95544 ? 136 HOH C O      1 
HETATM 805 O  O      . HOH E 3 .  ? -1.58787  4.36055   7.70154   1.000 36.35549 ? 137 HOH C O      1 
HETATM 806 O  O      . HOH E 3 .  ? -15.04287 14.41695  -1.23167  1.000 36.99610 ? 138 HOH C O      1 
HETATM 807 O  O      . HOH E 3 .  ? -1.48903  6.12940   3.66014   1.000 35.75175 ? 139 HOH C O      1 
HETATM 808 O  O      . HOH E 3 .  ? -13.06051 14.79112  -2.57379  1.000 36.32321 ? 140 HOH C O      1 
# 
loop_
_pdbx_poly_seq_scheme.asym_id 
_pdbx_poly_seq_scheme.entity_id 
_pdbx_poly_seq_scheme.seq_id 
_pdbx_poly_seq_scheme.mon_id 
_pdbx_poly_seq_scheme.ndb_seq_num 
_pdbx_poly_seq_scheme.pdb_seq_num 
_pdbx_poly_seq_scheme.auth_seq_num 
_pdbx_poly_seq_scheme.pdb_mon_id 
_pdbx_poly_seq_scheme.auth_mon_id 
_pdbx_poly_seq_scheme.pdb_strand_id 
_pdbx_poly_seq_scheme.pdb_ins_code 
_pdbx_poly_seq_scheme.hetero 
A 1 1  DC 1  1  1  DC DC B . n 
A 1 2  DG 2  2  2  DG DG B . n 
A 1 3  DC 3  3  3  DC DC B . n 
A 1 4  DG 4  4  4  DG DG B . n 
A 1 5  DA 5  5  5  DA DA B . n 
A 1 6  DT 6  6  6  DT DT B . n 
A 1 7  DA 7  7  7  DA DA B . n 
A 1 8  DT 8  8  8  DT DT B . n 
A 1 9  DC 9  9  9  DC DC B . n 
A 1 10 DG 10 10 10 DG DG B . n 
A 1 11 DC 11 11 11 DC DC B . n 
A 1 12 DG 12 12 12 DG DG B . n 
B 1 1  DC 1  13 13 DC DC C . n 
B 1 2  DG 2  14 14 DG DG C . n 
B 1 3  DC 3  15 15 DC DC C . n 
B 1 4  DG 4  16 16 DG DG C . n 
B 1 5  DA 5  17 17 DA DA C . n 
B 1 6  DT 6  18 18 DT DT C . n 
B 1 7  DA 7  19 19 DA DA C . n 
B 1 8  DT 8  20 20 DT DT C . n 
B 1 9  DC 9  21 21 DC DC C . n 
B 1 10 DG 10 22 22 DG DG C . n 
B 1 11 DC 11 23 23 DC DC C . n 
B 1 12 DG 12 24 24 DG DG C . n 
# 
_pdbx_contact_author.id                 2 
_pdbx_contact_author.email              wdw@gsu.edu 
_pdbx_contact_author.name_first         W 
_pdbx_contact_author.name_last          Wilson 
_pdbx_contact_author.name_mi            David 
_pdbx_contact_author.role               'principal investigator/group leader' 
_pdbx_contact_author.identifier_ORCID   0000-0001-5225-5089 
# 
loop_
_pdbx_nonpoly_scheme.asym_id 
_pdbx_nonpoly_scheme.entity_id 
_pdbx_nonpoly_scheme.mon_id 
_pdbx_nonpoly_scheme.ndb_seq_num 
_pdbx_nonpoly_scheme.pdb_seq_num 
_pdbx_nonpoly_scheme.auth_seq_num 
_pdbx_nonpoly_scheme.pdb_mon_id 
_pdbx_nonpoly_scheme.auth_mon_id 
_pdbx_nonpoly_scheme.pdb_strand_id 
_pdbx_nonpoly_scheme.pdb_ins_code 
C 2 MG  1  101 1  MG  MG  B . 
D 3 HOH 1  201 34 HOH HOH B . 
D 3 HOH 2  202 20 HOH HOH B . 
D 3 HOH 3  203 28 HOH HOH B . 
D 3 HOH 4  204 86 HOH HOH B . 
D 3 HOH 5  205 5  HOH HOH B . 
D 3 HOH 6  206 78 HOH HOH B . 
D 3 HOH 7  207 40 HOH HOH B . 
D 3 HOH 8  208 3  HOH HOH B . 
D 3 HOH 9  209 17 HOH HOH B . 
D 3 HOH 10 210 19 HOH HOH B . 
D 3 HOH 11 211 29 HOH HOH B . 
D 3 HOH 12 212 32 HOH HOH B . 
D 3 HOH 13 213 50 HOH HOH B . 
D 3 HOH 14 214 73 HOH HOH B . 
D 3 HOH 15 215 6  HOH HOH B . 
D 3 HOH 16 216 93 HOH HOH B . 
D 3 HOH 17 217 12 HOH HOH B . 
D 3 HOH 18 218 54 HOH HOH B . 
D 3 HOH 19 219 42 HOH HOH B . 
D 3 HOH 20 220 8  HOH HOH B . 
D 3 HOH 21 221 2  HOH HOH B . 
D 3 HOH 22 222 1  HOH HOH B . 
D 3 HOH 23 223 15 HOH HOH B . 
D 3 HOH 24 224 52 HOH HOH B . 
D 3 HOH 25 225 69 HOH HOH B . 
D 3 HOH 26 226 80 HOH HOH B . 
D 3 HOH 27 227 24 HOH HOH B . 
D 3 HOH 28 228 36 HOH HOH B . 
D 3 HOH 29 229 33 HOH HOH B . 
D 3 HOH 30 230 4  HOH HOH B . 
D 3 HOH 31 231 11 HOH HOH B . 
D 3 HOH 32 232 92 HOH HOH B . 
D 3 HOH 33 233 47 HOH HOH B . 
D 3 HOH 34 234 58 HOH HOH B . 
D 3 HOH 35 235 63 HOH HOH B . 
D 3 HOH 36 236 49 HOH HOH B . 
D 3 HOH 37 237 43 HOH HOH B . 
D 3 HOH 38 238 44 HOH HOH B . 
D 3 HOH 39 239 55 HOH HOH B . 
D 3 HOH 40 240 22 HOH HOH B . 
D 3 HOH 41 241 87 HOH HOH B . 
D 3 HOH 42 242 26 HOH HOH B . 
D 3 HOH 43 243 7  HOH HOH B . 
D 3 HOH 44 244 21 HOH HOH B . 
D 3 HOH 45 245 46 HOH HOH B . 
D 3 HOH 46 246 60 HOH HOH B . 
D 3 HOH 47 247 71 HOH HOH B . 
D 3 HOH 48 248 82 HOH HOH B . 
D 3 HOH 49 249 62 HOH HOH B . 
D 3 HOH 50 250 75 HOH HOH B . 
D 3 HOH 51 251 56 HOH HOH B . 
D 3 HOH 52 252 81 HOH HOH B . 
D 3 HOH 53 253 67 HOH HOH B . 
D 3 HOH 54 254 84 HOH HOH B . 
D 3 HOH 55 255 70 HOH HOH B . 
E 3 HOH 1  101 77 HOH HOH C . 
E 3 HOH 2  102 89 HOH HOH C . 
E 3 HOH 3  103 51 HOH HOH C . 
E 3 HOH 4  104 85 HOH HOH C . 
E 3 HOH 5  105 91 HOH HOH C . 
E 3 HOH 6  106 41 HOH HOH C . 
E 3 HOH 7  107 39 HOH HOH C . 
E 3 HOH 8  108 59 HOH HOH C . 
E 3 HOH 9  109 61 HOH HOH C . 
E 3 HOH 10 110 83 HOH HOH C . 
E 3 HOH 11 111 9  HOH HOH C . 
E 3 HOH 12 112 18 HOH HOH C . 
E 3 HOH 13 113 23 HOH HOH C . 
E 3 HOH 14 114 90 HOH HOH C . 
E 3 HOH 15 115 94 HOH HOH C . 
E 3 HOH 16 116 68 HOH HOH C . 
E 3 HOH 17 117 10 HOH HOH C . 
E 3 HOH 18 118 30 HOH HOH C . 
E 3 HOH 19 119 53 HOH HOH C . 
E 3 HOH 20 120 66 HOH HOH C . 
E 3 HOH 21 121 16 HOH HOH C . 
E 3 HOH 22 122 65 HOH HOH C . 
E 3 HOH 23 123 14 HOH HOH C . 
E 3 HOH 24 124 57 HOH HOH C . 
E 3 HOH 25 125 13 HOH HOH C . 
E 3 HOH 26 126 31 HOH HOH C . 
E 3 HOH 27 127 95 HOH HOH C . 
E 3 HOH 28 128 25 HOH HOH C . 
E 3 HOH 29 129 79 HOH HOH C . 
E 3 HOH 30 130 48 HOH HOH C . 
E 3 HOH 31 131 72 HOH HOH C . 
E 3 HOH 32 132 35 HOH HOH C . 
E 3 HOH 33 133 45 HOH HOH C . 
E 3 HOH 34 134 27 HOH HOH C . 
E 3 HOH 35 135 38 HOH HOH C . 
E 3 HOH 36 136 37 HOH HOH C . 
E 3 HOH 37 137 76 HOH HOH C . 
E 3 HOH 38 138 74 HOH HOH C . 
E 3 HOH 39 139 64 HOH HOH C . 
E 3 HOH 40 140 88 HOH HOH C . 
# 
_pdbx_struct_assembly.id                   1 
_pdbx_struct_assembly.details              author_defined_assembly 
_pdbx_struct_assembly.method_details       ? 
_pdbx_struct_assembly.oligomeric_details   dimeric 
_pdbx_struct_assembly.oligomeric_count     2 
# 
_pdbx_struct_assembly_gen.assembly_id       1 
_pdbx_struct_assembly_gen.oper_expression   1 
_pdbx_struct_assembly_gen.asym_id_list      A,B,C,D,E 
# 
_pdbx_struct_oper_list.id                   1 
_pdbx_struct_oper_list.type                 'identity operation' 
_pdbx_struct_oper_list.name                 1_555 
_pdbx_struct_oper_list.symmetry_operation   x,y,z 
_pdbx_struct_oper_list.matrix[1][1]         1.0000000000 
_pdbx_struct_oper_list.matrix[1][2]         0.0000000000 
_pdbx_struct_oper_list.matrix[1][3]         0.0000000000 
_pdbx_struct_oper_list.vector[1]            0.0000000000 
_pdbx_struct_oper_list.matrix[2][1]         0.0000000000 
_pdbx_struct_oper_list.matrix[2][2]         1.0000000000 
_pdbx_struct_oper_list.matrix[2][3]         0.0000000000 
_pdbx_struct_oper_list.vector[2]            0.0000000000 
_pdbx_struct_oper_list.matrix[3][1]         0.0000000000 
_pdbx_struct_oper_list.matrix[3][2]         0.0000000000 
_pdbx_struct_oper_list.matrix[3][3]         1.0000000000 
_pdbx_struct_oper_list.vector[3]            0.0000000000 
# 
loop_
_pdbx_struct_conn_angle.id 
_pdbx_struct_conn_angle.ptnr1_label_atom_id 
_pdbx_struct_conn_angle.ptnr1_label_alt_id 
_pdbx_struct_conn_angle.ptnr1_label_asym_id 
_pdbx_struct_conn_angle.ptnr1_label_comp_id 
_pdbx_struct_conn_angle.ptnr1_label_seq_id 
_pdbx_struct_conn_angle.ptnr1_auth_atom_id 
_pdbx_struct_conn_angle.ptnr1_auth_asym_id 
_pdbx_struct_conn_angle.ptnr1_auth_comp_id 
_pdbx_struct_conn_angle.ptnr1_auth_seq_id 
_pdbx_struct_conn_angle.ptnr1_PDB_ins_code 
_pdbx_struct_conn_angle.ptnr1_symmetry 
_pdbx_struct_conn_angle.ptnr2_label_atom_id 
_pdbx_struct_conn_angle.ptnr2_label_alt_id 
_pdbx_struct_conn_angle.ptnr2_label_asym_id 
_pdbx_struct_conn_angle.ptnr2_label_comp_id 
_pdbx_struct_conn_angle.ptnr2_label_seq_id 
_pdbx_struct_conn_angle.ptnr2_auth_atom_id 
_pdbx_struct_conn_angle.ptnr2_auth_asym_id 
_pdbx_struct_conn_angle.ptnr2_auth_comp_id 
_pdbx_struct_conn_angle.ptnr2_auth_seq_id 
_pdbx_struct_conn_angle.ptnr2_PDB_ins_code 
_pdbx_struct_conn_angle.ptnr2_symmetry 
_pdbx_struct_conn_angle.ptnr3_label_atom_id 
_pdbx_struct_conn_angle.ptnr3_label_alt_id 
_pdbx_struct_conn_angle.ptnr3_label_asym_id 
_pdbx_struct_conn_angle.ptnr3_label_comp_id 
_pdbx_struct_conn_angle.ptnr3_label_seq_id 
_pdbx_struct_conn_angle.ptnr3_auth_atom_id 
_pdbx_struct_conn_angle.ptnr3_auth_asym_id 
_pdbx_struct_conn_angle.ptnr3_auth_comp_id 
_pdbx_struct_conn_angle.ptnr3_auth_seq_id 
_pdbx_struct_conn_angle.ptnr3_PDB_ins_code 
_pdbx_struct_conn_angle.ptnr3_symmetry 
_pdbx_struct_conn_angle.value 
_pdbx_struct_conn_angle.value_esd 
1  O ? D HOH . ? B HOH 208 ? 1_555 MG ? C MG . ? B MG 101 ? 1_555 O ? D HOH . ? B HOH 215 ? 3_655 170.2 ? 
2  O ? D HOH . ? B HOH 208 ? 1_555 MG ? C MG . ? B MG 101 ? 1_555 O ? D HOH . ? B HOH 221 ? 1_555 91.2  ? 
3  O ? D HOH . ? B HOH 215 ? 3_655 MG ? C MG . ? B MG 101 ? 1_555 O ? D HOH . ? B HOH 221 ? 1_555 88.4  ? 
4  O ? D HOH . ? B HOH 208 ? 1_555 MG ? C MG . ? B MG 101 ? 1_555 O ? D HOH . ? B HOH 222 ? 3_655 95.1  ? 
5  O ? D HOH . ? B HOH 215 ? 3_655 MG ? C MG . ? B MG 101 ? 1_555 O ? D HOH . ? B HOH 222 ? 3_655 94.7  ? 
6  O ? D HOH . ? B HOH 221 ? 1_555 MG ? C MG . ? B MG 101 ? 1_555 O ? D HOH . ? B HOH 222 ? 3_655 92.9  ? 
7  O ? D HOH . ? B HOH 208 ? 1_555 MG ? C MG . ? B MG 101 ? 1_555 O ? D HOH . ? B HOH 230 ? 3_655 92.4  ? 
8  O ? D HOH . ? B HOH 215 ? 3_655 MG ? C MG . ? B MG 101 ? 1_555 O ? D HOH . ? B HOH 230 ? 3_655 87.8  ? 
9  O ? D HOH . ? B HOH 221 ? 1_555 MG ? C MG . ? B MG 101 ? 1_555 O ? D HOH . ? B HOH 230 ? 3_655 176.1 ? 
10 O ? D HOH . ? B HOH 222 ? 3_655 MG ? C MG . ? B MG 101 ? 1_555 O ? D HOH . ? B HOH 230 ? 3_655 88.4  ? 
11 O ? D HOH . ? B HOH 208 ? 1_555 MG ? C MG . ? B MG 101 ? 1_555 O ? E HOH . ? C HOH 111 ? 1_555 86.7  ? 
12 O ? D HOH . ? B HOH 215 ? 3_655 MG ? C MG . ? B MG 101 ? 1_555 O ? E HOH . ? C HOH 111 ? 1_555 83.5  ? 
13 O ? D HOH . ? B HOH 221 ? 1_555 MG ? C MG . ? B MG 101 ? 1_555 O ? E HOH . ? C HOH 111 ? 1_555 90.5  ? 
14 O ? D HOH . ? B HOH 222 ? 3_655 MG ? C MG . ? B MG 101 ? 1_555 O ? E HOH . ? C HOH 111 ? 1_555 176.1 ? 
15 O ? D HOH . ? B HOH 230 ? 3_655 MG ? C MG . ? B MG 101 ? 1_555 O ? E HOH . ? C HOH 111 ? 1_555 88.1  ? 
# 
loop_
_pdbx_audit_revision_history.ordinal 
_pdbx_audit_revision_history.data_content_type 
_pdbx_audit_revision_history.major_revision 
_pdbx_audit_revision_history.minor_revision 
_pdbx_audit_revision_history.revision_date 
1 'Structure model' 1 0 2023-02-22 
2 'Structure model' 1 1 2023-08-30 
3 'Structure model' 1 2 2023-10-25 
# 
_pdbx_audit_revision_details.ordinal             1 
_pdbx_audit_revision_details.revision_ordinal    1 
_pdbx_audit_revision_details.data_content_type   'Structure model' 
_pdbx_audit_revision_details.provider            repository 
_pdbx_audit_revision_details.type                'Initial release' 
_pdbx_audit_revision_details.description         ? 
_pdbx_audit_revision_details.details             ? 
# 
loop_
_pdbx_audit_revision_group.ordinal 
_pdbx_audit_revision_group.revision_ordinal 
_pdbx_audit_revision_group.data_content_type 
_pdbx_audit_revision_group.group 
1 2 'Structure model' 'Data collection'        
2 2 'Structure model' 'Database references'    
3 3 'Structure model' 'Refinement description' 
# 
loop_
_pdbx_audit_revision_category.ordinal 
_pdbx_audit_revision_category.revision_ordinal 
_pdbx_audit_revision_category.data_content_type 
_pdbx_audit_revision_category.category 
1 2 'Structure model' chem_comp_atom                
2 2 'Structure model' chem_comp_bond                
3 2 'Structure model' citation                      
4 2 'Structure model' citation_author               
5 3 'Structure model' pdbx_initial_refinement_model 
# 
loop_
_pdbx_audit_revision_item.ordinal 
_pdbx_audit_revision_item.revision_ordinal 
_pdbx_audit_revision_item.data_content_type 
_pdbx_audit_revision_item.item 
1 2 'Structure model' '_citation.journal_volume'          
2 2 'Structure model' '_citation.page_first'              
3 2 'Structure model' '_citation.page_last'               
4 2 'Structure model' '_citation.pdbx_database_id_DOI'    
5 2 'Structure model' '_citation.pdbx_database_id_PubMed' 
6 2 'Structure model' '_citation.title'                   
# 
loop_
_space_group_symop.id 
_space_group_symop.operation_xyz 
1 x,y,z           
2 x+1/2,-y+1/2,-z 
3 -x,y+1/2,-z+1/2 
4 -x+1/2,-y,z+1/2 
# 
loop_
_software.citation_id 
_software.classification 
_software.compiler_name 
_software.compiler_version 
_software.contact_author 
_software.contact_author_email 
_software.date 
_software.description 
_software.dependencies 
_software.hardware 
_software.language 
_software.location 
_software.mods 
_software.name 
_software.os 
_software.os_version 
_software.type 
_software.version 
_software.pdbx_ordinal 
? refinement        ? ? ? ? ? ? ? ? ? ? ? PHENIX   ? ? ? 1.19.2_4158 1 
? 'data processing' ? ? ? ? ? ? ? ? ? ? ? autoPROC ? ? ? 1.19.2_4158 2 
? 'data scaling'    ? ? ? ? ? ? ? ? ? ? ? XDS      ? ? ? .           3 
? phasing           ? ? ? ? ? ? ? ? ? ? ? PHASER   ? ? ? .           4 
? 'model building'  ? ? ? ? ? ? ? ? ? ? ? Coot     ? ? ? .           5 
? 'data reduction'  ? ? ? ? ? ? ? ? ? ? ? XDS      ? ? ? .           6 
# 
_pdbx_entry_details.entry_id                 8F2Y 
_pdbx_entry_details.nonpolymer_details       ? 
_pdbx_entry_details.sequence_details         ? 
_pdbx_entry_details.compound_details         ? 
_pdbx_entry_details.source_details           ? 
_pdbx_entry_details.has_ligand_of_interest   Y 
# 
loop_
_pdbx_validate_close_contact.id 
_pdbx_validate_close_contact.PDB_model_num 
_pdbx_validate_close_contact.auth_atom_id_1 
_pdbx_validate_close_contact.auth_asym_id_1 
_pdbx_validate_close_contact.auth_comp_id_1 
_pdbx_validate_close_contact.auth_seq_id_1 
_pdbx_validate_close_contact.PDB_ins_code_1 
_pdbx_validate_close_contact.label_alt_id_1 
_pdbx_validate_close_contact.auth_atom_id_2 
_pdbx_validate_close_contact.auth_asym_id_2 
_pdbx_validate_close_contact.auth_comp_id_2 
_pdbx_validate_close_contact.auth_seq_id_2 
_pdbx_validate_close_contact.PDB_ins_code_2 
_pdbx_validate_close_contact.label_alt_id_2 
_pdbx_validate_close_contact.dist 
1 1 O   C HOH 110 ? ? O C HOH 137 ? ? 2.07 
2 1 OP2 C DG  14  ? ? O C HOH 101 ? ? 2.12 
# 
_pdbx_validate_rmsd_bond.id                        1 
_pdbx_validate_rmsd_bond.PDB_model_num             1 
_pdbx_validate_rmsd_bond.auth_atom_id_1            "O3'" 
_pdbx_validate_rmsd_bond.auth_asym_id_1            C 
_pdbx_validate_rmsd_bond.auth_comp_id_1            DG 
_pdbx_validate_rmsd_bond.auth_seq_id_1             22 
_pdbx_validate_rmsd_bond.PDB_ins_code_1            ? 
_pdbx_validate_rmsd_bond.label_alt_id_1            ? 
_pdbx_validate_rmsd_bond.auth_atom_id_2            "C3'" 
_pdbx_validate_rmsd_bond.auth_asym_id_2            C 
_pdbx_validate_rmsd_bond.auth_comp_id_2            DG 
_pdbx_validate_rmsd_bond.auth_seq_id_2             22 
_pdbx_validate_rmsd_bond.PDB_ins_code_2            ? 
_pdbx_validate_rmsd_bond.label_alt_id_2            ? 
_pdbx_validate_rmsd_bond.bond_value                1.364 
_pdbx_validate_rmsd_bond.bond_target_value         1.419 
_pdbx_validate_rmsd_bond.bond_deviation            -0.055 
_pdbx_validate_rmsd_bond.bond_standard_deviation   0.006 
_pdbx_validate_rmsd_bond.linker_flag               N 
# 
loop_
_pdbx_validate_rmsd_angle.id 
_pdbx_validate_rmsd_angle.PDB_model_num 
_pdbx_validate_rmsd_angle.auth_atom_id_1 
_pdbx_validate_rmsd_angle.auth_asym_id_1 
_pdbx_validate_rmsd_angle.auth_comp_id_1 
_pdbx_validate_rmsd_angle.auth_seq_id_1 
_pdbx_validate_rmsd_angle.PDB_ins_code_1 
_pdbx_validate_rmsd_angle.label_alt_id_1 
_pdbx_validate_rmsd_angle.auth_atom_id_2 
_pdbx_validate_rmsd_angle.auth_asym_id_2 
_pdbx_validate_rmsd_angle.auth_comp_id_2 
_pdbx_validate_rmsd_angle.auth_seq_id_2 
_pdbx_validate_rmsd_angle.PDB_ins_code_2 
_pdbx_validate_rmsd_angle.label_alt_id_2 
_pdbx_validate_rmsd_angle.auth_atom_id_3 
_pdbx_validate_rmsd_angle.auth_asym_id_3 
_pdbx_validate_rmsd_angle.auth_comp_id_3 
_pdbx_validate_rmsd_angle.auth_seq_id_3 
_pdbx_validate_rmsd_angle.PDB_ins_code_3 
_pdbx_validate_rmsd_angle.label_alt_id_3 
_pdbx_validate_rmsd_angle.angle_value 
_pdbx_validate_rmsd_angle.angle_target_value 
_pdbx_validate_rmsd_angle.angle_deviation 
_pdbx_validate_rmsd_angle.angle_standard_deviation 
_pdbx_validate_rmsd_angle.linker_flag 
1 1 "O4'" B DC 9  ? ? "C1'" B DC 9  ? ? N1 B DC 9  ? ? 103.64 108.00 -4.36 0.70 N 
2 1 "O4'" C DG 22 ? ? "C1'" C DG 22 ? ? N9 C DG 22 ? ? 110.38 108.30 2.08  0.30 N 
# 
loop_
_chem_comp_atom.comp_id 
_chem_comp_atom.atom_id 
_chem_comp_atom.type_symbol 
_chem_comp_atom.pdbx_aromatic_flag 
_chem_comp_atom.pdbx_stereo_config 
_chem_comp_atom.pdbx_ordinal 
DA  OP3    O  N N 1   
DA  P      P  N N 2   
DA  OP1    O  N N 3   
DA  OP2    O  N N 4   
DA  "O5'"  O  N N 5   
DA  "C5'"  C  N N 6   
DA  "C4'"  C  N R 7   
DA  "O4'"  O  N N 8   
DA  "C3'"  C  N S 9   
DA  "O3'"  O  N N 10  
DA  "C2'"  C  N N 11  
DA  "C1'"  C  N R 12  
DA  N9     N  Y N 13  
DA  C8     C  Y N 14  
DA  N7     N  Y N 15  
DA  C5     C  Y N 16  
DA  C6     C  Y N 17  
DA  N6     N  N N 18  
DA  N1     N  Y N 19  
DA  C2     C  Y N 20  
DA  N3     N  Y N 21  
DA  C4     C  Y N 22  
DA  HOP3   H  N N 23  
DA  HOP2   H  N N 24  
DA  "H5'"  H  N N 25  
DA  "H5''" H  N N 26  
DA  "H4'"  H  N N 27  
DA  "H3'"  H  N N 28  
DA  "HO3'" H  N N 29  
DA  "H2'"  H  N N 30  
DA  "H2''" H  N N 31  
DA  "H1'"  H  N N 32  
DA  H8     H  N N 33  
DA  H61    H  N N 34  
DA  H62    H  N N 35  
DA  H2     H  N N 36  
DC  OP3    O  N N 37  
DC  P      P  N N 38  
DC  OP1    O  N N 39  
DC  OP2    O  N N 40  
DC  "O5'"  O  N N 41  
DC  "C5'"  C  N N 42  
DC  "C4'"  C  N R 43  
DC  "O4'"  O  N N 44  
DC  "C3'"  C  N S 45  
DC  "O3'"  O  N N 46  
DC  "C2'"  C  N N 47  
DC  "C1'"  C  N R 48  
DC  N1     N  N N 49  
DC  C2     C  N N 50  
DC  O2     O  N N 51  
DC  N3     N  N N 52  
DC  C4     C  N N 53  
DC  N4     N  N N 54  
DC  C5     C  N N 55  
DC  C6     C  N N 56  
DC  HOP3   H  N N 57  
DC  HOP2   H  N N 58  
DC  "H5'"  H  N N 59  
DC  "H5''" H  N N 60  
DC  "H4'"  H  N N 61  
DC  "H3'"  H  N N 62  
DC  "HO3'" H  N N 63  
DC  "H2'"  H  N N 64  
DC  "H2''" H  N N 65  
DC  "H1'"  H  N N 66  
DC  H41    H  N N 67  
DC  H42    H  N N 68  
DC  H5     H  N N 69  
DC  H6     H  N N 70  
DG  OP3    O  N N 71  
DG  P      P  N N 72  
DG  OP1    O  N N 73  
DG  OP2    O  N N 74  
DG  "O5'"  O  N N 75  
DG  "C5'"  C  N N 76  
DG  "C4'"  C  N R 77  
DG  "O4'"  O  N N 78  
DG  "C3'"  C  N S 79  
DG  "O3'"  O  N N 80  
DG  "C2'"  C  N N 81  
DG  "C1'"  C  N R 82  
DG  N9     N  Y N 83  
DG  C8     C  Y N 84  
DG  N7     N  Y N 85  
DG  C5     C  Y N 86  
DG  C6     C  N N 87  
DG  O6     O  N N 88  
DG  N1     N  N N 89  
DG  C2     C  N N 90  
DG  N2     N  N N 91  
DG  N3     N  N N 92  
DG  C4     C  Y N 93  
DG  HOP3   H  N N 94  
DG  HOP2   H  N N 95  
DG  "H5'"  H  N N 96  
DG  "H5''" H  N N 97  
DG  "H4'"  H  N N 98  
DG  "H3'"  H  N N 99  
DG  "HO3'" H  N N 100 
DG  "H2'"  H  N N 101 
DG  "H2''" H  N N 102 
DG  "H1'"  H  N N 103 
DG  H8     H  N N 104 
DG  H1     H  N N 105 
DG  H21    H  N N 106 
DG  H22    H  N N 107 
DT  OP3    O  N N 108 
DT  P      P  N N 109 
DT  OP1    O  N N 110 
DT  OP2    O  N N 111 
DT  "O5'"  O  N N 112 
DT  "C5'"  C  N N 113 
DT  "C4'"  C  N R 114 
DT  "O4'"  O  N N 115 
DT  "C3'"  C  N S 116 
DT  "O3'"  O  N N 117 
DT  "C2'"  C  N N 118 
DT  "C1'"  C  N R 119 
DT  N1     N  N N 120 
DT  C2     C  N N 121 
DT  O2     O  N N 122 
DT  N3     N  N N 123 
DT  C4     C  N N 124 
DT  O4     O  N N 125 
DT  C5     C  N N 126 
DT  C7     C  N N 127 
DT  C6     C  N N 128 
DT  HOP3   H  N N 129 
DT  HOP2   H  N N 130 
DT  "H5'"  H  N N 131 
DT  "H5''" H  N N 132 
DT  "H4'"  H  N N 133 
DT  "H3'"  H  N N 134 
DT  "HO3'" H  N N 135 
DT  "H2'"  H  N N 136 
DT  "H2''" H  N N 137 
DT  "H1'"  H  N N 138 
DT  H3     H  N N 139 
DT  H71    H  N N 140 
DT  H72    H  N N 141 
DT  H73    H  N N 142 
DT  H6     H  N N 143 
HOH O      O  N N 144 
HOH H1     H  N N 145 
HOH H2     H  N N 146 
MG  MG     MG N N 147 
# 
loop_
_chem_comp_bond.comp_id 
_chem_comp_bond.atom_id_1 
_chem_comp_bond.atom_id_2 
_chem_comp_bond.value_order 
_chem_comp_bond.pdbx_aromatic_flag 
_chem_comp_bond.pdbx_stereo_config 
_chem_comp_bond.pdbx_ordinal 
DA  OP3   P      sing N N 1   
DA  OP3   HOP3   sing N N 2   
DA  P     OP1    doub N N 3   
DA  P     OP2    sing N N 4   
DA  P     "O5'"  sing N N 5   
DA  OP2   HOP2   sing N N 6   
DA  "O5'" "C5'"  sing N N 7   
DA  "C5'" "C4'"  sing N N 8   
DA  "C5'" "H5'"  sing N N 9   
DA  "C5'" "H5''" sing N N 10  
DA  "C4'" "O4'"  sing N N 11  
DA  "C4'" "C3'"  sing N N 12  
DA  "C4'" "H4'"  sing N N 13  
DA  "O4'" "C1'"  sing N N 14  
DA  "C3'" "O3'"  sing N N 15  
DA  "C3'" "C2'"  sing N N 16  
DA  "C3'" "H3'"  sing N N 17  
DA  "O3'" "HO3'" sing N N 18  
DA  "C2'" "C1'"  sing N N 19  
DA  "C2'" "H2'"  sing N N 20  
DA  "C2'" "H2''" sing N N 21  
DA  "C1'" N9     sing N N 22  
DA  "C1'" "H1'"  sing N N 23  
DA  N9    C8     sing Y N 24  
DA  N9    C4     sing Y N 25  
DA  C8    N7     doub Y N 26  
DA  C8    H8     sing N N 27  
DA  N7    C5     sing Y N 28  
DA  C5    C6     sing Y N 29  
DA  C5    C4     doub Y N 30  
DA  C6    N6     sing N N 31  
DA  C6    N1     doub Y N 32  
DA  N6    H61    sing N N 33  
DA  N6    H62    sing N N 34  
DA  N1    C2     sing Y N 35  
DA  C2    N3     doub Y N 36  
DA  C2    H2     sing N N 37  
DA  N3    C4     sing Y N 38  
DC  OP3   P      sing N N 39  
DC  OP3   HOP3   sing N N 40  
DC  P     OP1    doub N N 41  
DC  P     OP2    sing N N 42  
DC  P     "O5'"  sing N N 43  
DC  OP2   HOP2   sing N N 44  
DC  "O5'" "C5'"  sing N N 45  
DC  "C5'" "C4'"  sing N N 46  
DC  "C5'" "H5'"  sing N N 47  
DC  "C5'" "H5''" sing N N 48  
DC  "C4'" "O4'"  sing N N 49  
DC  "C4'" "C3'"  sing N N 50  
DC  "C4'" "H4'"  sing N N 51  
DC  "O4'" "C1'"  sing N N 52  
DC  "C3'" "O3'"  sing N N 53  
DC  "C3'" "C2'"  sing N N 54  
DC  "C3'" "H3'"  sing N N 55  
DC  "O3'" "HO3'" sing N N 56  
DC  "C2'" "C1'"  sing N N 57  
DC  "C2'" "H2'"  sing N N 58  
DC  "C2'" "H2''" sing N N 59  
DC  "C1'" N1     sing N N 60  
DC  "C1'" "H1'"  sing N N 61  
DC  N1    C2     sing N N 62  
DC  N1    C6     sing N N 63  
DC  C2    O2     doub N N 64  
DC  C2    N3     sing N N 65  
DC  N3    C4     doub N N 66  
DC  C4    N4     sing N N 67  
DC  C4    C5     sing N N 68  
DC  N4    H41    sing N N 69  
DC  N4    H42    sing N N 70  
DC  C5    C6     doub N N 71  
DC  C5    H5     sing N N 72  
DC  C6    H6     sing N N 73  
DG  OP3   P      sing N N 74  
DG  OP3   HOP3   sing N N 75  
DG  P     OP1    doub N N 76  
DG  P     OP2    sing N N 77  
DG  P     "O5'"  sing N N 78  
DG  OP2   HOP2   sing N N 79  
DG  "O5'" "C5'"  sing N N 80  
DG  "C5'" "C4'"  sing N N 81  
DG  "C5'" "H5'"  sing N N 82  
DG  "C5'" "H5''" sing N N 83  
DG  "C4'" "O4'"  sing N N 84  
DG  "C4'" "C3'"  sing N N 85  
DG  "C4'" "H4'"  sing N N 86  
DG  "O4'" "C1'"  sing N N 87  
DG  "C3'" "O3'"  sing N N 88  
DG  "C3'" "C2'"  sing N N 89  
DG  "C3'" "H3'"  sing N N 90  
DG  "O3'" "HO3'" sing N N 91  
DG  "C2'" "C1'"  sing N N 92  
DG  "C2'" "H2'"  sing N N 93  
DG  "C2'" "H2''" sing N N 94  
DG  "C1'" N9     sing N N 95  
DG  "C1'" "H1'"  sing N N 96  
DG  N9    C8     sing Y N 97  
DG  N9    C4     sing Y N 98  
DG  C8    N7     doub Y N 99  
DG  C8    H8     sing N N 100 
DG  N7    C5     sing Y N 101 
DG  C5    C6     sing N N 102 
DG  C5    C4     doub Y N 103 
DG  C6    O6     doub N N 104 
DG  C6    N1     sing N N 105 
DG  N1    C2     sing N N 106 
DG  N1    H1     sing N N 107 
DG  C2    N2     sing N N 108 
DG  C2    N3     doub N N 109 
DG  N2    H21    sing N N 110 
DG  N2    H22    sing N N 111 
DG  N3    C4     sing N N 112 
DT  OP3   P      sing N N 113 
DT  OP3   HOP3   sing N N 114 
DT  P     OP1    doub N N 115 
DT  P     OP2    sing N N 116 
DT  P     "O5'"  sing N N 117 
DT  OP2   HOP2   sing N N 118 
DT  "O5'" "C5'"  sing N N 119 
DT  "C5'" "C4'"  sing N N 120 
DT  "C5'" "H5'"  sing N N 121 
DT  "C5'" "H5''" sing N N 122 
DT  "C4'" "O4'"  sing N N 123 
DT  "C4'" "C3'"  sing N N 124 
DT  "C4'" "H4'"  sing N N 125 
DT  "O4'" "C1'"  sing N N 126 
DT  "C3'" "O3'"  sing N N 127 
DT  "C3'" "C2'"  sing N N 128 
DT  "C3'" "H3'"  sing N N 129 
DT  "O3'" "HO3'" sing N N 130 
DT  "C2'" "C1'"  sing N N 131 
DT  "C2'" "H2'"  sing N N 132 
DT  "C2'" "H2''" sing N N 133 
DT  "C1'" N1     sing N N 134 
DT  "C1'" "H1'"  sing N N 135 
DT  N1    C2     sing N N 136 
DT  N1    C6     sing N N 137 
DT  C2    O2     doub N N 138 
DT  C2    N3     sing N N 139 
DT  N3    C4     sing N N 140 
DT  N3    H3     sing N N 141 
DT  C4    O4     doub N N 142 
DT  C4    C5     sing N N 143 
DT  C5    C7     sing N N 144 
DT  C5    C6     doub N N 145 
DT  C7    H71    sing N N 146 
DT  C7    H72    sing N N 147 
DT  C7    H73    sing N N 148 
DT  C6    H6     sing N N 149 
HOH O     H1     sing N N 150 
HOH O     H2     sing N N 151 
# 
loop_
_ndb_struct_conf_na.entry_id 
_ndb_struct_conf_na.feature 
8F2Y 'double helix'        
8F2Y 'b-form double helix' 
# 
loop_
_ndb_struct_na_base_pair.model_number 
_ndb_struct_na_base_pair.i_label_asym_id 
_ndb_struct_na_base_pair.i_label_comp_id 
_ndb_struct_na_base_pair.i_label_seq_id 
_ndb_struct_na_base_pair.i_symmetry 
_ndb_struct_na_base_pair.j_label_asym_id 
_ndb_struct_na_base_pair.j_label_comp_id 
_ndb_struct_na_base_pair.j_label_seq_id 
_ndb_struct_na_base_pair.j_symmetry 
_ndb_struct_na_base_pair.shear 
_ndb_struct_na_base_pair.stretch 
_ndb_struct_na_base_pair.stagger 
_ndb_struct_na_base_pair.buckle 
_ndb_struct_na_base_pair.propeller 
_ndb_struct_na_base_pair.opening 
_ndb_struct_na_base_pair.pair_number 
_ndb_struct_na_base_pair.pair_name 
_ndb_struct_na_base_pair.i_auth_asym_id 
_ndb_struct_na_base_pair.i_auth_seq_id 
_ndb_struct_na_base_pair.i_PDB_ins_code 
_ndb_struct_na_base_pair.j_auth_asym_id 
_ndb_struct_na_base_pair.j_auth_seq_id 
_ndb_struct_na_base_pair.j_PDB_ins_code 
_ndb_struct_na_base_pair.hbond_type_28 
_ndb_struct_na_base_pair.hbond_type_12 
1 A DC 1  1_555 B DG 12 1_555 0.276  -0.090 0.382  2.465   -16.226 0.126  1  B_DC1:DG24_C  B 1  ? C 24 ? 19 1 
1 A DG 2  1_555 B DC 11 1_555 -0.137 -0.108 0.338  5.109   -15.381 -0.067 2  B_DG2:DC23_C  B 2  ? C 23 ? 19 1 
1 A DC 3  1_555 B DG 10 1_555 0.057  -0.193 0.241  -6.981  -7.228  -0.626 3  B_DC3:DG22_C  B 3  ? C 22 ? 19 1 
1 A DG 4  1_555 B DC 9  1_555 -0.409 -0.038 -0.066 10.530  -10.971 2.730  4  B_DG4:DC21_C  B 4  ? C 21 ? 19 1 
1 A DA 5  1_555 B DT 8  1_555 0.114  -0.124 0.239  9.709   -14.441 -0.265 5  B_DA5:DT20_C  B 5  ? C 20 ? 20 1 
1 A DT 6  1_555 B DA 7  1_555 -0.051 -0.134 -0.066 7.888   -13.430 5.306  6  B_DT6:DA19_C  B 6  ? C 19 ? 20 1 
1 A DA 7  1_555 B DT 6  1_555 0.044  -0.088 0.054  -5.173  -12.288 1.031  7  B_DA7:DT18_C  B 7  ? C 18 ? 20 1 
1 A DT 8  1_555 B DA 5  1_555 -0.059 -0.159 0.195  -2.852  -12.046 4.272  8  B_DT8:DA17_C  B 8  ? C 17 ? 20 1 
1 A DC 9  1_555 B DG 4  1_555 0.185  -0.111 0.116  -10.562 -11.093 -0.791 9  B_DC9:DG16_C  B 9  ? C 16 ? 19 1 
1 A DG 10 1_555 B DC 3  1_555 0.004  -0.154 0.377  10.809  -9.060  1.137  10 B_DG10:DC15_C B 10 ? C 15 ? 19 1 
1 A DC 11 1_555 B DG 2  1_555 0.028  -0.210 0.652  -6.178  -14.614 -3.957 11 B_DC11:DG14_C B 11 ? C 14 ? 19 1 
1 A DG 12 1_555 B DC 1  1_555 -0.270 -0.069 0.314  6.564   -4.330  0.042  12 B_DG12:DC13_C B 12 ? C 13 ? 19 1 
# 
loop_
_ndb_struct_na_base_pair_step.model_number 
_ndb_struct_na_base_pair_step.i_label_asym_id_1 
_ndb_struct_na_base_pair_step.i_label_comp_id_1 
_ndb_struct_na_base_pair_step.i_label_seq_id_1 
_ndb_struct_na_base_pair_step.i_symmetry_1 
_ndb_struct_na_base_pair_step.j_label_asym_id_1 
_ndb_struct_na_base_pair_step.j_label_comp_id_1 
_ndb_struct_na_base_pair_step.j_label_seq_id_1 
_ndb_struct_na_base_pair_step.j_symmetry_1 
_ndb_struct_na_base_pair_step.i_label_asym_id_2 
_ndb_struct_na_base_pair_step.i_label_comp_id_2 
_ndb_struct_na_base_pair_step.i_label_seq_id_2 
_ndb_struct_na_base_pair_step.i_symmetry_2 
_ndb_struct_na_base_pair_step.j_label_asym_id_2 
_ndb_struct_na_base_pair_step.j_label_comp_id_2 
_ndb_struct_na_base_pair_step.j_label_seq_id_2 
_ndb_struct_na_base_pair_step.j_symmetry_2 
_ndb_struct_na_base_pair_step.shift 
_ndb_struct_na_base_pair_step.slide 
_ndb_struct_na_base_pair_step.rise 
_ndb_struct_na_base_pair_step.tilt 
_ndb_struct_na_base_pair_step.roll 
_ndb_struct_na_base_pair_step.twist 
_ndb_struct_na_base_pair_step.x_displacement 
_ndb_struct_na_base_pair_step.y_displacement 
_ndb_struct_na_base_pair_step.helical_rise 
_ndb_struct_na_base_pair_step.inclination 
_ndb_struct_na_base_pair_step.tip 
_ndb_struct_na_base_pair_step.helical_twist 
_ndb_struct_na_base_pair_step.step_number 
_ndb_struct_na_base_pair_step.step_name 
_ndb_struct_na_base_pair_step.i_auth_asym_id_1 
_ndb_struct_na_base_pair_step.i_auth_seq_id_1 
_ndb_struct_na_base_pair_step.i_PDB_ins_code_1 
_ndb_struct_na_base_pair_step.j_auth_asym_id_1 
_ndb_struct_na_base_pair_step.j_auth_seq_id_1 
_ndb_struct_na_base_pair_step.j_PDB_ins_code_1 
_ndb_struct_na_base_pair_step.i_auth_asym_id_2 
_ndb_struct_na_base_pair_step.i_auth_seq_id_2 
_ndb_struct_na_base_pair_step.i_PDB_ins_code_2 
_ndb_struct_na_base_pair_step.j_auth_asym_id_2 
_ndb_struct_na_base_pair_step.j_auth_seq_id_2 
_ndb_struct_na_base_pair_step.j_PDB_ins_code_2 
1 A DC 1  1_555 B DG 12 1_555 A DG 2  1_555 B DC 11 1_555 -0.059 0.037  3.240 -0.642 7.378   34.211 -1.042 0.002  3.179 12.363  
1.075  34.980 1  BB_DC1DG2:DC23DG24_CC   B 1  ? C 24 ? B 2  ? C 23 ? 
1 A DG 2  1_555 B DC 11 1_555 A DC 3  1_555 B DG 10 1_555 0.484  0.513  3.591 0.692  -9.408  42.526 1.677  -0.580 3.415 -12.783 
-0.940 43.512 2  BB_DG2DC3:DG22DC23_CC   B 2  ? C 23 ? B 3  ? C 22 ? 
1 A DC 3  1_555 B DG 10 1_555 A DG 4  1_555 B DC 9  1_555 -0.284 0.662  3.025 3.490  11.210  26.643 -1.049 1.303  2.994 22.961  
-7.148 29.072 3  BB_DC3DG4:DC21DG22_CC   B 3  ? C 22 ? B 4  ? C 21 ? 
1 A DG 4  1_555 B DC 9  1_555 A DA 5  1_555 B DT 8  1_555 -0.146 -0.203 3.221 -2.639 2.250   36.391 -0.630 -0.126 3.206 3.593   
4.213  36.551 4  BB_DG4DA5:DT20DC21_CC   B 4  ? C 21 ? B 5  ? C 20 ? 
1 A DA 5  1_555 B DT 8  1_555 A DT 6  1_555 B DA 7  1_555 0.509  -0.802 3.295 2.701  -0.193  32.818 -1.382 -0.432 3.329 -0.341  
-4.770 32.926 5  BB_DA5DT6:DA19DT20_CC   B 5  ? C 20 ? B 6  ? C 19 ? 
1 A DT 6  1_555 B DA 7  1_555 A DA 7  1_555 B DT 6  1_555 0.010  -0.597 3.546 -0.476 1.099   36.777 -1.107 -0.085 3.527 1.742   
0.754  36.796 6  BB_DT6DA7:DT18DA19_CC   B 6  ? C 19 ? B 7  ? C 18 ? 
1 A DA 7  1_555 B DT 6  1_555 A DT 8  1_555 B DA 5  1_555 0.072  -0.773 3.231 -0.165 -4.697  32.251 -0.557 -0.157 3.308 -8.400  
0.295  32.583 7  BB_DA7DT8:DA17DT18_CC   B 7  ? C 18 ? B 8  ? C 17 ? 
1 A DT 8  1_555 B DA 5  1_555 A DC 9  1_555 B DG 4  1_555 -0.300 -0.302 3.413 2.064  -3.134  41.629 -0.081 0.646  3.408 -4.399  
-2.897 41.790 8  BB_DT8DC9:DG16DA17_CC   B 8  ? C 17 ? B 9  ? C 16 ? 
1 A DC 9  1_555 B DG 4  1_555 A DG 10 1_555 B DC 3  1_555 0.564  0.716  2.854 -3.450 4.575   27.258 0.524  -1.900 2.842 9.573   
7.220  27.842 9  BB_DC9DG10:DC15DG16_CC  B 9  ? C 16 ? B 10 ? C 15 ? 
1 A DG 10 1_555 B DC 3  1_555 A DC 11 1_555 B DG 2  1_555 -1.161 0.364  3.748 -6.308 -10.913 40.918 1.769  0.859  3.670 -15.182 
8.775  42.736 10 BB_DG10DC11:DG14DC15_CC B 10 ? C 15 ? B 11 ? C 14 ? 
1 A DC 11 1_555 B DG 2  1_555 A DG 12 1_555 B DC 1  1_555 0.044  0.195  2.963 2.137  3.188   33.850 -0.129 0.234  2.965 5.454   
-3.655 34.061 11 BB_DC11DG12:DC13DG14_CC B 11 ? C 14 ? B 12 ? C 13 ? 
# 
_pdbx_audit_support.funding_organization   
'National Institutes of Health/National Institute of General Medical Sciences (NIH/NIGMS)' 
_pdbx_audit_support.country                'United States' 
_pdbx_audit_support.grant_number           GM111749 
_pdbx_audit_support.ordinal                1 
# 
_pdbx_entity_instance_feature.ordinal        1 
_pdbx_entity_instance_feature.comp_id        MG 
_pdbx_entity_instance_feature.asym_id        ? 
_pdbx_entity_instance_feature.seq_num        ? 
_pdbx_entity_instance_feature.auth_comp_id   MG 
_pdbx_entity_instance_feature.auth_asym_id   ? 
_pdbx_entity_instance_feature.auth_seq_num   ? 
_pdbx_entity_instance_feature.feature_type   'SUBJECT OF INVESTIGATION' 
_pdbx_entity_instance_feature.details        ? 
# 
loop_
_pdbx_entity_nonpoly.entity_id 
_pdbx_entity_nonpoly.name 
_pdbx_entity_nonpoly.comp_id 
2 'MAGNESIUM ION' MG  
3 water           HOH 
# 
_pdbx_initial_refinement_model.id               1 
_pdbx_initial_refinement_model.entity_id_list   ? 
_pdbx_initial_refinement_model.type             'experimental model' 
_pdbx_initial_refinement_model.source_name      PDB 
_pdbx_initial_refinement_model.accession_code   1BNA 
_pdbx_initial_refinement_model.details          ? 
# 
_pdbx_struct_assembly_auth_evidence.id                     1 
_pdbx_struct_assembly_auth_evidence.assembly_id            1 
_pdbx_struct_assembly_auth_evidence.experimental_support   'surface plasmon resonance' 
_pdbx_struct_assembly_auth_evidence.details                ? 
# 
_space_group.name_H-M_alt     'P 21 21 21' 
_space_group.name_Hall        'P 2ac 2ab' 
_space_group.IT_number        19 
_space_group.crystal_system   orthorhombic 
_space_group.id               1 
# 
